data_2LU7
#
_entry.id   2LU7
#
_entity_poly.entity_id   1
_entity_poly.type   'polypeptide(L)'
_entity_poly.pdbx_seq_one_letter_code
;SHMTRVRSTPGGDLELVVHLSGPGGPVRWYKDGERLASQGRVQLEQAGARQVLRVQGARSGDAGEYLCDAPQDSRIFLVS
VEEP
;
_entity_poly.pdbx_strand_id   A
#
# COMPACT_ATOMS: atom_id res chain seq x y z
N MET A 3 11.62 -6.46 -2.24
CA MET A 3 10.39 -5.63 -2.14
C MET A 3 9.27 -6.41 -1.41
N THR A 4 8.53 -5.70 -0.54
CA THR A 4 7.44 -6.27 0.29
C THR A 4 6.19 -6.55 -0.60
N ARG A 5 6.07 -7.81 -1.07
CA ARG A 5 5.13 -8.21 -2.15
C ARG A 5 3.70 -8.49 -1.59
N VAL A 6 2.67 -7.99 -2.31
CA VAL A 6 1.23 -8.30 -2.02
C VAL A 6 0.50 -8.72 -3.33
N ARG A 7 -0.44 -9.68 -3.20
CA ARG A 7 -1.19 -10.27 -4.33
C ARG A 7 -2.72 -10.06 -4.12
N SER A 8 -3.44 -9.72 -5.20
CA SER A 8 -4.93 -9.52 -5.17
C SER A 8 -5.58 -10.15 -6.42
N THR A 9 -6.92 -10.10 -6.51
CA THR A 9 -7.70 -10.64 -7.64
C THR A 9 -8.63 -9.56 -8.28
N PRO A 10 -8.88 -9.63 -9.64
CA PRO A 10 -9.62 -8.58 -10.39
C PRO A 10 -11.13 -8.50 -10.04
N GLY A 11 -11.44 -7.71 -9.00
CA GLY A 11 -12.81 -7.51 -8.52
C GLY A 11 -12.88 -7.38 -7.00
N GLY A 12 -11.91 -7.99 -6.29
CA GLY A 12 -11.86 -7.96 -4.81
C GLY A 12 -11.29 -6.65 -4.24
N ASP A 13 -10.83 -6.71 -2.98
CA ASP A 13 -10.21 -5.56 -2.29
C ASP A 13 -8.67 -5.71 -2.27
N LEU A 14 -7.98 -4.57 -2.08
CA LEU A 14 -6.51 -4.52 -2.00
C LEU A 14 -6.07 -3.95 -0.63
N GLU A 15 -5.54 -4.81 0.24
CA GLU A 15 -5.04 -4.40 1.58
C GLU A 15 -3.53 -4.68 1.70
N LEU A 16 -2.73 -3.60 1.83
CA LEU A 16 -1.27 -3.69 2.02
C LEU A 16 -0.93 -3.41 3.49
N VAL A 17 -0.62 -4.47 4.26
CA VAL A 17 -0.17 -4.33 5.66
C VAL A 17 1.34 -4.59 5.74
N VAL A 18 2.09 -3.61 6.26
CA VAL A 18 3.57 -3.70 6.39
C VAL A 18 3.98 -4.06 7.83
N HIS A 19 5.09 -4.79 7.95
CA HIS A 19 5.80 -4.98 9.24
C HIS A 19 7.29 -4.64 9.06
N LEU A 20 7.53 -3.43 8.49
CA LEU A 20 8.87 -2.84 8.35
C LEU A 20 9.46 -2.33 9.71
N SER A 21 10.76 -1.97 9.68
CA SER A 21 11.54 -1.55 10.87
C SER A 21 11.48 -0.02 11.13
N GLY A 22 10.42 0.65 10.62
CA GLY A 22 10.28 2.11 10.74
C GLY A 22 9.29 2.56 11.83
N PRO A 23 9.42 3.83 12.36
CA PRO A 23 8.49 4.41 13.38
C PRO A 23 7.18 4.99 12.76
N GLY A 24 6.41 5.74 13.59
CA GLY A 24 5.14 6.39 13.17
C GLY A 24 5.28 7.30 11.95
N GLY A 25 6.27 8.22 12.01
CA GLY A 25 6.69 9.00 10.84
C GLY A 25 6.24 10.49 10.84
N PRO A 26 5.11 10.88 10.14
CA PRO A 26 4.16 9.96 9.43
C PRO A 26 4.73 9.28 8.15
N VAL A 27 4.64 7.93 8.12
CA VAL A 27 5.03 7.13 6.94
C VAL A 27 4.07 7.41 5.75
N ARG A 28 4.63 7.67 4.55
CA ARG A 28 3.83 8.00 3.36
C ARG A 28 3.59 6.75 2.50
N TRP A 29 2.45 6.76 1.80
CA TRP A 29 2.12 5.76 0.77
C TRP A 29 2.16 6.41 -0.61
N TYR A 30 2.95 5.85 -1.54
CA TYR A 30 2.98 6.29 -2.95
C TYR A 30 2.38 5.20 -3.87
N LYS A 31 2.00 5.60 -5.08
CA LYS A 31 1.57 4.67 -6.16
C LYS A 31 1.99 5.24 -7.52
N ASP A 32 2.78 4.44 -8.28
CA ASP A 32 3.30 4.81 -9.62
C ASP A 32 4.08 6.17 -9.62
N GLY A 33 4.64 6.53 -8.45
CA GLY A 33 5.42 7.76 -8.28
C GLY A 33 4.75 8.80 -7.38
N GLU A 34 3.39 8.84 -7.36
CA GLU A 34 2.64 9.91 -6.64
C GLU A 34 1.89 9.36 -5.42
N ARG A 35 2.05 10.04 -4.28
CA ARG A 35 1.47 9.63 -2.98
C ARG A 35 -0.10 9.60 -2.98
N LEU A 36 -0.66 8.73 -2.12
CA LEU A 36 -2.13 8.57 -1.94
C LEU A 36 -2.60 9.33 -0.67
N ALA A 37 -3.79 9.94 -0.75
CA ALA A 37 -4.45 10.62 0.39
C ALA A 37 -5.63 9.75 0.91
N SER A 38 -6.03 9.96 2.18
CA SER A 38 -7.19 9.27 2.80
C SER A 38 -8.51 9.59 2.05
N GLN A 39 -8.89 8.67 1.15
CA GLN A 39 -10.05 8.81 0.25
C GLN A 39 -11.15 7.80 0.71
N GLY A 40 -12.41 7.98 0.27
CA GLY A 40 -13.50 7.02 0.55
C GLY A 40 -13.19 5.57 0.15
N ARG A 41 -12.45 5.40 -0.96
CA ARG A 41 -11.99 4.06 -1.44
C ARG A 41 -10.61 3.71 -0.83
N VAL A 42 -9.77 4.74 -0.60
CA VAL A 42 -8.41 4.59 -0.02
C VAL A 42 -8.45 4.72 1.53
N GLN A 43 -8.72 3.59 2.20
CA GLN A 43 -8.76 3.50 3.68
C GLN A 43 -7.34 3.32 4.27
N LEU A 44 -6.76 4.41 4.78
CA LEU A 44 -5.42 4.40 5.41
C LEU A 44 -5.47 4.11 6.93
N GLU A 45 -4.37 3.53 7.44
CA GLU A 45 -4.17 3.26 8.88
C GLU A 45 -2.67 3.41 9.18
N GLN A 46 -2.33 4.16 10.24
CA GLN A 46 -0.94 4.49 10.60
C GLN A 46 -0.61 4.06 12.05
N ALA A 47 0.11 2.94 12.20
CA ALA A 47 0.57 2.42 13.51
C ALA A 47 2.12 2.30 13.58
N GLY A 48 2.82 2.88 12.59
CA GLY A 48 4.28 2.89 12.53
C GLY A 48 4.88 1.62 11.94
N ALA A 49 5.09 0.61 12.81
CA ALA A 49 5.55 -0.75 12.40
C ALA A 49 4.44 -1.55 11.67
N ARG A 50 3.22 -0.97 11.62
CA ARG A 50 2.09 -1.50 10.82
C ARG A 50 1.43 -0.34 10.04
N GLN A 51 1.73 -0.23 8.73
CA GLN A 51 1.06 0.72 7.84
C GLN A 51 0.10 -0.03 6.91
N VAL A 52 -1.17 0.40 6.87
CA VAL A 52 -2.20 -0.24 6.02
C VAL A 52 -2.72 0.72 4.93
N LEU A 53 -2.59 0.31 3.67
CA LEU A 53 -3.21 0.96 2.50
C LEU A 53 -4.29 0.03 1.94
N ARG A 54 -5.57 0.46 2.02
CA ARG A 54 -6.72 -0.32 1.49
C ARG A 54 -7.39 0.41 0.32
N VAL A 55 -7.21 -0.12 -0.90
CA VAL A 55 -7.94 0.35 -2.10
C VAL A 55 -9.18 -0.57 -2.34
N GLN A 56 -10.38 0.04 -2.33
CA GLN A 56 -11.64 -0.67 -2.60
C GLN A 56 -11.82 -0.88 -4.12
N GLY A 57 -11.83 -2.15 -4.56
CA GLY A 57 -12.01 -2.51 -5.96
C GLY A 57 -10.69 -2.60 -6.75
N ALA A 58 -9.91 -3.65 -6.48
CA ALA A 58 -8.65 -3.94 -7.19
C ALA A 58 -8.91 -4.63 -8.55
N ARG A 59 -8.82 -3.87 -9.67
CA ARG A 59 -8.97 -4.41 -11.06
C ARG A 59 -7.68 -4.22 -11.89
N SER A 60 -7.40 -2.96 -12.32
CA SER A 60 -6.29 -2.66 -13.27
C SER A 60 -5.34 -1.58 -12.74
N GLY A 61 -5.85 -0.33 -12.63
CA GLY A 61 -5.05 0.82 -12.15
C GLY A 61 -4.62 0.72 -10.69
N ASP A 62 -5.23 -0.23 -9.96
CA ASP A 62 -4.94 -0.51 -8.54
C ASP A 62 -3.70 -1.43 -8.40
N ALA A 63 -3.33 -2.09 -9.51
CA ALA A 63 -2.10 -2.89 -9.63
C ALA A 63 -0.93 -1.97 -10.02
N GLY A 64 0.20 -2.15 -9.32
CA GLY A 64 1.39 -1.34 -9.55
C GLY A 64 2.37 -1.38 -8.41
N GLU A 65 3.48 -0.64 -8.54
CA GLU A 65 4.47 -0.50 -7.45
C GLU A 65 4.07 0.65 -6.50
N TYR A 66 3.82 0.29 -5.24
CA TYR A 66 3.58 1.24 -4.13
C TYR A 66 4.89 1.51 -3.38
N LEU A 67 4.98 2.65 -2.69
CA LEU A 67 6.14 2.96 -1.82
C LEU A 67 5.69 3.35 -0.40
N CYS A 68 5.88 2.43 0.55
CA CYS A 68 5.67 2.71 1.99
C CYS A 68 6.94 3.38 2.56
N ASP A 69 6.98 4.73 2.44
CA ASP A 69 8.15 5.56 2.80
C ASP A 69 8.24 5.77 4.33
N ALA A 70 8.91 4.82 5.02
CA ALA A 70 9.25 4.95 6.45
C ALA A 70 10.53 5.82 6.61
N PRO A 71 10.60 6.73 7.65
CA PRO A 71 11.72 7.71 7.86
C PRO A 71 13.16 7.16 7.70
N GLN A 72 13.35 5.91 8.14
CA GLN A 72 14.67 5.23 8.17
C GLN A 72 14.65 3.89 7.40
N ASP A 73 13.49 3.51 6.82
CA ASP A 73 13.28 2.13 6.33
C ASP A 73 12.17 2.10 5.22
N SER A 74 12.33 2.99 4.23
CA SER A 74 11.40 3.12 3.07
C SER A 74 11.44 1.87 2.14
N ARG A 75 10.28 1.20 1.94
CA ARG A 75 10.18 -0.07 1.17
C ARG A 75 9.11 -0.02 0.05
N ILE A 76 9.43 -0.66 -1.09
CA ILE A 76 8.55 -0.75 -2.26
C ILE A 76 7.67 -2.02 -2.18
N PHE A 77 6.40 -1.89 -2.55
CA PHE A 77 5.44 -3.00 -2.64
C PHE A 77 5.24 -3.44 -4.12
N LEU A 78 5.65 -4.68 -4.43
CA LEU A 78 5.26 -5.34 -5.69
C LEU A 78 3.82 -5.84 -5.57
N VAL A 79 2.87 -5.01 -6.01
CA VAL A 79 1.42 -5.31 -5.94
C VAL A 79 0.87 -5.69 -7.33
N SER A 80 0.46 -6.95 -7.47
CA SER A 80 -0.11 -7.49 -8.71
C SER A 80 -1.55 -7.96 -8.49
N VAL A 81 -2.49 -7.33 -9.19
CA VAL A 81 -3.87 -7.82 -9.29
C VAL A 81 -3.91 -8.85 -10.45
N GLU A 82 -4.01 -10.13 -10.07
CA GLU A 82 -3.89 -11.29 -11.00
C GLU A 82 -4.85 -12.41 -10.56
N GLU A 83 -4.75 -13.58 -11.23
CA GLU A 83 -5.59 -14.77 -10.95
C GLU A 83 -7.11 -14.44 -11.12
N PRO A 84 -7.63 -14.46 -12.39
CA PRO A 84 -9.06 -14.09 -12.73
C PRO A 84 -10.15 -14.65 -11.74
N MET A 3 11.74 -6.63 -2.33
CA MET A 3 10.49 -5.85 -2.13
C MET A 3 9.49 -6.61 -1.22
N THR A 4 8.76 -5.85 -0.38
CA THR A 4 7.64 -6.39 0.44
C THR A 4 6.39 -6.52 -0.46
N ARG A 5 6.18 -7.72 -1.00
CA ARG A 5 5.21 -7.96 -2.10
C ARG A 5 3.81 -8.40 -1.58
N VAL A 6 2.75 -8.02 -2.34
CA VAL A 6 1.36 -8.50 -2.10
C VAL A 6 0.75 -8.99 -3.44
N ARG A 7 0.03 -10.10 -3.39
CA ARG A 7 -0.61 -10.73 -4.56
C ARG A 7 -2.14 -10.79 -4.33
N SER A 8 -2.92 -10.13 -5.20
CA SER A 8 -4.38 -9.94 -4.99
C SER A 8 -5.21 -10.29 -6.25
N THR A 9 -6.52 -10.48 -6.03
CA THR A 9 -7.50 -10.75 -7.10
C THR A 9 -8.29 -9.46 -7.48
N PRO A 10 -8.84 -9.38 -8.72
CA PRO A 10 -9.60 -8.21 -9.21
C PRO A 10 -11.09 -8.20 -8.74
N GLY A 11 -11.30 -8.47 -7.42
CA GLY A 11 -12.66 -8.66 -6.87
C GLY A 11 -12.74 -8.33 -5.38
N GLY A 12 -12.16 -7.19 -4.99
CA GLY A 12 -12.15 -6.70 -3.60
C GLY A 12 -11.20 -5.52 -3.40
N ASP A 13 -11.22 -4.91 -2.20
CA ASP A 13 -10.32 -3.77 -1.88
C ASP A 13 -8.87 -4.26 -1.63
N LEU A 14 -7.88 -3.55 -2.20
CA LEU A 14 -6.46 -3.89 -2.04
C LEU A 14 -5.92 -3.41 -0.68
N GLU A 15 -5.68 -4.35 0.24
CA GLU A 15 -5.24 -4.04 1.62
C GLU A 15 -3.78 -4.49 1.83
N LEU A 16 -2.85 -3.52 1.83
CA LEU A 16 -1.40 -3.78 2.02
C LEU A 16 -1.02 -3.59 3.51
N VAL A 17 -0.78 -4.71 4.20
CA VAL A 17 -0.37 -4.74 5.62
C VAL A 17 1.18 -4.78 5.72
N VAL A 18 1.77 -3.69 6.24
CA VAL A 18 3.23 -3.53 6.37
C VAL A 18 3.70 -3.84 7.81
N HIS A 19 4.93 -4.34 7.94
CA HIS A 19 5.57 -4.60 9.25
C HIS A 19 6.76 -3.63 9.49
N LEU A 20 6.85 -2.55 8.67
CA LEU A 20 7.87 -1.47 8.83
C LEU A 20 7.86 -0.87 10.26
N SER A 21 8.74 -1.39 11.14
CA SER A 21 8.95 -0.88 12.50
C SER A 21 9.59 0.52 12.47
N GLY A 22 8.75 1.54 12.24
CA GLY A 22 9.18 2.93 12.09
C GLY A 22 9.22 3.70 13.42
N PRO A 23 9.92 4.89 13.48
CA PRO A 23 10.02 5.71 14.73
C PRO A 23 8.73 6.53 15.06
N GLY A 24 7.56 6.09 14.55
CA GLY A 24 6.30 6.83 14.71
C GLY A 24 6.24 8.09 13.84
N GLY A 25 6.36 7.89 12.51
CA GLY A 25 6.41 9.00 11.54
C GLY A 25 5.09 9.78 11.37
N PRO A 26 4.00 9.18 10.77
CA PRO A 26 3.97 7.78 10.24
C PRO A 26 4.63 7.63 8.84
N VAL A 27 4.41 6.48 8.20
CA VAL A 27 4.94 6.16 6.87
C VAL A 27 3.96 6.67 5.76
N ARG A 28 4.51 7.11 4.61
CA ARG A 28 3.71 7.60 3.45
C ARG A 28 3.51 6.46 2.42
N TRP A 29 2.63 6.72 1.43
CA TRP A 29 2.34 5.77 0.33
C TRP A 29 2.39 6.51 -1.02
N TYR A 30 3.02 5.89 -2.05
CA TYR A 30 3.05 6.46 -3.44
C TYR A 30 2.73 5.35 -4.48
N LYS A 31 1.70 5.55 -5.31
CA LYS A 31 1.34 4.61 -6.41
C LYS A 31 1.48 5.33 -7.76
N ASP A 32 2.12 4.66 -8.73
CA ASP A 32 2.39 5.23 -10.08
C ASP A 32 3.28 6.50 -10.01
N GLY A 33 4.05 6.64 -8.90
CA GLY A 33 4.88 7.82 -8.66
C GLY A 33 4.13 8.98 -7.96
N GLU A 34 2.86 8.77 -7.56
CA GLU A 34 2.05 9.81 -6.89
C GLU A 34 1.38 9.30 -5.60
N ARG A 35 1.48 10.13 -4.54
CA ARG A 35 1.08 9.78 -3.17
C ARG A 35 -0.44 9.48 -2.98
N LEU A 36 -0.73 8.62 -1.99
CA LEU A 36 -2.11 8.20 -1.59
C LEU A 36 -2.66 9.09 -0.47
N ALA A 37 -3.99 9.03 -0.27
CA ALA A 37 -4.70 9.83 0.73
C ALA A 37 -5.74 8.97 1.48
N SER A 38 -5.86 9.16 2.80
CA SER A 38 -6.80 8.38 3.66
C SER A 38 -8.26 8.92 3.61
N GLN A 39 -8.67 9.48 2.45
CA GLN A 39 -10.00 10.11 2.26
C GLN A 39 -10.77 9.43 1.10
N GLY A 40 -12.00 8.96 1.40
CA GLY A 40 -12.93 8.41 0.40
C GLY A 40 -12.46 7.11 -0.26
N ARG A 41 -11.90 7.24 -1.49
CA ARG A 41 -11.41 6.12 -2.33
C ARG A 41 -10.43 5.18 -1.58
N VAL A 42 -9.48 5.80 -0.89
CA VAL A 42 -8.39 5.10 -0.18
C VAL A 42 -8.47 5.34 1.34
N GLN A 43 -8.16 4.31 2.14
CA GLN A 43 -8.19 4.35 3.63
C GLN A 43 -6.83 3.90 4.20
N LEU A 44 -6.27 4.69 5.14
CA LEU A 44 -4.95 4.38 5.77
C LEU A 44 -5.06 4.19 7.30
N GLU A 45 -4.25 3.27 7.86
CA GLU A 45 -4.02 3.17 9.33
C GLU A 45 -2.60 3.68 9.67
N GLN A 46 -2.51 4.57 10.67
CA GLN A 46 -1.24 5.17 11.13
C GLN A 46 -0.83 4.56 12.49
N ALA A 47 0.16 3.65 12.46
CA ALA A 47 0.66 2.96 13.67
C ALA A 47 2.21 3.08 13.78
N GLY A 48 2.77 2.52 14.86
CA GLY A 48 4.23 2.50 15.07
C GLY A 48 4.96 1.52 14.14
N ALA A 49 4.25 0.49 13.68
CA ALA A 49 4.81 -0.57 12.81
C ALA A 49 3.84 -0.93 11.64
N ARG A 50 2.59 -1.30 11.99
CA ARG A 50 1.61 -1.79 10.99
C ARG A 50 0.91 -0.64 10.24
N GLN A 51 1.42 -0.33 9.03
CA GLN A 51 0.78 0.65 8.12
C GLN A 51 -0.18 -0.11 7.18
N VAL A 52 -1.41 0.40 7.01
CA VAL A 52 -2.43 -0.28 6.16
C VAL A 52 -2.91 0.63 5.01
N LEU A 53 -2.63 0.22 3.76
CA LEU A 53 -3.15 0.87 2.52
C LEU A 53 -4.41 0.12 2.08
N ARG A 54 -5.53 0.83 1.81
CA ARG A 54 -6.76 0.20 1.26
C ARG A 54 -7.31 0.99 0.06
N VAL A 55 -7.12 0.46 -1.17
CA VAL A 55 -7.75 1.03 -2.38
C VAL A 55 -9.04 0.23 -2.69
N GLN A 56 -10.20 0.85 -2.41
CA GLN A 56 -11.52 0.18 -2.47
C GLN A 56 -11.98 -0.09 -3.93
N GLY A 57 -12.00 -1.38 -4.33
CA GLY A 57 -12.40 -1.80 -5.69
C GLY A 57 -11.21 -2.11 -6.61
N ALA A 58 -10.26 -2.92 -6.10
CA ALA A 58 -8.99 -3.24 -6.82
C ALA A 58 -9.25 -4.21 -7.99
N ARG A 59 -9.00 -3.72 -9.22
CA ARG A 59 -9.25 -4.48 -10.46
C ARG A 59 -8.40 -3.95 -11.64
N SER A 60 -8.68 -2.71 -12.06
CA SER A 60 -8.22 -2.17 -13.36
C SER A 60 -6.73 -1.71 -13.36
N GLY A 61 -6.44 -0.58 -12.66
CA GLY A 61 -5.07 0.00 -12.62
C GLY A 61 -4.45 -0.03 -11.23
N ASP A 62 -4.84 -1.02 -10.43
CA ASP A 62 -4.46 -1.14 -9.00
C ASP A 62 -3.21 -2.02 -8.79
N ALA A 63 -2.73 -2.65 -9.87
CA ALA A 63 -1.46 -3.39 -9.87
C ALA A 63 -0.29 -2.41 -10.11
N GLY A 64 0.73 -2.46 -9.25
CA GLY A 64 1.85 -1.54 -9.36
C GLY A 64 2.72 -1.46 -8.11
N GLU A 65 3.68 -0.53 -8.14
CA GLU A 65 4.65 -0.35 -7.05
C GLU A 65 4.13 0.69 -6.05
N TYR A 66 3.77 0.23 -4.83
CA TYR A 66 3.36 1.12 -3.73
C TYR A 66 4.57 1.41 -2.81
N LEU A 67 5.00 2.67 -2.79
CA LEU A 67 6.20 3.10 -2.08
C LEU A 67 5.84 3.58 -0.66
N CYS A 68 6.10 2.70 0.32
CA CYS A 68 6.03 3.04 1.74
C CYS A 68 7.21 3.96 2.11
N ASP A 69 7.00 5.28 1.96
CA ASP A 69 8.05 6.28 2.21
C ASP A 69 8.19 6.56 3.72
N ALA A 70 9.07 5.78 4.36
CA ALA A 70 9.34 5.90 5.81
C ALA A 70 10.46 6.94 6.08
N PRO A 71 10.46 7.62 7.28
CA PRO A 71 11.61 8.45 7.73
C PRO A 71 12.92 7.62 7.90
N GLN A 72 12.77 6.30 8.09
CA GLN A 72 13.90 5.34 8.12
C GLN A 72 13.67 4.28 7.01
N ASP A 73 14.26 4.55 5.82
CA ASP A 73 14.35 3.61 4.68
C ASP A 73 12.97 3.26 4.03
N SER A 74 12.74 3.78 2.81
CA SER A 74 11.47 3.58 2.06
C SER A 74 11.37 2.16 1.45
N ARG A 75 10.20 1.52 1.60
CA ARG A 75 9.96 0.13 1.12
C ARG A 75 9.04 0.13 -0.13
N ILE A 76 9.31 -0.74 -1.12
CA ILE A 76 8.48 -0.85 -2.34
C ILE A 76 7.60 -2.14 -2.28
N PHE A 77 6.33 -2.01 -2.70
CA PHE A 77 5.37 -3.13 -2.80
C PHE A 77 5.09 -3.51 -4.26
N LEU A 78 5.66 -4.65 -4.73
CA LEU A 78 5.29 -5.22 -6.04
C LEU A 78 3.93 -5.93 -5.94
N VAL A 79 2.85 -5.24 -6.34
CA VAL A 79 1.47 -5.78 -6.27
C VAL A 79 0.95 -6.12 -7.69
N SER A 80 0.38 -7.34 -7.84
CA SER A 80 -0.29 -7.76 -9.10
C SER A 80 -1.77 -8.10 -8.81
N VAL A 81 -2.69 -7.27 -9.34
CA VAL A 81 -4.14 -7.49 -9.26
C VAL A 81 -4.65 -7.85 -10.67
N GLU A 82 -4.96 -9.15 -10.92
CA GLU A 82 -5.23 -9.63 -12.31
C GLU A 82 -5.86 -11.04 -12.36
N GLU A 83 -5.33 -11.98 -11.54
CA GLU A 83 -5.79 -13.38 -11.52
C GLU A 83 -7.24 -13.50 -10.96
N PRO A 84 -8.26 -13.80 -11.83
CA PRO A 84 -9.70 -13.65 -11.49
C PRO A 84 -10.16 -14.53 -10.27
N MET A 3 12.30 -6.85 -1.43
CA MET A 3 11.16 -5.97 -1.04
C MET A 3 9.85 -6.77 -0.90
N THR A 4 8.79 -6.07 -0.48
CA THR A 4 7.44 -6.67 -0.28
C THR A 4 6.70 -6.90 -1.63
N ARG A 5 5.75 -7.85 -1.59
CA ARG A 5 4.81 -8.13 -2.69
C ARG A 5 3.48 -8.68 -2.12
N VAL A 6 2.36 -8.09 -2.55
CA VAL A 6 0.99 -8.54 -2.17
C VAL A 6 0.12 -8.71 -3.44
N ARG A 7 -0.63 -9.83 -3.52
CA ARG A 7 -1.51 -10.14 -4.68
C ARG A 7 -2.92 -9.55 -4.47
N SER A 8 -3.54 -9.08 -5.56
CA SER A 8 -4.94 -8.62 -5.58
C SER A 8 -5.71 -9.38 -6.70
N THR A 9 -7.03 -9.52 -6.53
CA THR A 9 -7.93 -10.11 -7.55
C THR A 9 -8.70 -9.01 -8.32
N PRO A 10 -9.06 -9.25 -9.63
CA PRO A 10 -9.71 -8.23 -10.50
C PRO A 10 -11.12 -7.78 -9.99
N GLY A 11 -11.15 -6.65 -9.28
CA GLY A 11 -12.40 -6.02 -8.80
C GLY A 11 -12.78 -6.39 -7.37
N GLY A 12 -11.77 -6.49 -6.50
CA GLY A 12 -11.97 -6.73 -5.06
C GLY A 12 -11.16 -5.79 -4.17
N ASP A 13 -11.46 -5.78 -2.86
CA ASP A 13 -10.74 -4.92 -1.89
C ASP A 13 -9.28 -5.41 -1.67
N LEU A 14 -8.36 -4.45 -1.55
CA LEU A 14 -6.93 -4.69 -1.28
C LEU A 14 -6.58 -4.24 0.15
N GLU A 15 -5.56 -4.86 0.77
CA GLU A 15 -4.95 -4.37 2.02
C GLU A 15 -3.44 -4.66 2.01
N LEU A 16 -2.63 -3.63 2.33
CA LEU A 16 -1.17 -3.75 2.43
C LEU A 16 -0.75 -3.65 3.91
N VAL A 17 -0.40 -4.79 4.50
CA VAL A 17 0.01 -4.89 5.92
C VAL A 17 1.52 -4.66 6.02
N VAL A 18 1.91 -3.64 6.80
CA VAL A 18 3.30 -3.16 6.90
C VAL A 18 3.93 -3.53 8.27
N HIS A 19 5.15 -4.10 8.22
CA HIS A 19 5.98 -4.38 9.41
C HIS A 19 7.49 -4.15 9.10
N LEU A 20 7.80 -3.19 8.19
CA LEU A 20 9.18 -2.69 7.97
C LEU A 20 9.84 -2.12 9.26
N SER A 21 11.17 -1.89 9.20
CA SER A 21 11.95 -1.44 10.38
C SER A 21 11.98 0.11 10.49
N GLY A 22 10.89 0.77 10.05
CA GLY A 22 10.73 2.23 10.15
C GLY A 22 9.57 2.65 11.08
N PRO A 23 9.77 2.66 12.44
CA PRO A 23 8.71 3.01 13.42
C PRO A 23 8.48 4.54 13.56
N GLY A 24 7.46 4.93 14.36
CA GLY A 24 7.13 6.35 14.60
C GLY A 24 6.46 7.01 13.39
N GLY A 25 7.27 7.51 12.44
CA GLY A 25 6.78 8.18 11.23
C GLY A 25 7.31 9.61 11.04
N PRO A 26 6.67 10.48 10.19
CA PRO A 26 5.47 10.12 9.38
C PRO A 26 5.81 9.27 8.11
N VAL A 27 5.30 8.02 8.09
CA VAL A 27 5.47 7.10 6.96
C VAL A 27 4.42 7.41 5.87
N ARG A 28 4.89 7.69 4.64
CA ARG A 28 4.03 8.06 3.49
C ARG A 28 3.85 6.90 2.50
N TRP A 29 2.80 6.96 1.69
CA TRP A 29 2.53 6.01 0.59
C TRP A 29 2.60 6.74 -0.77
N TYR A 30 3.23 6.11 -1.78
CA TYR A 30 3.28 6.65 -3.17
C TYR A 30 3.00 5.52 -4.20
N LYS A 31 1.99 5.71 -5.06
CA LYS A 31 1.65 4.76 -6.13
C LYS A 31 2.14 5.29 -7.50
N ASP A 32 3.14 4.57 -8.05
CA ASP A 32 3.77 4.82 -9.38
C ASP A 32 4.36 6.26 -9.60
N GLY A 33 4.30 7.15 -8.58
CA GLY A 33 4.74 8.55 -8.74
C GLY A 33 3.97 9.57 -7.89
N GLU A 34 2.70 9.29 -7.55
CA GLU A 34 1.88 10.20 -6.68
C GLU A 34 1.57 9.57 -5.33
N ARG A 35 1.48 10.40 -4.29
CA ARG A 35 1.09 9.95 -2.93
C ARG A 35 -0.39 9.53 -2.85
N LEU A 36 -0.69 8.63 -1.91
CA LEU A 36 -2.07 8.23 -1.56
C LEU A 36 -2.62 9.14 -0.45
N ALA A 37 -3.94 9.25 -0.41
CA ALA A 37 -4.68 10.07 0.57
C ALA A 37 -6.02 9.39 0.87
N SER A 38 -6.30 9.13 2.17
CA SER A 38 -7.49 8.36 2.61
C SER A 38 -8.83 8.95 2.07
N GLN A 39 -9.35 8.34 1.00
CA GLN A 39 -10.50 8.86 0.23
C GLN A 39 -11.19 7.75 -0.60
N GLY A 40 -12.47 7.45 -0.27
CA GLY A 40 -13.30 6.49 -1.03
C GLY A 40 -12.75 5.06 -1.01
N ARG A 41 -11.89 4.75 -2.01
CA ARG A 41 -11.17 3.47 -2.11
C ARG A 41 -10.00 3.39 -1.11
N VAL A 42 -9.25 4.51 -0.99
CA VAL A 42 -8.00 4.56 -0.22
C VAL A 42 -8.32 4.62 1.29
N GLN A 43 -8.09 3.50 2.00
CA GLN A 43 -8.30 3.41 3.46
C GLN A 43 -6.94 3.30 4.18
N LEU A 44 -6.48 4.40 4.79
CA LEU A 44 -5.19 4.48 5.49
C LEU A 44 -5.34 4.29 7.02
N GLU A 45 -4.34 3.62 7.62
CA GLU A 45 -4.22 3.46 9.09
C GLU A 45 -2.73 3.58 9.48
N GLN A 46 -2.45 4.31 10.57
CA GLN A 46 -1.07 4.59 11.04
C GLN A 46 -0.91 4.22 12.54
N ALA A 47 -0.19 3.11 12.78
CA ALA A 47 0.13 2.60 14.13
C ALA A 47 1.65 2.72 14.43
N GLY A 48 2.34 3.62 13.70
CA GLY A 48 3.78 3.85 13.86
C GLY A 48 4.62 3.07 12.84
N ALA A 49 4.96 1.81 13.18
CA ALA A 49 5.66 0.88 12.26
C ALA A 49 4.65 0.17 11.34
N ARG A 50 3.50 -0.22 11.92
CA ARG A 50 2.38 -0.84 11.19
C ARG A 50 1.56 0.23 10.44
N GLN A 51 1.71 0.27 9.11
CA GLN A 51 0.88 1.09 8.22
C GLN A 51 -0.10 0.19 7.43
N VAL A 52 -1.23 0.76 6.98
CA VAL A 52 -2.24 0.01 6.18
C VAL A 52 -2.71 0.88 4.99
N LEU A 53 -2.45 0.41 3.75
CA LEU A 53 -3.04 1.00 2.52
C LEU A 53 -4.04 -0.01 1.93
N ARG A 54 -5.32 0.40 1.83
CA ARG A 54 -6.38 -0.41 1.19
C ARG A 54 -6.89 0.28 -0.10
N VAL A 55 -7.17 -0.51 -1.15
CA VAL A 55 -7.83 -0.03 -2.41
C VAL A 55 -9.03 -0.94 -2.72
N GLN A 56 -10.25 -0.46 -2.41
CA GLN A 56 -11.49 -1.22 -2.68
C GLN A 56 -11.82 -1.19 -4.19
N GLY A 57 -11.91 -2.39 -4.82
CA GLY A 57 -12.16 -2.50 -6.26
C GLY A 57 -10.88 -2.42 -7.11
N ALA A 58 -9.78 -2.99 -6.59
CA ALA A 58 -8.50 -3.12 -7.31
C ALA A 58 -8.64 -4.03 -8.56
N ARG A 59 -8.98 -3.42 -9.71
CA ARG A 59 -9.46 -4.12 -10.92
C ARG A 59 -8.33 -4.59 -11.88
N SER A 60 -7.48 -3.65 -12.34
CA SER A 60 -6.43 -3.96 -13.36
C SER A 60 -5.33 -2.88 -13.38
N GLY A 61 -5.74 -1.62 -13.64
CA GLY A 61 -4.82 -0.46 -13.58
C GLY A 61 -4.34 -0.14 -12.15
N ASP A 62 -4.95 -0.80 -11.16
CA ASP A 62 -4.59 -0.71 -9.73
C ASP A 62 -3.34 -1.56 -9.40
N ALA A 63 -2.81 -2.31 -10.39
CA ALA A 63 -1.57 -3.11 -10.25
C ALA A 63 -0.35 -2.20 -10.43
N GLY A 64 0.57 -2.25 -9.47
CA GLY A 64 1.78 -1.44 -9.53
C GLY A 64 2.52 -1.34 -8.19
N GLU A 65 3.55 -0.48 -8.16
CA GLU A 65 4.41 -0.29 -6.99
C GLU A 65 3.84 0.77 -6.03
N TYR A 66 3.41 0.31 -4.85
CA TYR A 66 3.01 1.19 -3.73
C TYR A 66 4.19 1.28 -2.73
N LEU A 67 4.80 2.47 -2.64
CA LEU A 67 6.03 2.72 -1.89
C LEU A 67 5.70 3.22 -0.47
N CYS A 68 5.90 2.35 0.53
CA CYS A 68 5.80 2.74 1.96
C CYS A 68 7.11 3.43 2.38
N ASP A 69 7.16 4.74 2.18
CA ASP A 69 8.33 5.58 2.44
C ASP A 69 8.46 5.88 3.95
N ALA A 70 9.19 4.99 4.67
CA ALA A 70 9.43 5.12 6.13
C ALA A 70 10.76 5.85 6.42
N PRO A 71 10.87 6.62 7.56
CA PRO A 71 12.09 7.41 7.92
C PRO A 71 13.41 6.60 7.98
N GLN A 72 13.30 5.32 8.38
CA GLN A 72 14.47 4.40 8.44
C GLN A 72 14.72 3.71 7.08
N ASP A 73 13.66 3.09 6.51
CA ASP A 73 13.77 2.29 5.26
C ASP A 73 12.46 2.35 4.42
N SER A 74 12.59 2.73 3.13
CA SER A 74 11.46 2.79 2.17
C SER A 74 11.26 1.42 1.49
N ARG A 75 10.06 0.81 1.66
CA ARG A 75 9.75 -0.55 1.13
C ARG A 75 8.81 -0.46 -0.09
N ILE A 76 9.18 -1.18 -1.16
CA ILE A 76 8.39 -1.28 -2.40
C ILE A 76 7.39 -2.46 -2.30
N PHE A 77 6.09 -2.17 -2.35
CA PHE A 77 5.02 -3.20 -2.35
C PHE A 77 4.56 -3.46 -3.79
N LEU A 78 5.02 -4.60 -4.35
CA LEU A 78 4.60 -5.01 -5.70
C LEU A 78 3.17 -5.58 -5.64
N VAL A 79 2.18 -4.73 -5.89
CA VAL A 79 0.77 -5.15 -5.94
C VAL A 79 0.44 -5.70 -7.34
N SER A 80 0.44 -7.02 -7.44
CA SER A 80 0.15 -7.74 -8.68
C SER A 80 -1.33 -8.15 -8.70
N VAL A 81 -2.14 -7.50 -9.57
CA VAL A 81 -3.53 -7.92 -9.78
C VAL A 81 -3.53 -9.08 -10.79
N GLU A 82 -3.77 -10.29 -10.26
CA GLU A 82 -3.69 -11.57 -10.99
C GLU A 82 -4.55 -12.63 -10.31
N GLU A 83 -4.54 -13.86 -10.85
CA GLU A 83 -5.39 -14.99 -10.39
C GLU A 83 -6.91 -14.61 -10.47
N PRO A 84 -7.50 -14.58 -11.71
CA PRO A 84 -8.91 -14.18 -11.93
C PRO A 84 -9.93 -15.36 -11.77
N MET A 3 12.06 -6.16 -1.75
CA MET A 3 10.72 -5.53 -1.87
C MET A 3 9.61 -6.49 -1.39
N THR A 4 8.64 -5.95 -0.64
CA THR A 4 7.36 -6.63 -0.32
C THR A 4 6.58 -6.94 -1.61
N ARG A 5 6.07 -8.17 -1.76
CA ARG A 5 5.33 -8.60 -2.96
C ARG A 5 3.96 -9.17 -2.55
N VAL A 6 2.88 -8.46 -2.91
CA VAL A 6 1.50 -8.85 -2.53
C VAL A 6 0.66 -9.20 -3.79
N ARG A 7 -0.16 -10.26 -3.67
CA ARG A 7 -1.11 -10.69 -4.71
C ARG A 7 -2.48 -9.99 -4.51
N SER A 8 -3.07 -9.49 -5.60
CA SER A 8 -4.43 -8.90 -5.61
C SER A 8 -5.30 -9.61 -6.67
N THR A 9 -6.62 -9.63 -6.43
CA THR A 9 -7.61 -10.23 -7.37
C THR A 9 -8.40 -9.14 -8.14
N PRO A 10 -8.89 -9.45 -9.38
CA PRO A 10 -9.72 -8.52 -10.20
C PRO A 10 -11.22 -8.49 -9.78
N GLY A 11 -11.48 -8.48 -8.46
CA GLY A 11 -12.85 -8.61 -7.94
C GLY A 11 -12.90 -8.52 -6.41
N GLY A 12 -12.57 -7.33 -5.88
CA GLY A 12 -12.58 -7.09 -4.43
C GLY A 12 -11.84 -5.80 -4.04
N ASP A 13 -11.03 -5.87 -2.97
CA ASP A 13 -10.20 -4.74 -2.48
C ASP A 13 -8.77 -5.21 -2.14
N LEU A 14 -7.80 -4.29 -2.25
CA LEU A 14 -6.41 -4.52 -1.79
C LEU A 14 -6.26 -4.11 -0.31
N GLU A 15 -5.39 -4.82 0.44
CA GLU A 15 -5.03 -4.42 1.82
C GLU A 15 -3.56 -4.78 2.11
N LEU A 16 -2.72 -3.75 2.33
CA LEU A 16 -1.28 -3.91 2.58
C LEU A 16 -0.98 -3.63 4.07
N VAL A 17 -0.79 -4.68 4.88
CA VAL A 17 -0.35 -4.57 6.29
C VAL A 17 1.18 -4.71 6.32
N VAL A 18 1.89 -3.63 6.68
CA VAL A 18 3.36 -3.55 6.56
C VAL A 18 4.06 -3.80 7.91
N HIS A 19 5.25 -4.43 7.86
CA HIS A 19 6.13 -4.58 9.04
C HIS A 19 7.59 -4.16 8.68
N LEU A 20 7.72 -3.02 7.95
CA LEU A 20 9.03 -2.39 7.66
C LEU A 20 9.81 -1.98 8.95
N SER A 21 11.11 -1.72 8.79
CA SER A 21 12.02 -1.34 9.90
C SER A 21 11.96 0.19 10.22
N GLY A 22 10.75 0.79 10.15
CA GLY A 22 10.56 2.23 10.41
C GLY A 22 9.47 2.49 11.44
N PRO A 23 9.82 2.47 12.78
CA PRO A 23 8.84 2.69 13.88
C PRO A 23 8.33 4.15 13.97
N GLY A 24 7.15 4.33 14.57
CA GLY A 24 6.49 5.65 14.69
C GLY A 24 6.02 6.21 13.33
N GLY A 25 6.55 7.39 12.97
CA GLY A 25 6.18 8.07 11.71
C GLY A 25 7.02 9.32 11.43
N PRO A 26 6.60 10.23 10.48
CA PRO A 26 5.38 10.07 9.64
C PRO A 26 5.65 9.19 8.36
N VAL A 27 5.23 7.91 8.40
CA VAL A 27 5.40 6.98 7.27
C VAL A 27 4.29 7.24 6.21
N ARG A 28 4.72 7.53 4.96
CA ARG A 28 3.81 7.98 3.87
C ARG A 28 3.47 6.81 2.91
N TRP A 29 2.36 6.93 2.17
CA TRP A 29 1.93 5.97 1.13
C TRP A 29 1.96 6.61 -0.26
N TYR A 30 2.36 5.81 -1.27
CA TYR A 30 2.41 6.23 -2.70
C TYR A 30 1.84 5.11 -3.61
N LYS A 31 1.44 5.48 -4.83
CA LYS A 31 1.15 4.54 -5.95
C LYS A 31 1.67 5.12 -7.28
N ASP A 32 2.42 4.29 -8.03
CA ASP A 32 3.04 4.67 -9.33
C ASP A 32 3.97 5.91 -9.23
N GLY A 33 4.56 6.09 -8.02
CA GLY A 33 5.48 7.19 -7.75
C GLY A 33 4.81 8.47 -7.20
N GLU A 34 3.47 8.47 -7.04
CA GLU A 34 2.73 9.64 -6.50
C GLU A 34 1.87 9.25 -5.28
N ARG A 35 2.00 10.06 -4.20
CA ARG A 35 1.39 9.79 -2.88
C ARG A 35 -0.15 9.61 -2.92
N LEU A 36 -0.68 8.70 -2.08
CA LEU A 36 -2.13 8.49 -1.91
C LEU A 36 -2.66 9.28 -0.70
N ALA A 37 -3.92 9.73 -0.80
CA ALA A 37 -4.65 10.41 0.29
C ALA A 37 -5.66 9.43 0.94
N SER A 38 -5.93 9.62 2.24
CA SER A 38 -6.95 8.82 2.97
C SER A 38 -8.38 9.30 2.60
N GLN A 39 -8.84 8.89 1.41
CA GLN A 39 -10.09 9.36 0.81
C GLN A 39 -11.35 8.73 1.47
N GLY A 40 -11.50 7.40 1.33
CA GLY A 40 -12.70 6.69 1.82
C GLY A 40 -12.79 5.26 1.28
N ARG A 41 -12.62 5.11 -0.06
CA ARG A 41 -12.35 3.80 -0.68
C ARG A 41 -10.85 3.49 -0.54
N VAL A 42 -10.00 4.49 -0.85
CA VAL A 42 -8.56 4.45 -0.55
C VAL A 42 -8.34 4.88 0.93
N GLN A 43 -8.30 3.88 1.81
CA GLN A 43 -8.16 4.07 3.27
C GLN A 43 -6.69 3.91 3.72
N LEU A 44 -6.19 4.86 4.53
CA LEU A 44 -4.82 4.80 5.10
C LEU A 44 -4.87 4.69 6.63
N GLU A 45 -4.01 3.83 7.19
CA GLU A 45 -3.75 3.75 8.64
C GLU A 45 -2.25 3.97 8.89
N GLN A 46 -1.90 5.09 9.57
CA GLN A 46 -0.51 5.40 9.92
C GLN A 46 -0.26 5.11 11.43
N ALA A 47 0.43 3.98 11.69
CA ALA A 47 0.80 3.53 13.04
C ALA A 47 2.33 3.25 13.12
N GLY A 48 2.80 2.85 14.31
CA GLY A 48 4.21 2.54 14.55
C GLY A 48 4.69 1.31 13.77
N ALA A 49 5.29 1.54 12.58
CA ALA A 49 5.80 0.48 11.64
C ALA A 49 4.68 -0.25 10.85
N ARG A 50 3.51 -0.46 11.49
CA ARG A 50 2.34 -1.10 10.84
C ARG A 50 1.50 -0.06 10.08
N GLN A 51 1.78 0.07 8.78
CA GLN A 51 0.97 0.88 7.85
C GLN A 51 -0.06 -0.01 7.14
N VAL A 52 -1.28 0.53 6.91
CA VAL A 52 -2.32 -0.21 6.14
C VAL A 52 -2.94 0.68 5.04
N LEU A 53 -2.60 0.36 3.76
CA LEU A 53 -3.27 0.94 2.56
C LEU A 53 -4.36 -0.04 2.11
N ARG A 54 -5.58 0.48 1.87
CA ARG A 54 -6.73 -0.32 1.43
C ARG A 54 -7.36 0.33 0.17
N VAL A 55 -7.21 -0.28 -1.01
CA VAL A 55 -7.87 0.23 -2.25
C VAL A 55 -9.17 -0.58 -2.52
N GLN A 56 -10.31 -0.02 -2.07
CA GLN A 56 -11.65 -0.62 -2.30
C GLN A 56 -12.05 -0.48 -3.80
N GLY A 57 -11.82 -1.56 -4.57
CA GLY A 57 -12.06 -1.57 -6.01
C GLY A 57 -10.83 -2.03 -6.80
N ALA A 58 -10.20 -3.13 -6.34
CA ALA A 58 -9.02 -3.72 -6.97
C ALA A 58 -9.43 -4.57 -8.19
N ARG A 59 -9.03 -4.14 -9.41
CA ARG A 59 -9.43 -4.81 -10.67
C ARG A 59 -8.52 -4.45 -11.88
N SER A 60 -8.13 -3.17 -12.01
CA SER A 60 -7.32 -2.69 -13.16
C SER A 60 -6.08 -1.86 -12.69
N GLY A 61 -6.30 -0.58 -12.30
CA GLY A 61 -5.20 0.35 -11.94
C GLY A 61 -4.56 0.08 -10.57
N ASP A 62 -5.09 -0.91 -9.82
CA ASP A 62 -4.58 -1.32 -8.50
C ASP A 62 -3.18 -2.00 -8.61
N ALA A 63 -2.88 -2.60 -9.77
CA ALA A 63 -1.58 -3.26 -10.00
C ALA A 63 -0.48 -2.20 -10.21
N GLY A 64 0.51 -2.21 -9.31
CA GLY A 64 1.61 -1.23 -9.39
C GLY A 64 2.46 -1.16 -8.13
N GLU A 65 3.36 -0.15 -8.09
CA GLU A 65 4.30 0.07 -6.97
C GLU A 65 3.66 0.96 -5.89
N TYR A 66 3.49 0.39 -4.69
CA TYR A 66 3.04 1.13 -3.49
C TYR A 66 4.22 1.38 -2.54
N LEU A 67 4.68 2.63 -2.45
CA LEU A 67 5.85 2.98 -1.62
C LEU A 67 5.39 3.41 -0.22
N CYS A 68 5.69 2.57 0.77
CA CYS A 68 5.52 2.88 2.19
C CYS A 68 6.82 3.56 2.73
N ASP A 69 6.88 4.88 2.59
CA ASP A 69 8.08 5.70 2.89
C ASP A 69 8.23 5.98 4.41
N ALA A 70 9.03 5.15 5.09
CA ALA A 70 9.38 5.35 6.50
C ALA A 70 10.64 6.25 6.64
N PRO A 71 10.65 7.24 7.61
CA PRO A 71 11.84 8.10 7.89
C PRO A 71 13.13 7.31 8.24
N GLN A 72 12.96 6.07 8.72
CA GLN A 72 14.08 5.13 8.98
C GLN A 72 14.45 4.35 7.69
N ASP A 73 13.47 3.62 7.11
CA ASP A 73 13.71 2.77 5.93
C ASP A 73 12.40 2.51 5.11
N SER A 74 12.38 2.98 3.85
CA SER A 74 11.20 2.89 2.93
C SER A 74 11.01 1.46 2.36
N ARG A 75 9.75 1.00 2.25
CA ARG A 75 9.41 -0.35 1.72
C ARG A 75 8.59 -0.22 0.41
N ILE A 76 9.04 -0.88 -0.67
CA ILE A 76 8.33 -0.85 -1.97
C ILE A 76 7.46 -2.13 -2.12
N PHE A 77 6.17 -1.95 -2.43
CA PHE A 77 5.20 -3.05 -2.64
C PHE A 77 4.98 -3.29 -4.14
N LEU A 78 5.18 -4.52 -4.58
CA LEU A 78 4.91 -4.95 -5.96
C LEU A 78 3.57 -5.74 -5.97
N VAL A 79 2.48 -5.01 -6.25
CA VAL A 79 1.11 -5.57 -6.27
C VAL A 79 0.71 -5.95 -7.71
N SER A 80 0.27 -7.22 -7.89
CA SER A 80 -0.15 -7.76 -9.20
C SER A 80 -1.62 -8.19 -9.16
N VAL A 81 -2.47 -7.56 -9.98
CA VAL A 81 -3.89 -7.94 -10.11
C VAL A 81 -4.03 -9.10 -11.14
N GLU A 82 -4.32 -10.30 -10.63
CA GLU A 82 -4.47 -11.54 -11.42
C GLU A 82 -5.16 -12.62 -10.57
N GLU A 83 -5.20 -13.88 -11.07
CA GLU A 83 -5.89 -15.02 -10.41
C GLU A 83 -7.42 -14.70 -10.25
N PRO A 84 -8.22 -14.73 -11.36
CA PRO A 84 -9.65 -14.29 -11.34
C PRO A 84 -10.59 -15.28 -10.58
N MET A 3 11.46 -6.97 -2.10
CA MET A 3 10.30 -6.08 -1.85
C MET A 3 9.22 -6.80 -1.03
N THR A 4 8.44 -6.01 -0.27
CA THR A 4 7.29 -6.50 0.53
C THR A 4 6.04 -6.60 -0.39
N ARG A 5 5.88 -7.76 -1.04
CA ARG A 5 4.92 -7.96 -2.17
C ARG A 5 3.60 -8.61 -1.72
N VAL A 6 2.46 -8.08 -2.21
CA VAL A 6 1.09 -8.55 -1.85
C VAL A 6 0.22 -8.69 -3.14
N ARG A 7 -0.65 -9.73 -3.19
CA ARG A 7 -1.64 -9.89 -4.29
C ARG A 7 -2.99 -9.20 -3.92
N SER A 8 -3.66 -8.63 -4.93
CA SER A 8 -5.09 -8.19 -4.82
C SER A 8 -5.96 -8.93 -5.87
N THR A 9 -7.28 -8.84 -5.73
CA THR A 9 -8.24 -9.46 -6.68
C THR A 9 -9.03 -8.37 -7.46
N PRO A 10 -9.24 -8.58 -8.80
CA PRO A 10 -10.06 -7.68 -9.67
C PRO A 10 -11.44 -7.30 -9.06
N GLY A 11 -11.64 -5.99 -8.80
CA GLY A 11 -12.92 -5.45 -8.30
C GLY A 11 -12.97 -5.31 -6.77
N GLY A 12 -12.21 -6.16 -6.07
CA GLY A 12 -12.16 -6.16 -4.60
C GLY A 12 -11.23 -5.09 -4.02
N ASP A 13 -11.15 -5.04 -2.68
CA ASP A 13 -10.26 -4.11 -1.98
C ASP A 13 -8.88 -4.75 -1.69
N LEU A 14 -7.81 -4.04 -2.05
CA LEU A 14 -6.43 -4.36 -1.66
C LEU A 14 -6.21 -4.00 -0.17
N GLU A 15 -5.32 -4.72 0.51
CA GLU A 15 -4.86 -4.35 1.87
C GLU A 15 -3.37 -4.72 2.03
N LEU A 16 -2.53 -3.69 2.22
CA LEU A 16 -1.07 -3.85 2.42
C LEU A 16 -0.74 -3.77 3.92
N VAL A 17 -0.51 -4.93 4.55
CA VAL A 17 -0.11 -5.00 5.97
C VAL A 17 1.43 -4.98 6.04
N VAL A 18 1.98 -3.91 6.60
CA VAL A 18 3.42 -3.59 6.45
C VAL A 18 4.24 -4.08 7.66
N HIS A 19 5.24 -4.93 7.38
CA HIS A 19 6.26 -5.35 8.34
C HIS A 19 7.66 -4.93 7.80
N LEU A 20 7.88 -3.61 7.83
CA LEU A 20 9.17 -2.95 7.48
C LEU A 20 10.37 -3.47 8.31
N SER A 21 11.57 -3.31 7.74
CA SER A 21 12.85 -3.66 8.42
C SER A 21 13.24 -2.56 9.44
N GLY A 22 12.89 -1.30 9.12
CA GLY A 22 13.09 -0.14 10.02
C GLY A 22 11.92 0.85 9.95
N PRO A 23 10.78 0.57 10.63
CA PRO A 23 9.54 1.38 10.50
C PRO A 23 9.57 2.72 11.30
N GLY A 24 8.39 3.35 11.41
CA GLY A 24 8.24 4.63 12.13
C GLY A 24 6.86 5.25 11.93
N GLY A 25 6.70 6.50 12.38
CA GLY A 25 5.44 7.25 12.25
C GLY A 25 5.64 8.76 12.13
N PRO A 26 4.92 9.50 11.21
CA PRO A 26 4.01 8.91 10.19
C PRO A 26 4.75 8.35 8.93
N VAL A 27 4.04 7.52 8.16
CA VAL A 27 4.57 6.91 6.90
C VAL A 27 3.76 7.42 5.68
N ARG A 28 4.47 7.81 4.61
CA ARG A 28 3.85 8.35 3.37
C ARG A 28 3.72 7.25 2.30
N TRP A 29 2.53 7.15 1.70
CA TRP A 29 2.21 6.17 0.65
C TRP A 29 2.20 6.81 -0.74
N TYR A 30 2.79 6.11 -1.72
CA TYR A 30 2.83 6.54 -3.14
C TYR A 30 2.38 5.40 -4.07
N LYS A 31 1.36 5.62 -4.90
CA LYS A 31 0.95 4.68 -5.96
C LYS A 31 1.41 5.22 -7.32
N ASP A 32 2.25 4.42 -8.00
CA ASP A 32 2.78 4.72 -9.35
C ASP A 32 3.65 6.02 -9.35
N GLY A 33 4.17 6.37 -8.15
CA GLY A 33 4.94 7.60 -7.94
C GLY A 33 4.17 8.72 -7.22
N GLU A 34 2.83 8.70 -7.36
CA GLU A 34 1.95 9.77 -6.84
C GLU A 34 1.36 9.39 -5.47
N ARG A 35 1.46 10.29 -4.48
CA ARG A 35 1.00 10.06 -3.09
C ARG A 35 -0.51 9.73 -3.00
N LEU A 36 -0.90 8.97 -1.96
CA LEU A 36 -2.32 8.60 -1.72
C LEU A 36 -2.90 9.38 -0.52
N ALA A 37 -4.16 9.84 -0.66
CA ALA A 37 -4.89 10.58 0.39
C ALA A 37 -5.88 9.65 1.13
N SER A 38 -6.05 9.88 2.46
CA SER A 38 -6.94 9.06 3.33
C SER A 38 -8.44 9.34 3.03
N GLN A 39 -9.03 8.52 2.14
CA GLN A 39 -10.47 8.63 1.75
C GLN A 39 -11.20 7.24 1.80
N GLY A 40 -12.42 7.18 1.23
CA GLY A 40 -13.31 6.00 1.34
C GLY A 40 -12.72 4.69 0.77
N ARG A 41 -12.32 4.71 -0.51
CA ARG A 41 -11.67 3.56 -1.17
C ARG A 41 -10.19 3.44 -0.78
N VAL A 42 -9.50 4.59 -0.69
CA VAL A 42 -8.05 4.65 -0.37
C VAL A 42 -7.84 4.90 1.14
N GLN A 43 -7.83 3.81 1.94
CA GLN A 43 -7.77 3.89 3.43
C GLN A 43 -6.33 3.82 3.95
N LEU A 44 -5.92 4.83 4.75
CA LEU A 44 -4.59 4.87 5.40
C LEU A 44 -4.70 4.62 6.93
N GLU A 45 -4.54 3.35 7.33
CA GLU A 45 -4.49 2.93 8.76
C GLU A 45 -3.04 3.02 9.29
N GLN A 46 -2.76 4.05 10.10
CA GLN A 46 -1.46 4.20 10.80
C GLN A 46 -1.52 3.59 12.22
N ALA A 47 -0.81 2.47 12.42
CA ALA A 47 -0.72 1.76 13.72
C ALA A 47 0.62 2.06 14.44
N GLY A 48 1.72 1.99 13.68
CA GLY A 48 3.07 2.26 14.20
C GLY A 48 4.15 1.56 13.37
N ALA A 49 4.52 0.33 13.77
CA ALA A 49 5.39 -0.56 12.95
C ALA A 49 4.58 -1.12 11.75
N ARG A 50 3.30 -1.44 12.04
CA ARG A 50 2.29 -1.78 11.04
C ARG A 50 1.70 -0.51 10.41
N GLN A 51 1.75 -0.44 9.07
CA GLN A 51 0.96 0.51 8.27
C GLN A 51 0.01 -0.30 7.37
N VAL A 52 -1.14 0.27 7.00
CA VAL A 52 -2.11 -0.40 6.11
C VAL A 52 -2.68 0.60 5.09
N LEU A 53 -2.41 0.35 3.80
CA LEU A 53 -3.06 1.04 2.67
C LEU A 53 -4.04 0.07 1.98
N ARG A 54 -5.29 0.53 1.81
CA ARG A 54 -6.35 -0.23 1.15
C ARG A 54 -6.81 0.50 -0.15
N VAL A 55 -7.01 -0.27 -1.25
CA VAL A 55 -7.52 0.27 -2.54
C VAL A 55 -8.78 -0.52 -2.97
N GLN A 56 -9.97 0.02 -2.67
CA GLN A 56 -11.26 -0.62 -3.05
C GLN A 56 -11.52 -0.44 -4.56
N GLY A 57 -11.84 -1.54 -5.26
CA GLY A 57 -12.03 -1.53 -6.73
C GLY A 57 -10.72 -1.74 -7.49
N ALA A 58 -9.73 -2.37 -6.83
CA ALA A 58 -8.46 -2.76 -7.45
C ALA A 58 -8.69 -3.83 -8.54
N ARG A 59 -8.72 -3.39 -9.81
CA ARG A 59 -9.01 -4.27 -10.98
C ARG A 59 -7.74 -4.59 -11.79
N SER A 60 -7.91 -5.34 -12.91
CA SER A 60 -6.80 -5.72 -13.82
C SER A 60 -6.15 -4.46 -14.45
N GLY A 61 -4.93 -4.13 -14.02
CA GLY A 61 -4.23 -2.90 -14.43
C GLY A 61 -3.80 -2.02 -13.24
N ASP A 62 -4.38 -2.30 -12.06
CA ASP A 62 -4.03 -1.62 -10.78
C ASP A 62 -2.68 -2.13 -10.20
N ALA A 63 -2.18 -3.24 -10.75
CA ALA A 63 -0.95 -3.92 -10.31
C ALA A 63 0.29 -3.03 -10.50
N GLY A 64 0.63 -2.29 -9.44
CA GLY A 64 1.68 -1.28 -9.50
C GLY A 64 2.51 -1.19 -8.22
N GLU A 65 3.49 -0.27 -8.22
CA GLU A 65 4.38 -0.05 -7.07
C GLU A 65 3.73 0.90 -6.04
N TYR A 66 3.65 0.41 -4.80
CA TYR A 66 3.16 1.18 -3.64
C TYR A 66 4.34 1.43 -2.65
N LEU A 67 4.83 2.68 -2.57
CA LEU A 67 6.02 3.02 -1.77
C LEU A 67 5.62 3.40 -0.34
N CYS A 68 5.83 2.47 0.61
CA CYS A 68 5.72 2.73 2.06
C CYS A 68 6.98 3.47 2.54
N ASP A 69 6.93 4.80 2.42
CA ASP A 69 8.03 5.70 2.77
C ASP A 69 8.03 6.02 4.28
N ALA A 70 8.85 5.28 5.06
CA ALA A 70 9.03 5.53 6.50
C ALA A 70 10.16 6.56 6.76
N PRO A 71 10.20 7.23 7.97
CA PRO A 71 11.33 8.13 8.35
C PRO A 71 12.61 7.37 8.79
N GLN A 72 12.92 6.23 8.13
CA GLN A 72 14.06 5.36 8.50
C GLN A 72 14.33 4.33 7.34
N ASP A 73 13.27 3.58 6.95
CA ASP A 73 13.36 2.51 5.92
C ASP A 73 12.12 2.55 4.97
N SER A 74 12.34 2.98 3.72
CA SER A 74 11.28 3.06 2.68
C SER A 74 11.25 1.78 1.83
N ARG A 75 10.07 1.11 1.76
CA ARG A 75 9.90 -0.15 1.00
C ARG A 75 8.98 0.03 -0.22
N ILE A 76 9.34 -0.59 -1.35
CA ILE A 76 8.46 -0.69 -2.53
C ILE A 76 7.60 -1.98 -2.41
N PHE A 77 6.28 -1.84 -2.63
CA PHE A 77 5.32 -2.96 -2.63
C PHE A 77 4.94 -3.32 -4.07
N LEU A 78 5.51 -4.40 -4.61
CA LEU A 78 5.17 -4.89 -5.94
C LEU A 78 3.87 -5.70 -5.86
N VAL A 79 2.74 -5.02 -6.09
CA VAL A 79 1.39 -5.61 -5.97
C VAL A 79 0.93 -6.21 -7.30
N SER A 80 0.50 -7.48 -7.28
CA SER A 80 -0.06 -8.17 -8.46
C SER A 80 -1.59 -8.33 -8.31
N VAL A 81 -2.38 -7.58 -9.09
CA VAL A 81 -3.85 -7.65 -9.06
C VAL A 81 -4.34 -8.55 -10.22
N GLU A 82 -4.79 -9.78 -9.89
CA GLU A 82 -5.10 -10.81 -10.90
C GLU A 82 -5.86 -12.00 -10.28
N GLU A 83 -6.31 -12.91 -11.17
CA GLU A 83 -7.14 -14.10 -10.83
C GLU A 83 -8.47 -13.65 -10.14
N PRO A 84 -9.54 -13.34 -10.93
CA PRO A 84 -10.80 -12.77 -10.37
C PRO A 84 -11.74 -13.81 -9.68
N MET A 3 12.00 -7.54 -0.93
CA MET A 3 11.05 -6.42 -1.16
C MET A 3 9.59 -6.93 -0.98
N THR A 4 8.70 -6.08 -0.40
CA THR A 4 7.28 -6.43 -0.19
C THR A 4 6.55 -6.67 -1.54
N ARG A 5 5.88 -7.83 -1.67
CA ARG A 5 5.15 -8.23 -2.90
C ARG A 5 3.79 -8.85 -2.53
N VAL A 6 2.70 -8.35 -3.10
CA VAL A 6 1.31 -8.77 -2.77
C VAL A 6 0.51 -9.16 -4.03
N ARG A 7 -0.13 -10.34 -3.97
CA ARG A 7 -1.07 -10.84 -4.99
C ARG A 7 -2.52 -10.40 -4.65
N SER A 8 -3.29 -10.00 -5.68
CA SER A 8 -4.70 -9.57 -5.51
C SER A 8 -5.59 -10.17 -6.63
N THR A 9 -6.93 -9.98 -6.49
CA THR A 9 -7.92 -10.42 -7.50
C THR A 9 -8.91 -9.28 -7.84
N PRO A 10 -9.41 -9.23 -9.10
CA PRO A 10 -10.39 -8.20 -9.54
C PRO A 10 -11.80 -8.43 -8.95
N GLY A 11 -12.52 -7.31 -8.66
CA GLY A 11 -13.87 -7.36 -8.08
C GLY A 11 -13.89 -7.44 -6.54
N GLY A 12 -12.94 -6.74 -5.89
CA GLY A 12 -12.87 -6.70 -4.42
C GLY A 12 -12.06 -5.51 -3.90
N ASP A 13 -11.17 -5.75 -2.93
CA ASP A 13 -10.30 -4.70 -2.35
C ASP A 13 -8.85 -5.20 -2.15
N LEU A 14 -7.91 -4.26 -2.15
CA LEU A 14 -6.48 -4.50 -1.84
C LEU A 14 -6.19 -4.05 -0.39
N GLU A 15 -5.32 -4.79 0.35
CA GLU A 15 -4.91 -4.40 1.73
C GLU A 15 -3.41 -4.68 1.96
N LEU A 16 -2.58 -3.63 1.85
CA LEU A 16 -1.13 -3.68 2.10
C LEU A 16 -0.82 -3.33 3.57
N VAL A 17 -0.46 -4.34 4.37
CA VAL A 17 -0.01 -4.13 5.77
C VAL A 17 1.52 -4.28 5.85
N VAL A 18 2.20 -3.28 6.42
CA VAL A 18 3.67 -3.32 6.67
C VAL A 18 3.98 -3.47 8.18
N HIS A 19 5.11 -4.12 8.46
CA HIS A 19 5.78 -4.10 9.77
C HIS A 19 7.27 -3.72 9.58
N LEU A 20 7.55 -2.90 8.54
CA LEU A 20 8.90 -2.30 8.27
C LEU A 20 9.53 -1.58 9.51
N SER A 21 10.84 -1.30 9.42
CA SER A 21 11.62 -0.74 10.57
C SER A 21 11.55 0.82 10.64
N GLY A 22 10.40 1.41 10.25
CA GLY A 22 10.18 2.86 10.31
C GLY A 22 9.12 3.26 11.35
N PRO A 23 9.51 3.53 12.65
CA PRO A 23 8.55 3.92 13.72
C PRO A 23 8.14 5.43 13.66
N GLY A 24 7.06 5.78 14.39
CA GLY A 24 6.57 7.16 14.49
C GLY A 24 5.98 7.71 13.18
N GLY A 25 6.87 8.26 12.32
CA GLY A 25 6.48 8.76 11.01
C GLY A 25 6.06 10.25 11.01
N PRO A 26 4.85 10.65 10.46
CA PRO A 26 3.84 9.72 9.87
C PRO A 26 4.30 9.06 8.54
N VAL A 27 4.40 7.70 8.57
CA VAL A 27 4.82 6.89 7.41
C VAL A 27 3.77 7.01 6.28
N ARG A 28 4.23 7.42 5.09
CA ARG A 28 3.36 7.77 3.96
C ARG A 28 3.19 6.57 3.01
N TRP A 29 2.19 6.65 2.14
CA TRP A 29 1.91 5.64 1.10
C TRP A 29 1.96 6.29 -0.27
N TYR A 30 2.62 5.63 -1.23
CA TYR A 30 2.74 6.08 -2.63
C TYR A 30 2.19 5.01 -3.59
N LYS A 31 1.91 5.44 -4.81
CA LYS A 31 1.58 4.57 -5.96
C LYS A 31 1.95 5.29 -7.26
N ASP A 32 2.72 4.60 -8.13
CA ASP A 32 3.22 5.15 -9.42
C ASP A 32 4.20 6.34 -9.21
N GLY A 33 4.73 6.47 -7.97
CA GLY A 33 5.57 7.62 -7.57
C GLY A 33 4.75 8.78 -6.96
N GLU A 34 3.41 8.67 -7.01
CA GLU A 34 2.49 9.72 -6.49
C GLU A 34 1.79 9.22 -5.20
N ARG A 35 1.97 9.98 -4.10
CA ARG A 35 1.44 9.58 -2.78
C ARG A 35 -0.13 9.57 -2.73
N LEU A 36 -0.67 8.59 -1.99
CA LEU A 36 -2.12 8.42 -1.79
C LEU A 36 -2.61 9.26 -0.58
N ALA A 37 -3.90 9.65 -0.62
CA ALA A 37 -4.57 10.37 0.49
C ALA A 37 -5.68 9.49 1.11
N SER A 38 -6.06 9.80 2.36
CA SER A 38 -7.13 9.07 3.09
C SER A 38 -8.53 9.36 2.47
N GLN A 39 -8.83 8.62 1.39
CA GLN A 39 -10.09 8.72 0.62
C GLN A 39 -11.11 7.64 1.09
N GLY A 40 -12.37 7.73 0.61
CA GLY A 40 -13.40 6.70 0.85
C GLY A 40 -12.98 5.30 0.36
N ARG A 41 -12.38 5.25 -0.85
CA ARG A 41 -11.74 4.02 -1.39
C ARG A 41 -10.42 3.72 -0.63
N VAL A 42 -9.53 4.74 -0.58
CA VAL A 42 -8.15 4.61 -0.03
C VAL A 42 -8.10 4.86 1.50
N GLN A 43 -8.25 3.78 2.29
CA GLN A 43 -8.14 3.83 3.76
C GLN A 43 -6.66 3.78 4.21
N LEU A 44 -6.17 4.87 4.82
CA LEU A 44 -4.76 4.97 5.29
C LEU A 44 -4.66 4.95 6.83
N GLU A 45 -4.24 3.79 7.39
CA GLU A 45 -3.97 3.62 8.82
C GLU A 45 -2.50 4.01 9.14
N GLN A 46 -2.29 5.25 9.64
CA GLN A 46 -0.98 5.71 10.15
C GLN A 46 -0.93 5.65 11.70
N ALA A 47 0.16 5.06 12.22
CA ALA A 47 0.44 4.99 13.67
C ALA A 47 1.97 4.93 13.93
N GLY A 48 2.64 4.02 13.20
CA GLY A 48 4.10 3.84 13.31
C GLY A 48 4.48 2.36 13.12
N ALA A 49 5.34 2.07 12.12
CA ALA A 49 5.73 0.70 11.70
C ALA A 49 4.57 -0.08 11.04
N ARG A 50 3.49 -0.37 11.80
CA ARG A 50 2.27 -1.01 11.27
C ARG A 50 1.38 0.02 10.55
N GLN A 51 1.53 0.10 9.22
CA GLN A 51 0.72 0.99 8.35
C GLN A 51 -0.11 0.14 7.38
N VAL A 52 -1.39 0.50 7.19
CA VAL A 52 -2.29 -0.24 6.27
C VAL A 52 -2.84 0.68 5.15
N LEU A 53 -2.62 0.28 3.90
CA LEU A 53 -3.25 0.87 2.70
C LEU A 53 -4.35 -0.08 2.21
N ARG A 54 -5.60 0.40 2.18
CA ARG A 54 -6.74 -0.38 1.67
C ARG A 54 -7.37 0.34 0.46
N VAL A 55 -7.18 -0.19 -0.77
CA VAL A 55 -7.83 0.34 -1.99
C VAL A 55 -9.11 -0.47 -2.30
N GLN A 56 -10.27 0.10 -1.95
CA GLN A 56 -11.59 -0.48 -2.28
C GLN A 56 -11.87 -0.33 -3.80
N GLY A 57 -11.70 -1.44 -4.54
CA GLY A 57 -11.84 -1.45 -6.01
C GLY A 57 -10.64 -2.09 -6.70
N ALA A 58 -10.15 -3.22 -6.15
CA ALA A 58 -9.07 -4.02 -6.77
C ALA A 58 -9.50 -4.57 -8.15
N ARG A 59 -8.66 -4.41 -9.18
CA ARG A 59 -9.08 -4.63 -10.58
C ARG A 59 -7.87 -4.78 -11.56
N SER A 60 -7.20 -3.65 -11.87
CA SER A 60 -6.14 -3.59 -12.93
C SER A 60 -5.21 -2.36 -12.72
N GLY A 61 -5.81 -1.15 -12.67
CA GLY A 61 -5.04 0.11 -12.49
C GLY A 61 -4.37 0.24 -11.11
N ASP A 62 -4.87 -0.53 -10.14
CA ASP A 62 -4.31 -0.60 -8.76
C ASP A 62 -3.09 -1.56 -8.69
N ALA A 63 -2.93 -2.42 -9.73
CA ALA A 63 -1.75 -3.30 -9.86
C ALA A 63 -0.53 -2.48 -10.27
N GLY A 64 0.45 -2.35 -9.36
CA GLY A 64 1.65 -1.56 -9.63
C GLY A 64 2.56 -1.39 -8.42
N GLU A 65 3.59 -0.53 -8.57
CA GLU A 65 4.56 -0.24 -7.51
C GLU A 65 4.00 0.81 -6.52
N TYR A 66 3.77 0.35 -5.30
CA TYR A 66 3.49 1.22 -4.14
C TYR A 66 4.80 1.48 -3.37
N LEU A 67 4.87 2.59 -2.63
CA LEU A 67 6.02 2.88 -1.74
C LEU A 67 5.52 3.34 -0.37
N CYS A 68 5.62 2.43 0.63
CA CYS A 68 5.38 2.79 2.04
C CYS A 68 6.61 3.59 2.55
N ASP A 69 6.54 4.92 2.37
CA ASP A 69 7.63 5.86 2.66
C ASP A 69 7.80 6.09 4.19
N ALA A 70 8.67 5.29 4.80
CA ALA A 70 8.99 5.39 6.25
C ALA A 70 10.26 6.24 6.48
N PRO A 71 10.36 6.99 7.64
CA PRO A 71 11.54 7.85 7.95
C PRO A 71 12.86 7.05 8.15
N GLN A 72 12.74 5.75 8.47
CA GLN A 72 13.90 4.86 8.72
C GLN A 72 14.06 3.77 7.63
N ASP A 73 12.97 3.03 7.33
CA ASP A 73 13.00 1.91 6.37
C ASP A 73 11.76 1.92 5.45
N SER A 74 11.90 2.49 4.24
CA SER A 74 10.82 2.53 3.22
C SER A 74 10.80 1.22 2.39
N ARG A 75 9.59 0.73 2.05
CA ARG A 75 9.42 -0.56 1.31
C ARG A 75 8.48 -0.41 0.10
N ILE A 76 8.94 -0.95 -1.05
CA ILE A 76 8.20 -0.96 -2.33
C ILE A 76 7.32 -2.22 -2.42
N PHE A 77 6.04 -2.06 -2.80
CA PHE A 77 5.12 -3.18 -3.04
C PHE A 77 4.96 -3.43 -4.54
N LEU A 78 5.48 -4.58 -5.00
CA LEU A 78 5.19 -5.10 -6.34
C LEU A 78 3.83 -5.84 -6.28
N VAL A 79 2.74 -5.12 -6.60
CA VAL A 79 1.36 -5.67 -6.52
C VAL A 79 0.87 -6.08 -7.93
N SER A 80 0.54 -7.38 -8.11
CA SER A 80 -0.01 -7.92 -9.37
C SER A 80 -1.42 -8.50 -9.14
N VAL A 81 -2.44 -7.84 -9.73
CA VAL A 81 -3.84 -8.30 -9.65
C VAL A 81 -4.12 -9.32 -10.77
N GLU A 82 -4.23 -10.59 -10.37
CA GLU A 82 -4.39 -11.75 -11.29
C GLU A 82 -5.57 -12.63 -10.81
N GLU A 83 -5.71 -13.83 -11.45
CA GLU A 83 -6.58 -14.93 -10.96
C GLU A 83 -8.08 -14.50 -10.86
N PRO A 84 -8.73 -14.14 -12.01
CA PRO A 84 -10.04 -13.44 -12.01
C PRO A 84 -11.24 -14.27 -11.39
N MET A 3 11.75 -6.78 -2.08
CA MET A 3 10.57 -5.88 -1.99
C MET A 3 9.34 -6.63 -1.48
N THR A 4 8.48 -5.91 -0.75
CA THR A 4 7.34 -6.48 0.00
C THR A 4 6.11 -6.66 -0.94
N ARG A 5 6.07 -7.81 -1.65
CA ARG A 5 5.10 -8.08 -2.75
C ARG A 5 3.74 -8.59 -2.21
N VAL A 6 2.63 -8.18 -2.89
CA VAL A 6 1.24 -8.63 -2.55
C VAL A 6 0.42 -8.90 -3.85
N ARG A 7 -0.29 -10.04 -3.90
CA ARG A 7 -1.26 -10.36 -5.00
C ARG A 7 -2.72 -10.10 -4.53
N SER A 8 -3.59 -9.64 -5.47
CA SER A 8 -5.01 -9.34 -5.17
C SER A 8 -5.95 -9.82 -6.31
N THR A 9 -7.26 -9.92 -6.00
CA THR A 9 -8.31 -10.26 -6.99
C THR A 9 -9.03 -8.99 -7.52
N PRO A 10 -9.46 -8.99 -8.83
CA PRO A 10 -10.18 -7.85 -9.43
C PRO A 10 -11.62 -7.71 -8.86
N GLY A 11 -11.75 -6.90 -7.80
CA GLY A 11 -13.04 -6.71 -7.09
C GLY A 11 -12.91 -6.85 -5.57
N GLY A 12 -11.78 -7.41 -5.10
CA GLY A 12 -11.47 -7.49 -3.65
C GLY A 12 -10.48 -6.40 -3.22
N ASP A 13 -10.56 -5.93 -1.96
CA ASP A 13 -9.71 -4.83 -1.46
C ASP A 13 -8.22 -5.24 -1.37
N LEU A 14 -7.33 -4.42 -1.92
CA LEU A 14 -5.88 -4.57 -1.78
C LEU A 14 -5.44 -4.05 -0.40
N GLU A 15 -5.27 -4.96 0.57
CA GLU A 15 -4.84 -4.58 1.93
C GLU A 15 -3.34 -4.87 2.12
N LEU A 16 -2.53 -3.80 2.21
CA LEU A 16 -1.08 -3.91 2.45
C LEU A 16 -0.81 -3.82 3.96
N VAL A 17 -0.52 -4.97 4.60
CA VAL A 17 -0.20 -5.04 6.05
C VAL A 17 1.31 -4.93 6.24
N VAL A 18 1.79 -3.74 6.61
CA VAL A 18 3.22 -3.40 6.61
C VAL A 18 3.83 -3.46 8.01
N HIS A 19 4.98 -4.16 8.15
CA HIS A 19 5.80 -4.17 9.39
C HIS A 19 7.31 -4.14 9.05
N LEU A 20 7.69 -3.25 8.11
CA LEU A 20 9.12 -2.92 7.81
C LEU A 20 9.90 -2.37 9.05
N SER A 21 11.21 -2.10 8.85
CA SER A 21 12.13 -1.67 9.95
C SER A 21 12.12 -0.12 10.17
N GLY A 22 11.00 0.55 9.79
CA GLY A 22 10.84 2.00 9.99
C GLY A 22 9.70 2.32 10.98
N PRO A 23 10.00 2.46 12.32
CA PRO A 23 8.95 2.68 13.37
C PRO A 23 8.31 4.10 13.31
N GLY A 24 6.96 4.14 13.28
CA GLY A 24 6.20 5.40 13.32
C GLY A 24 6.43 6.28 12.08
N GLY A 25 7.10 7.43 12.27
CA GLY A 25 7.43 8.36 11.17
C GLY A 25 6.69 9.72 11.26
N PRO A 26 5.40 9.84 10.77
CA PRO A 26 4.60 8.74 10.16
C PRO A 26 5.07 8.36 8.73
N VAL A 27 4.94 7.07 8.39
CA VAL A 27 5.30 6.53 7.07
C VAL A 27 4.47 7.17 5.93
N ARG A 28 5.13 7.51 4.81
CA ARG A 28 4.50 8.18 3.66
C ARG A 28 4.15 7.15 2.58
N TRP A 29 2.89 7.17 2.12
CA TRP A 29 2.40 6.26 1.07
C TRP A 29 2.43 6.94 -0.31
N TYR A 30 2.91 6.18 -1.32
CA TYR A 30 2.95 6.64 -2.73
C TYR A 30 2.40 5.54 -3.67
N LYS A 31 1.77 5.96 -4.77
CA LYS A 31 1.46 5.12 -5.93
C LYS A 31 1.80 5.88 -7.22
N ASP A 32 2.49 5.20 -8.17
CA ASP A 32 2.98 5.79 -9.44
C ASP A 32 4.05 6.90 -9.21
N GLY A 33 4.65 6.92 -7.99
CA GLY A 33 5.59 7.97 -7.59
C GLY A 33 4.90 9.23 -7.00
N GLU A 34 3.56 9.20 -6.88
CA GLU A 34 2.77 10.31 -6.29
C GLU A 34 2.05 9.83 -5.03
N ARG A 35 2.10 10.63 -3.96
CA ARG A 35 1.53 10.27 -2.63
C ARG A 35 0.01 9.93 -2.69
N LEU A 36 -0.46 9.07 -1.76
CA LEU A 36 -1.91 8.81 -1.57
C LEU A 36 -2.47 9.65 -0.40
N ALA A 37 -3.81 9.74 -0.36
CA ALA A 37 -4.56 10.38 0.73
C ALA A 37 -5.78 9.52 1.11
N SER A 38 -6.20 9.60 2.37
CA SER A 38 -7.37 8.86 2.86
C SER A 38 -8.69 9.54 2.44
N GLN A 39 -9.32 9.05 1.35
CA GLN A 39 -10.68 9.54 0.94
C GLN A 39 -11.78 8.52 1.33
N GLY A 40 -11.91 7.44 0.55
CA GLY A 40 -12.95 6.42 0.77
C GLY A 40 -12.49 5.06 0.28
N ARG A 41 -12.19 4.97 -1.02
CA ARG A 41 -11.62 3.75 -1.63
C ARG A 41 -10.17 3.52 -1.16
N VAL A 42 -9.38 4.61 -1.13
CA VAL A 42 -8.03 4.61 -0.55
C VAL A 42 -8.12 4.79 0.98
N GLN A 43 -8.02 3.68 1.71
CA GLN A 43 -8.06 3.67 3.18
C GLN A 43 -6.62 3.68 3.75
N LEU A 44 -6.21 4.80 4.38
CA LEU A 44 -4.88 4.93 5.01
C LEU A 44 -4.98 4.88 6.55
N GLU A 45 -4.44 3.79 7.13
CA GLU A 45 -4.34 3.58 8.58
C GLU A 45 -2.95 4.04 9.10
N GLN A 46 -2.90 5.19 9.79
CA GLN A 46 -1.65 5.74 10.34
C GLN A 46 -1.44 5.23 11.79
N ALA A 47 -0.54 4.26 11.97
CA ALA A 47 -0.17 3.72 13.30
C ALA A 47 1.36 3.80 13.53
N GLY A 48 1.88 3.07 14.53
CA GLY A 48 3.33 2.95 14.74
C GLY A 48 4.03 2.09 13.68
N ALA A 49 4.11 0.78 13.94
CA ALA A 49 4.73 -0.20 13.01
C ALA A 49 3.71 -0.71 11.95
N ARG A 50 2.40 -0.73 12.30
CA ARG A 50 1.33 -1.29 11.44
C ARG A 50 0.74 -0.22 10.49
N GLN A 51 1.35 -0.07 9.30
CA GLN A 51 0.81 0.80 8.24
C GLN A 51 -0.09 -0.03 7.31
N VAL A 52 -1.33 0.44 7.04
CA VAL A 52 -2.30 -0.31 6.22
C VAL A 52 -2.91 0.58 5.10
N LEU A 53 -2.55 0.30 3.84
CA LEU A 53 -3.21 0.88 2.64
C LEU A 53 -4.20 -0.16 2.07
N ARG A 54 -5.52 0.15 2.13
CA ARG A 54 -6.58 -0.71 1.55
C ARG A 54 -7.22 -0.02 0.32
N VAL A 55 -6.94 -0.52 -0.90
CA VAL A 55 -7.65 -0.06 -2.12
C VAL A 55 -8.91 -0.94 -2.32
N GLN A 56 -10.07 -0.43 -1.85
CA GLN A 56 -11.37 -1.13 -1.91
C GLN A 56 -11.75 -1.53 -3.35
N GLY A 57 -11.95 -2.84 -3.60
CA GLY A 57 -12.30 -3.36 -4.93
C GLY A 57 -11.22 -3.09 -6.00
N ALA A 58 -10.01 -3.62 -5.77
CA ALA A 58 -8.84 -3.39 -6.65
C ALA A 58 -8.87 -4.25 -7.93
N ARG A 59 -9.08 -3.61 -9.11
CA ARG A 59 -9.03 -4.29 -10.43
C ARG A 59 -7.57 -4.33 -10.99
N SER A 60 -7.41 -4.76 -12.27
CA SER A 60 -6.08 -4.89 -12.94
C SER A 60 -5.32 -3.55 -13.05
N GLY A 61 -6.07 -2.43 -13.08
CA GLY A 61 -5.49 -1.08 -13.11
C GLY A 61 -4.77 -0.70 -11.80
N ASP A 62 -5.14 -1.36 -10.69
CA ASP A 62 -4.54 -1.13 -9.34
C ASP A 62 -3.30 -2.04 -9.08
N ALA A 63 -2.95 -2.88 -10.07
CA ALA A 63 -1.72 -3.71 -10.02
C ALA A 63 -0.49 -2.85 -10.35
N GLY A 64 0.26 -2.44 -9.31
CA GLY A 64 1.37 -1.49 -9.48
C GLY A 64 2.28 -1.38 -8.27
N GLU A 65 3.25 -0.46 -8.35
CA GLU A 65 4.24 -0.24 -7.29
C GLU A 65 3.74 0.79 -6.26
N TYR A 66 3.41 0.30 -5.06
CA TYR A 66 3.02 1.14 -3.92
C TYR A 66 4.23 1.35 -2.98
N LEU A 67 4.74 2.58 -2.91
CA LEU A 67 5.96 2.89 -2.14
C LEU A 67 5.59 3.30 -0.70
N CYS A 68 5.81 2.37 0.25
CA CYS A 68 5.72 2.63 1.68
C CYS A 68 7.07 3.19 2.18
N ASP A 69 7.23 4.52 2.05
CA ASP A 69 8.47 5.24 2.40
C ASP A 69 8.52 5.50 3.91
N ALA A 70 9.37 4.75 4.63
CA ALA A 70 9.45 4.80 6.11
C ALA A 70 10.80 5.36 6.60
N PRO A 71 10.90 5.85 7.89
CA PRO A 71 12.18 6.33 8.48
C PRO A 71 13.29 5.23 8.44
N GLN A 72 14.42 5.55 7.75
CA GLN A 72 15.58 4.64 7.53
C GLN A 72 15.29 3.55 6.46
N ASP A 73 14.29 2.68 6.71
CA ASP A 73 13.99 1.52 5.84
C ASP A 73 12.71 1.75 4.98
N SER A 74 12.90 2.14 3.70
CA SER A 74 11.80 2.37 2.73
C SER A 74 11.56 1.10 1.85
N ARG A 75 10.28 0.65 1.75
CA ARG A 75 9.91 -0.60 1.01
C ARG A 75 8.93 -0.30 -0.16
N ILE A 76 9.26 -0.85 -1.35
CA ILE A 76 8.37 -0.85 -2.53
C ILE A 76 7.48 -2.12 -2.50
N PHE A 77 6.17 -1.95 -2.77
CA PHE A 77 5.21 -3.07 -2.79
C PHE A 77 4.82 -3.39 -4.23
N LEU A 78 5.39 -4.50 -4.76
CA LEU A 78 5.06 -4.98 -6.11
C LEU A 78 3.71 -5.71 -6.07
N VAL A 79 2.63 -4.95 -6.35
CA VAL A 79 1.25 -5.47 -6.38
C VAL A 79 0.90 -6.04 -7.75
N SER A 80 0.31 -7.25 -7.75
CA SER A 80 -0.07 -7.96 -8.98
C SER A 80 -1.49 -8.54 -8.86
N VAL A 81 -2.44 -7.95 -9.60
CA VAL A 81 -3.81 -8.45 -9.71
C VAL A 81 -3.85 -9.46 -10.89
N GLU A 82 -3.95 -10.76 -10.57
CA GLU A 82 -3.73 -11.85 -11.56
C GLU A 82 -4.58 -13.12 -11.29
N GLU A 83 -5.55 -13.03 -10.38
CA GLU A 83 -6.49 -14.13 -10.08
C GLU A 83 -7.95 -13.64 -10.24
N PRO A 84 -8.65 -13.94 -11.38
CA PRO A 84 -10.06 -13.48 -11.63
C PRO A 84 -11.06 -13.82 -10.48
N MET A 3 11.91 -8.09 -1.18
CA MET A 3 10.96 -6.97 -1.38
C MET A 3 9.51 -7.45 -1.18
N THR A 4 8.67 -6.60 -0.54
CA THR A 4 7.25 -6.92 -0.26
C THR A 4 6.41 -7.06 -1.56
N ARG A 5 6.30 -8.30 -2.07
CA ARG A 5 5.39 -8.63 -3.19
C ARG A 5 4.01 -9.07 -2.65
N VAL A 6 2.93 -8.46 -3.19
CA VAL A 6 1.53 -8.75 -2.80
C VAL A 6 0.66 -8.98 -4.07
N ARG A 7 -0.23 -9.99 -4.03
CA ARG A 7 -1.14 -10.30 -5.16
C ARG A 7 -2.60 -9.86 -4.84
N SER A 8 -3.23 -9.13 -5.78
CA SER A 8 -4.60 -8.58 -5.60
C SER A 8 -5.62 -9.25 -6.57
N THR A 9 -6.93 -8.94 -6.39
CA THR A 9 -8.05 -9.63 -7.10
C THR A 9 -8.93 -8.67 -7.94
N PRO A 10 -9.33 -9.08 -9.20
CA PRO A 10 -10.17 -8.26 -10.11
C PRO A 10 -11.66 -8.27 -9.71
N GLY A 11 -12.04 -7.29 -8.88
CA GLY A 11 -13.40 -7.18 -8.32
C GLY A 11 -13.40 -7.18 -6.79
N GLY A 12 -12.25 -7.55 -6.19
CA GLY A 12 -12.09 -7.56 -4.74
C GLY A 12 -11.51 -6.26 -4.19
N ASP A 13 -10.57 -6.37 -3.24
CA ASP A 13 -9.92 -5.22 -2.59
C ASP A 13 -8.47 -5.54 -2.17
N LEU A 14 -7.62 -4.51 -2.14
CA LEU A 14 -6.23 -4.61 -1.67
C LEU A 14 -6.14 -4.36 -0.15
N GLU A 15 -5.17 -5.02 0.51
CA GLU A 15 -4.81 -4.74 1.93
C GLU A 15 -3.29 -4.92 2.14
N LEU A 16 -2.57 -3.80 2.35
CA LEU A 16 -1.12 -3.81 2.62
C LEU A 16 -0.87 -3.52 4.11
N VAL A 17 -0.59 -4.56 4.91
CA VAL A 17 -0.23 -4.40 6.33
C VAL A 17 1.30 -4.47 6.47
N VAL A 18 1.90 -3.35 6.88
CA VAL A 18 3.36 -3.13 6.79
C VAL A 18 4.02 -3.30 8.17
N HIS A 19 5.21 -3.96 8.17
CA HIS A 19 6.02 -4.18 9.39
C HIS A 19 7.51 -3.80 9.13
N LEU A 20 7.73 -2.82 8.22
CA LEU A 20 9.08 -2.21 8.00
C LEU A 20 9.72 -1.64 9.30
N SER A 21 11.06 -1.47 9.28
CA SER A 21 11.82 -0.92 10.44
C SER A 21 11.97 0.62 10.33
N GLY A 22 10.83 1.30 10.06
CA GLY A 22 10.80 2.76 9.92
C GLY A 22 10.72 3.47 11.28
N PRO A 23 11.62 4.46 11.58
CA PRO A 23 11.62 5.19 12.88
C PRO A 23 10.37 6.08 13.10
N GLY A 24 9.32 5.48 13.72
CA GLY A 24 8.09 6.20 14.12
C GLY A 24 7.25 6.73 12.96
N GLY A 25 7.63 7.92 12.46
CA GLY A 25 6.92 8.58 11.36
C GLY A 25 7.55 9.93 10.95
N PRO A 26 6.92 10.72 10.02
CA PRO A 26 5.69 10.32 9.27
C PRO A 26 6.00 9.33 8.09
N VAL A 27 5.50 8.09 8.21
CA VAL A 27 5.62 7.08 7.14
C VAL A 27 4.58 7.38 6.03
N ARG A 28 5.08 7.59 4.81
CA ARG A 28 4.28 8.03 3.64
C ARG A 28 3.84 6.83 2.79
N TRP A 29 2.87 7.06 1.91
CA TRP A 29 2.37 6.07 0.94
C TRP A 29 2.37 6.66 -0.47
N TYR A 30 2.94 5.91 -1.42
CA TYR A 30 2.97 6.28 -2.86
C TYR A 30 2.32 5.19 -3.73
N LYS A 31 2.01 5.57 -4.98
CA LYS A 31 1.49 4.63 -6.00
C LYS A 31 1.83 5.14 -7.41
N ASP A 32 2.50 4.28 -8.21
CA ASP A 32 2.82 4.55 -9.63
C ASP A 32 3.78 5.77 -9.77
N GLY A 33 4.43 6.16 -8.67
CA GLY A 33 5.32 7.32 -8.61
C GLY A 33 4.89 8.40 -7.61
N GLU A 34 3.57 8.56 -7.37
CA GLU A 34 3.03 9.70 -6.58
C GLU A 34 2.06 9.25 -5.46
N ARG A 35 2.08 10.02 -4.35
CA ARG A 35 1.45 9.63 -3.06
C ARG A 35 -0.08 9.44 -3.11
N LEU A 36 -0.59 8.58 -2.18
CA LEU A 36 -2.04 8.39 -1.95
C LEU A 36 -2.52 9.18 -0.71
N ALA A 37 -3.82 9.50 -0.70
CA ALA A 37 -4.52 10.11 0.45
C ALA A 37 -5.81 9.32 0.74
N SER A 38 -6.22 9.26 2.02
CA SER A 38 -7.45 8.54 2.45
C SER A 38 -8.70 9.11 1.73
N GLN A 39 -9.11 8.43 0.64
CA GLN A 39 -10.17 8.91 -0.26
C GLN A 39 -11.14 7.75 -0.64
N GLY A 40 -12.14 7.53 0.26
CA GLY A 40 -13.19 6.52 0.07
C GLY A 40 -12.68 5.08 -0.09
N ARG A 41 -12.40 4.71 -1.36
CA ARG A 41 -11.79 3.41 -1.73
C ARG A 41 -10.38 3.25 -1.09
N VAL A 42 -9.59 4.34 -1.15
CA VAL A 42 -8.26 4.40 -0.52
C VAL A 42 -8.40 4.63 1.00
N GLN A 43 -8.17 3.56 1.79
CA GLN A 43 -8.31 3.57 3.26
C GLN A 43 -6.93 3.46 3.94
N LEU A 44 -6.56 4.49 4.74
CA LEU A 44 -5.25 4.55 5.44
C LEU A 44 -5.41 4.34 6.97
N GLU A 45 -4.49 3.54 7.54
CA GLU A 45 -4.40 3.28 9.01
C GLU A 45 -2.92 3.42 9.46
N GLN A 46 -2.60 4.55 10.09
CA GLN A 46 -1.22 4.84 10.56
C GLN A 46 -1.09 4.61 12.10
N ALA A 47 -0.46 3.49 12.47
CA ALA A 47 -0.25 3.09 13.88
C ALA A 47 1.26 2.77 14.13
N GLY A 48 2.08 3.83 14.23
CA GLY A 48 3.55 3.69 14.37
C GLY A 48 4.23 3.17 13.10
N ALA A 49 4.85 1.98 13.18
CA ALA A 49 5.44 1.28 12.01
C ALA A 49 4.38 0.41 11.29
N ARG A 50 3.29 0.06 12.01
CA ARG A 50 2.13 -0.67 11.45
C ARG A 50 1.29 0.28 10.56
N GLN A 51 1.61 0.31 9.27
CA GLN A 51 0.89 1.10 8.25
C GLN A 51 -0.03 0.19 7.43
N VAL A 52 -1.25 0.65 7.13
CA VAL A 52 -2.19 -0.11 6.26
C VAL A 52 -2.74 0.79 5.13
N LEU A 53 -2.57 0.33 3.88
CA LEU A 53 -3.19 0.92 2.69
C LEU A 53 -4.14 -0.11 2.05
N ARG A 54 -5.41 0.27 1.91
CA ARG A 54 -6.44 -0.58 1.26
C ARG A 54 -7.01 0.16 0.03
N VAL A 55 -7.16 -0.55 -1.10
CA VAL A 55 -7.88 -0.01 -2.29
C VAL A 55 -9.13 -0.89 -2.55
N GLN A 56 -10.28 -0.40 -2.08
CA GLN A 56 -11.57 -1.11 -2.19
C GLN A 56 -12.14 -1.00 -3.64
N GLY A 57 -12.24 -2.14 -4.34
CA GLY A 57 -12.73 -2.17 -5.73
C GLY A 57 -11.59 -2.21 -6.75
N ALA A 58 -10.68 -3.19 -6.59
CA ALA A 58 -9.56 -3.44 -7.52
C ALA A 58 -10.03 -4.11 -8.84
N ARG A 59 -9.21 -4.02 -9.91
CA ARG A 59 -9.48 -4.72 -11.20
C ARG A 59 -8.22 -4.71 -12.11
N SER A 60 -7.68 -3.52 -12.40
CA SER A 60 -6.46 -3.36 -13.23
C SER A 60 -5.62 -2.14 -12.79
N GLY A 61 -6.29 -0.99 -12.57
CA GLY A 61 -5.62 0.25 -12.13
C GLY A 61 -4.95 0.18 -10.75
N ASP A 62 -5.34 -0.83 -9.95
CA ASP A 62 -4.72 -1.12 -8.63
C ASP A 62 -3.29 -1.74 -8.77
N ALA A 63 -3.03 -2.42 -9.89
CA ALA A 63 -1.77 -3.15 -10.12
C ALA A 63 -0.59 -2.19 -10.38
N GLY A 64 0.25 -2.01 -9.37
CA GLY A 64 1.40 -1.12 -9.47
C GLY A 64 2.28 -1.11 -8.22
N GLU A 65 3.28 -0.22 -8.20
CA GLU A 65 4.25 -0.13 -7.10
C GLU A 65 3.73 0.86 -6.03
N TYR A 66 3.50 0.34 -4.82
CA TYR A 66 3.10 1.13 -3.65
C TYR A 66 4.30 1.35 -2.71
N LEU A 67 4.86 2.56 -2.68
CA LEU A 67 6.06 2.85 -1.87
C LEU A 67 5.65 3.37 -0.48
N CYS A 68 5.74 2.48 0.52
CA CYS A 68 5.58 2.86 1.95
C CYS A 68 6.90 3.48 2.44
N ASP A 69 7.03 4.80 2.24
CA ASP A 69 8.26 5.56 2.51
C ASP A 69 8.45 5.80 4.02
N ALA A 70 9.64 5.50 4.55
CA ALA A 70 9.93 5.62 6.00
C ALA A 70 11.20 6.47 6.23
N PRO A 71 11.25 7.32 7.34
CA PRO A 71 12.38 8.28 7.60
C PRO A 71 13.81 7.70 7.44
N GLN A 72 13.95 6.38 7.69
CA GLN A 72 15.19 5.63 7.48
C GLN A 72 14.86 4.14 7.18
N ASP A 73 14.21 3.91 6.02
CA ASP A 73 13.93 2.55 5.49
C ASP A 73 13.34 2.63 4.04
N SER A 74 12.01 2.93 3.94
CA SER A 74 11.23 2.95 2.68
C SER A 74 11.11 1.55 2.02
N ARG A 75 9.91 0.95 2.12
CA ARG A 75 9.62 -0.41 1.60
C ARG A 75 8.74 -0.33 0.32
N ILE A 76 9.09 -1.12 -0.70
CA ILE A 76 8.38 -1.11 -2.01
C ILE A 76 7.41 -2.31 -2.12
N PHE A 77 6.10 -2.03 -2.28
CA PHE A 77 5.06 -3.07 -2.39
C PHE A 77 4.66 -3.29 -3.85
N LEU A 78 5.18 -4.38 -4.45
CA LEU A 78 4.88 -4.75 -5.83
C LEU A 78 3.52 -5.50 -5.88
N VAL A 79 2.45 -4.75 -6.14
CA VAL A 79 1.06 -5.28 -6.15
C VAL A 79 0.60 -5.58 -7.60
N SER A 80 0.23 -6.85 -7.85
CA SER A 80 -0.25 -7.31 -9.18
C SER A 80 -1.67 -7.91 -9.09
N VAL A 81 -2.65 -7.27 -9.77
CA VAL A 81 -4.04 -7.76 -9.83
C VAL A 81 -4.16 -8.82 -10.94
N GLU A 82 -4.37 -10.08 -10.54
CA GLU A 82 -4.37 -11.22 -11.48
C GLU A 82 -5.26 -12.38 -11.01
N GLU A 83 -5.21 -12.70 -9.71
CA GLU A 83 -5.92 -13.86 -9.11
C GLU A 83 -7.46 -13.65 -9.17
N PRO A 84 -8.22 -14.36 -10.07
CA PRO A 84 -9.67 -14.10 -10.30
C PRO A 84 -10.56 -14.26 -9.01
N MET A 3 11.75 -6.57 -1.83
CA MET A 3 10.51 -5.78 -2.05
C MET A 3 9.31 -6.50 -1.40
N THR A 4 8.48 -5.72 -0.67
CA THR A 4 7.31 -6.25 0.08
C THR A 4 6.11 -6.46 -0.91
N ARG A 5 6.10 -7.62 -1.58
CA ARG A 5 5.14 -7.93 -2.67
C ARG A 5 3.78 -8.45 -2.13
N VAL A 6 2.67 -8.01 -2.77
CA VAL A 6 1.28 -8.43 -2.42
C VAL A 6 0.48 -8.76 -3.71
N ARG A 7 -0.40 -9.78 -3.65
CA ARG A 7 -1.33 -10.13 -4.75
C ARG A 7 -2.77 -10.29 -4.23
N SER A 8 -3.76 -9.89 -5.05
CA SER A 8 -5.20 -10.10 -4.78
C SER A 8 -5.97 -10.33 -6.11
N THR A 9 -7.26 -10.71 -6.01
CA THR A 9 -8.11 -11.00 -7.19
C THR A 9 -8.60 -9.73 -7.94
N PRO A 10 -8.79 -9.82 -9.30
CA PRO A 10 -9.13 -8.66 -10.14
C PRO A 10 -10.61 -8.19 -9.98
N GLY A 11 -10.77 -7.00 -9.37
CA GLY A 11 -12.09 -6.44 -9.06
C GLY A 11 -12.43 -6.52 -7.57
N GLY A 12 -11.59 -7.23 -6.80
CA GLY A 12 -11.79 -7.42 -5.35
C GLY A 12 -11.18 -6.31 -4.51
N ASP A 13 -10.88 -6.62 -3.24
CA ASP A 13 -10.20 -5.68 -2.33
C ASP A 13 -8.67 -5.68 -2.58
N LEU A 14 -7.96 -4.67 -2.07
CA LEU A 14 -6.49 -4.68 -2.01
C LEU A 14 -6.03 -4.19 -0.64
N GLU A 15 -5.46 -5.07 0.18
CA GLU A 15 -4.97 -4.72 1.53
C GLU A 15 -3.48 -5.07 1.66
N LEU A 16 -2.62 -4.03 1.72
CA LEU A 16 -1.18 -4.20 1.94
C LEU A 16 -0.91 -4.19 3.46
N VAL A 17 -0.64 -5.37 4.03
CA VAL A 17 -0.35 -5.52 5.47
C VAL A 17 1.17 -5.35 5.68
N VAL A 18 1.55 -4.21 6.27
CA VAL A 18 2.97 -3.79 6.36
C VAL A 18 3.42 -3.73 7.84
N HIS A 19 4.58 -4.37 8.11
CA HIS A 19 5.22 -4.34 9.45
C HIS A 19 6.75 -4.24 9.30
N LEU A 20 7.20 -3.36 8.37
CA LEU A 20 8.62 -2.96 8.23
C LEU A 20 9.21 -2.36 9.53
N SER A 21 10.55 -2.22 9.57
CA SER A 21 11.27 -1.68 10.76
C SER A 21 10.80 -0.24 11.09
N GLY A 22 10.78 0.62 10.04
CA GLY A 22 10.29 2.01 10.15
C GLY A 22 10.79 2.81 11.36
N PRO A 23 12.13 3.11 11.43
CA PRO A 23 12.73 3.83 12.60
C PRO A 23 12.18 5.28 12.75
N GLY A 24 11.18 5.43 13.63
CA GLY A 24 10.52 6.73 13.86
C GLY A 24 9.28 6.93 12.97
N GLY A 25 8.95 8.21 12.71
CA GLY A 25 7.77 8.56 11.90
C GLY A 25 7.74 10.05 11.52
N PRO A 26 6.70 10.54 10.76
CA PRO A 26 5.60 9.70 10.18
C PRO A 26 6.03 8.90 8.91
N VAL A 27 5.30 7.80 8.64
CA VAL A 27 5.46 7.00 7.41
C VAL A 27 4.41 7.44 6.36
N ARG A 28 4.86 7.70 5.13
CA ARG A 28 4.02 8.20 4.01
C ARG A 28 3.71 7.07 3.00
N TRP A 29 2.53 7.12 2.37
CA TRP A 29 2.14 6.17 1.31
C TRP A 29 2.20 6.84 -0.07
N TYR A 30 2.83 6.15 -1.03
CA TYR A 30 2.93 6.58 -2.44
C TYR A 30 2.44 5.44 -3.38
N LYS A 31 2.19 5.81 -4.64
CA LYS A 31 1.81 4.87 -5.72
C LYS A 31 2.26 5.41 -7.09
N ASP A 32 3.20 4.68 -7.73
CA ASP A 32 3.71 4.93 -9.11
C ASP A 32 4.63 6.18 -9.22
N GLY A 33 4.43 7.18 -8.34
CA GLY A 33 5.11 8.47 -8.43
C GLY A 33 4.38 9.57 -7.66
N GLU A 34 3.13 9.30 -7.23
CA GLU A 34 2.32 10.25 -6.43
C GLU A 34 1.76 9.58 -5.17
N ARG A 35 1.80 10.31 -4.04
CA ARG A 35 1.26 9.86 -2.74
C ARG A 35 -0.25 9.52 -2.80
N LEU A 36 -0.68 8.58 -1.94
CA LEU A 36 -2.12 8.27 -1.76
C LEU A 36 -2.71 9.11 -0.61
N ALA A 37 -3.90 9.69 -0.85
CA ALA A 37 -4.68 10.40 0.18
C ALA A 37 -5.81 9.50 0.72
N SER A 38 -6.39 9.87 1.88
CA SER A 38 -7.54 9.14 2.48
C SER A 38 -8.82 9.33 1.61
N GLN A 39 -9.00 8.42 0.65
CA GLN A 39 -10.15 8.39 -0.26
C GLN A 39 -11.20 7.35 0.23
N GLY A 40 -12.43 7.41 -0.30
CA GLY A 40 -13.49 6.42 0.02
C GLY A 40 -13.09 4.97 -0.29
N ARG A 41 -12.39 4.79 -1.44
CA ARG A 41 -11.76 3.50 -1.79
C ARG A 41 -10.43 3.31 -1.01
N VAL A 42 -9.55 4.33 -1.14
CA VAL A 42 -8.16 4.28 -0.61
C VAL A 42 -8.11 4.66 0.91
N GLN A 43 -8.31 3.64 1.75
CA GLN A 43 -8.22 3.76 3.23
C GLN A 43 -6.75 3.74 3.70
N LEU A 44 -6.36 4.68 4.58
CA LEU A 44 -4.98 4.72 5.18
C LEU A 44 -5.00 4.56 6.71
N GLU A 45 -3.87 4.06 7.26
CA GLU A 45 -3.63 3.97 8.72
C GLU A 45 -2.28 4.66 9.07
N GLN A 46 -2.36 5.77 9.83
CA GLN A 46 -1.19 6.53 10.30
C GLN A 46 -0.77 6.06 11.72
N ALA A 47 0.44 5.46 11.84
CA ALA A 47 0.94 4.90 13.11
C ALA A 47 2.48 4.82 13.14
N GLY A 48 3.06 3.95 12.30
CA GLY A 48 4.51 3.67 12.30
C GLY A 48 4.80 2.20 12.62
N ALA A 49 5.77 1.59 11.91
CA ALA A 49 5.98 0.12 11.87
C ALA A 49 4.77 -0.59 11.22
N ARG A 50 3.61 -0.60 11.92
CA ARG A 50 2.31 -0.97 11.35
C ARG A 50 1.83 0.14 10.37
N GLN A 51 1.71 -0.24 9.10
CA GLN A 51 1.08 0.57 8.03
C GLN A 51 0.14 -0.35 7.23
N VAL A 52 -1.08 0.09 6.95
CA VAL A 52 -2.02 -0.68 6.11
C VAL A 52 -2.73 0.24 5.09
N LEU A 53 -2.49 -0.02 3.80
CA LEU A 53 -3.20 0.66 2.67
C LEU A 53 -4.27 -0.30 2.11
N ARG A 54 -5.53 0.17 2.08
CA ARG A 54 -6.66 -0.58 1.49
C ARG A 54 -7.24 0.15 0.27
N VAL A 55 -7.01 -0.36 -0.95
CA VAL A 55 -7.71 0.12 -2.18
C VAL A 55 -8.91 -0.81 -2.48
N GLN A 56 -10.09 -0.39 -2.03
CA GLN A 56 -11.35 -1.14 -2.21
C GLN A 56 -11.81 -1.10 -3.69
N GLY A 57 -12.11 -2.27 -4.28
CA GLY A 57 -12.50 -2.38 -5.69
C GLY A 57 -11.32 -2.22 -6.66
N ALA A 58 -10.19 -2.83 -6.28
CA ALA A 58 -8.93 -2.77 -7.03
C ALA A 58 -8.91 -3.74 -8.25
N ARG A 59 -8.52 -3.24 -9.43
CA ARG A 59 -8.27 -4.06 -10.63
C ARG A 59 -7.30 -3.34 -11.61
N SER A 60 -7.86 -2.47 -12.46
CA SER A 60 -7.12 -1.81 -13.56
C SER A 60 -6.56 -0.45 -13.09
N GLY A 61 -5.22 -0.29 -13.18
CA GLY A 61 -4.52 0.91 -12.66
C GLY A 61 -4.08 0.76 -11.20
N ASP A 62 -4.86 -0.02 -10.42
CA ASP A 62 -4.59 -0.30 -9.00
C ASP A 62 -3.44 -1.33 -8.84
N ALA A 63 -3.29 -2.22 -9.83
CA ALA A 63 -2.13 -3.14 -9.89
C ALA A 63 -0.88 -2.35 -10.31
N GLY A 64 0.10 -2.25 -9.38
CA GLY A 64 1.30 -1.44 -9.63
C GLY A 64 2.21 -1.34 -8.40
N GLU A 65 3.22 -0.46 -8.47
CA GLU A 65 4.22 -0.30 -7.40
C GLU A 65 3.76 0.74 -6.36
N TYR A 66 3.50 0.27 -5.14
CA TYR A 66 3.22 1.13 -3.97
C TYR A 66 4.51 1.35 -3.16
N LEU A 67 4.59 2.46 -2.42
CA LEU A 67 5.80 2.81 -1.64
C LEU A 67 5.42 3.24 -0.20
N CYS A 68 5.67 2.35 0.78
CA CYS A 68 5.56 2.70 2.21
C CYS A 68 6.87 3.38 2.64
N ASP A 69 6.90 4.70 2.45
CA ASP A 69 8.08 5.54 2.68
C ASP A 69 8.26 5.83 4.18
N ALA A 70 9.10 5.02 4.83
CA ALA A 70 9.42 5.16 6.26
C ALA A 70 10.79 5.85 6.45
N PRO A 71 10.97 6.70 7.54
CA PRO A 71 12.25 7.41 7.82
C PRO A 71 13.48 6.45 7.91
N GLN A 72 14.39 6.57 6.91
CA GLN A 72 15.61 5.72 6.80
C GLN A 72 15.28 4.21 6.66
N ASP A 73 14.16 3.91 5.97
CA ASP A 73 13.70 2.52 5.72
C ASP A 73 13.14 2.39 4.27
N SER A 74 11.84 2.80 4.07
CA SER A 74 11.17 2.88 2.74
C SER A 74 11.16 1.55 1.93
N ARG A 75 10.00 0.84 1.90
CA ARG A 75 9.84 -0.43 1.13
C ARG A 75 8.97 -0.22 -0.14
N ILE A 76 9.43 -0.80 -1.27
CA ILE A 76 8.68 -0.85 -2.55
C ILE A 76 7.82 -2.14 -2.59
N PHE A 77 6.59 -2.00 -3.09
CA PHE A 77 5.57 -3.07 -3.12
C PHE A 77 5.24 -3.43 -4.57
N LEU A 78 5.76 -4.57 -5.06
CA LEU A 78 5.35 -5.08 -6.37
C LEU A 78 3.98 -5.77 -6.21
N VAL A 79 2.91 -4.98 -6.42
CA VAL A 79 1.52 -5.41 -6.20
C VAL A 79 0.87 -5.81 -7.54
N SER A 80 0.44 -7.08 -7.62
CA SER A 80 -0.25 -7.63 -8.80
C SER A 80 -1.71 -7.97 -8.45
N VAL A 81 -2.66 -7.18 -8.97
CA VAL A 81 -4.10 -7.50 -8.85
C VAL A 81 -4.54 -8.24 -10.14
N GLU A 82 -4.70 -9.55 -10.02
CA GLU A 82 -4.92 -10.48 -11.14
C GLU A 82 -5.23 -11.89 -10.58
N GLU A 83 -5.16 -12.93 -11.45
CA GLU A 83 -5.47 -14.33 -11.07
C GLU A 83 -6.99 -14.43 -10.69
N PRO A 84 -7.92 -14.56 -11.71
CA PRO A 84 -9.39 -14.50 -11.49
C PRO A 84 -9.95 -15.64 -10.57
N MET A 3 11.87 -7.15 0.27
CA MET A 3 10.90 -6.30 -0.49
C MET A 3 9.46 -6.78 -0.21
N THR A 4 8.62 -5.90 0.34
CA THR A 4 7.26 -6.26 0.80
C THR A 4 6.26 -6.26 -0.37
N ARG A 5 5.83 -7.46 -0.82
CA ARG A 5 4.91 -7.63 -1.97
C ARG A 5 3.54 -8.17 -1.51
N VAL A 6 2.43 -7.75 -2.17
CA VAL A 6 1.05 -8.25 -1.87
C VAL A 6 0.26 -8.50 -3.19
N ARG A 7 -0.49 -9.62 -3.26
CA ARG A 7 -1.46 -9.89 -4.35
C ARG A 7 -2.91 -9.90 -3.80
N SER A 8 -3.85 -9.30 -4.56
CA SER A 8 -5.30 -9.31 -4.21
C SER A 8 -6.15 -9.76 -5.43
N THR A 9 -7.43 -10.09 -5.20
CA THR A 9 -8.35 -10.57 -6.25
C THR A 9 -9.00 -9.40 -7.05
N PRO A 10 -9.31 -9.62 -8.37
CA PRO A 10 -9.79 -8.57 -9.28
C PRO A 10 -11.31 -8.25 -9.09
N GLY A 11 -11.60 -7.52 -8.00
CA GLY A 11 -12.99 -7.17 -7.64
C GLY A 11 -13.12 -6.64 -6.23
N GLY A 12 -12.27 -7.15 -5.31
CA GLY A 12 -12.37 -6.82 -3.87
C GLY A 12 -11.66 -5.53 -3.47
N ASP A 13 -10.95 -5.54 -2.33
CA ASP A 13 -10.10 -4.40 -1.90
C ASP A 13 -8.62 -4.83 -1.88
N LEU A 14 -7.74 -3.93 -2.31
CA LEU A 14 -6.29 -4.14 -2.27
C LEU A 14 -5.74 -3.71 -0.90
N GLU A 15 -5.50 -4.69 -0.01
CA GLU A 15 -5.06 -4.44 1.38
C GLU A 15 -3.53 -4.69 1.50
N LEU A 16 -2.75 -3.60 1.54
CA LEU A 16 -1.28 -3.67 1.63
C LEU A 16 -0.82 -3.53 3.10
N VAL A 17 -0.46 -4.66 3.72
CA VAL A 17 -0.02 -4.71 5.13
C VAL A 17 1.51 -4.86 5.18
N VAL A 18 2.19 -3.84 5.74
CA VAL A 18 3.67 -3.83 5.84
C VAL A 18 4.09 -4.24 7.26
N HIS A 19 5.13 -5.07 7.34
CA HIS A 19 5.77 -5.50 8.60
C HIS A 19 7.11 -4.76 8.80
N LEU A 20 7.11 -3.46 8.41
CA LEU A 20 8.24 -2.51 8.60
C LEU A 20 8.68 -2.43 10.09
N SER A 21 7.68 -2.44 11.00
CA SER A 21 7.87 -2.31 12.47
C SER A 21 8.49 -0.93 12.85
N GLY A 22 8.37 0.06 11.93
CA GLY A 22 8.89 1.40 12.14
C GLY A 22 7.94 2.27 12.99
N PRO A 23 8.48 3.04 14.00
CA PRO A 23 7.63 3.79 14.97
C PRO A 23 6.88 5.02 14.35
N GLY A 24 5.66 4.76 13.84
CA GLY A 24 4.76 5.80 13.33
C GLY A 24 5.27 6.50 12.07
N GLY A 25 5.94 7.66 12.26
CA GLY A 25 6.49 8.45 11.13
C GLY A 25 5.95 9.89 11.10
N PRO A 26 4.79 10.18 10.40
CA PRO A 26 3.93 9.17 9.72
C PRO A 26 4.53 8.63 8.39
N VAL A 27 4.28 7.34 8.12
CA VAL A 27 4.64 6.69 6.84
C VAL A 27 3.81 7.28 5.68
N ARG A 28 4.51 7.68 4.60
CA ARG A 28 3.88 8.24 3.40
C ARG A 28 3.69 7.12 2.35
N TRP A 29 2.47 6.97 1.85
CA TRP A 29 2.14 6.00 0.79
C TRP A 29 2.12 6.69 -0.58
N TYR A 30 2.80 6.08 -1.56
CA TYR A 30 2.82 6.56 -2.96
C TYR A 30 2.41 5.40 -3.91
N LYS A 31 1.55 5.70 -4.89
CA LYS A 31 1.19 4.77 -5.98
C LYS A 31 1.92 5.20 -7.27
N ASP A 32 2.81 4.31 -7.76
CA ASP A 32 3.74 4.54 -8.89
C ASP A 32 4.88 5.54 -8.49
N GLY A 33 4.46 6.75 -8.11
CA GLY A 33 5.36 7.77 -7.54
C GLY A 33 4.58 8.91 -6.85
N GLU A 34 3.24 8.93 -7.03
CA GLU A 34 2.37 10.01 -6.51
C GLU A 34 1.56 9.53 -5.29
N ARG A 35 1.49 10.37 -4.23
CA ARG A 35 0.92 10.00 -2.91
C ARG A 35 -0.57 9.56 -2.96
N LEU A 36 -0.97 8.71 -1.99
CA LEU A 36 -2.38 8.36 -1.73
C LEU A 36 -3.03 9.39 -0.80
N ALA A 37 -4.36 9.41 -0.80
CA ALA A 37 -5.17 10.34 0.00
C ALA A 37 -6.37 9.58 0.63
N SER A 38 -6.29 9.33 1.94
CA SER A 38 -7.31 8.57 2.70
C SER A 38 -8.67 9.30 2.70
N GLN A 39 -9.58 8.86 1.80
CA GLN A 39 -10.91 9.47 1.62
C GLN A 39 -12.05 8.43 1.78
N GLY A 40 -12.11 7.44 0.86
CA GLY A 40 -13.21 6.45 0.83
C GLY A 40 -12.76 5.09 0.30
N ARG A 41 -12.36 5.05 -0.99
CA ARG A 41 -11.74 3.83 -1.58
C ARG A 41 -10.36 3.62 -0.92
N VAL A 42 -9.50 4.65 -1.07
CA VAL A 42 -8.18 4.71 -0.43
C VAL A 42 -8.32 4.99 1.08
N GLN A 43 -7.74 4.10 1.91
CA GLN A 43 -7.78 4.19 3.38
C GLN A 43 -6.38 3.91 3.96
N LEU A 44 -5.76 4.93 4.59
CA LEU A 44 -4.39 4.83 5.17
C LEU A 44 -4.47 4.55 6.70
N GLU A 45 -4.12 3.32 7.08
CA GLU A 45 -4.19 2.83 8.46
C GLU A 45 -2.79 2.93 9.14
N GLN A 46 -2.65 3.88 10.07
CA GLN A 46 -1.42 4.05 10.88
C GLN A 46 -1.64 3.39 12.28
N ALA A 47 -1.06 2.19 12.46
CA ALA A 47 -1.18 1.42 13.73
C ALA A 47 -0.03 1.75 14.71
N GLY A 48 1.15 2.10 14.19
CA GLY A 48 2.34 2.43 15.01
C GLY A 48 3.56 1.57 14.66
N ALA A 49 3.32 0.27 14.45
CA ALA A 49 4.33 -0.68 13.90
C ALA A 49 3.88 -1.22 12.53
N ARG A 50 2.55 -1.26 12.33
CA ARG A 50 1.92 -1.73 11.08
C ARG A 50 1.35 -0.54 10.25
N GLN A 51 1.48 -0.62 8.92
CA GLN A 51 0.90 0.36 7.97
C GLN A 51 0.03 -0.40 6.94
N VAL A 52 -1.24 0.03 6.74
CA VAL A 52 -2.16 -0.65 5.80
C VAL A 52 -2.84 0.35 4.82
N LEU A 53 -2.47 0.29 3.52
CA LEU A 53 -3.20 0.99 2.43
C LEU A 53 -4.24 0.04 1.82
N ARG A 54 -5.53 0.35 2.01
CA ARG A 54 -6.65 -0.40 1.38
C ARG A 54 -7.29 0.42 0.25
N VAL A 55 -7.27 -0.09 -1.00
CA VAL A 55 -7.98 0.52 -2.15
C VAL A 55 -9.20 -0.36 -2.53
N GLN A 56 -10.40 0.07 -2.12
CA GLN A 56 -11.67 -0.65 -2.39
C GLN A 56 -12.10 -0.48 -3.86
N GLY A 57 -12.45 -1.61 -4.52
CA GLY A 57 -12.73 -1.65 -5.96
C GLY A 57 -11.48 -1.89 -6.79
N ALA A 58 -10.64 -2.85 -6.35
CA ALA A 58 -9.33 -3.16 -6.97
C ALA A 58 -9.47 -4.21 -8.11
N ARG A 59 -9.17 -3.80 -9.37
CA ARG A 59 -9.15 -4.70 -10.55
C ARG A 59 -7.82 -4.59 -11.36
N SER A 60 -7.72 -3.54 -12.21
CA SER A 60 -6.70 -3.47 -13.30
C SER A 60 -5.51 -2.56 -12.93
N GLY A 61 -5.70 -1.23 -12.99
CA GLY A 61 -4.62 -0.25 -12.75
C GLY A 61 -4.17 -0.17 -11.29
N ASP A 62 -4.88 -0.88 -10.40
CA ASP A 62 -4.56 -0.96 -8.95
C ASP A 62 -3.25 -1.76 -8.71
N ALA A 63 -2.91 -2.64 -9.67
CA ALA A 63 -1.63 -3.37 -9.70
C ALA A 63 -0.50 -2.41 -10.08
N GLY A 64 0.57 -2.38 -9.29
CA GLY A 64 1.67 -1.45 -9.50
C GLY A 64 2.62 -1.33 -8.31
N GLU A 65 3.67 -0.51 -8.45
CA GLU A 65 4.68 -0.35 -7.39
C GLU A 65 4.23 0.71 -6.37
N TYR A 66 4.01 0.28 -5.11
CA TYR A 66 3.64 1.21 -4.01
C TYR A 66 4.87 1.50 -3.12
N LEU A 67 5.18 2.78 -2.98
CA LEU A 67 6.32 3.26 -2.20
C LEU A 67 5.85 3.61 -0.76
N CYS A 68 6.11 2.68 0.18
CA CYS A 68 5.80 2.88 1.61
C CYS A 68 7.00 3.53 2.33
N ASP A 69 7.02 4.87 2.31
CA ASP A 69 8.10 5.69 2.86
C ASP A 69 8.11 5.66 4.42
N ALA A 70 8.93 4.77 4.98
CA ALA A 70 9.01 4.49 6.44
C ALA A 70 9.78 5.58 7.23
N PRO A 71 9.64 5.65 8.61
CA PRO A 71 10.44 6.59 9.45
C PRO A 71 11.92 6.12 9.66
N GLN A 72 12.27 4.93 9.15
CA GLN A 72 13.63 4.35 9.26
C GLN A 72 14.27 4.17 7.86
N ASP A 73 13.58 3.42 6.98
CA ASP A 73 14.07 3.08 5.62
C ASP A 73 12.87 2.82 4.68
N SER A 74 12.77 3.64 3.60
CA SER A 74 11.64 3.57 2.63
C SER A 74 11.58 2.21 1.90
N ARG A 75 10.40 1.57 1.92
CA ARG A 75 10.18 0.24 1.32
C ARG A 75 9.35 0.34 0.02
N ILE A 76 9.62 -0.55 -0.94
CA ILE A 76 8.85 -0.66 -2.20
C ILE A 76 7.99 -1.95 -2.20
N PHE A 77 6.82 -1.87 -2.84
CA PHE A 77 5.89 -2.99 -3.07
C PHE A 77 5.90 -3.41 -4.54
N LEU A 78 5.88 -4.74 -4.79
CA LEU A 78 5.52 -5.29 -6.11
C LEU A 78 4.10 -5.87 -5.99
N VAL A 79 3.10 -5.06 -6.33
CA VAL A 79 1.68 -5.40 -6.17
C VAL A 79 1.06 -5.85 -7.50
N SER A 80 0.33 -6.97 -7.45
CA SER A 80 -0.45 -7.51 -8.56
C SER A 80 -1.89 -7.76 -8.10
N VAL A 81 -2.87 -7.18 -8.79
CA VAL A 81 -4.30 -7.49 -8.54
C VAL A 81 -4.79 -8.39 -9.68
N GLU A 82 -4.96 -9.68 -9.36
CA GLU A 82 -5.23 -10.76 -10.32
C GLU A 82 -5.58 -12.07 -9.54
N GLU A 83 -5.62 -13.21 -10.26
CA GLU A 83 -6.05 -14.52 -9.71
C GLU A 83 -7.55 -14.43 -9.25
N PRO A 84 -8.53 -14.66 -10.21
CA PRO A 84 -9.98 -14.49 -9.93
C PRO A 84 -10.53 -15.46 -8.82
N MET A 3 11.71 -5.76 -1.16
CA MET A 3 10.36 -5.31 -1.55
C MET A 3 9.27 -6.13 -0.84
N THR A 4 8.14 -5.49 -0.52
CA THR A 4 7.03 -6.10 0.25
C THR A 4 5.86 -6.51 -0.71
N ARG A 5 5.93 -7.75 -1.26
CA ARG A 5 4.99 -8.23 -2.32
C ARG A 5 3.62 -8.64 -1.73
N VAL A 6 2.52 -8.28 -2.44
CA VAL A 6 1.13 -8.67 -2.08
C VAL A 6 0.33 -9.00 -3.37
N ARG A 7 -0.44 -10.11 -3.38
CA ARG A 7 -1.30 -10.50 -4.53
C ARG A 7 -2.72 -9.89 -4.37
N SER A 8 -3.37 -9.52 -5.50
CA SER A 8 -4.69 -8.83 -5.49
C SER A 8 -5.71 -9.54 -6.42
N THR A 9 -7.01 -9.28 -6.17
CA THR A 9 -8.15 -9.88 -6.90
C THR A 9 -8.91 -8.81 -7.75
N PRO A 10 -9.54 -9.21 -8.90
CA PRO A 10 -10.23 -8.27 -9.82
C PRO A 10 -11.65 -7.84 -9.34
N GLY A 11 -11.71 -6.65 -8.72
CA GLY A 11 -13.00 -6.06 -8.24
C GLY A 11 -13.09 -5.95 -6.71
N GLY A 12 -12.20 -6.63 -5.97
CA GLY A 12 -12.22 -6.62 -4.49
C GLY A 12 -11.56 -5.39 -3.87
N ASP A 13 -10.86 -5.58 -2.73
CA ASP A 13 -10.07 -4.51 -2.08
C ASP A 13 -8.64 -5.02 -1.73
N LEU A 14 -7.63 -4.27 -2.18
CA LEU A 14 -6.22 -4.55 -1.85
C LEU A 14 -5.90 -4.06 -0.43
N GLU A 15 -5.42 -4.95 0.45
CA GLU A 15 -4.92 -4.56 1.79
C GLU A 15 -3.41 -4.84 1.90
N LEU A 16 -2.61 -3.77 2.00
CA LEU A 16 -1.16 -3.88 2.23
C LEU A 16 -0.88 -3.83 3.74
N VAL A 17 -0.62 -5.00 4.35
CA VAL A 17 -0.28 -5.11 5.79
C VAL A 17 1.24 -5.04 5.94
N VAL A 18 1.75 -3.92 6.46
CA VAL A 18 3.19 -3.62 6.45
C VAL A 18 3.84 -3.96 7.81
N HIS A 19 4.72 -4.97 7.82
CA HIS A 19 5.49 -5.35 9.01
C HIS A 19 6.84 -4.59 9.10
N LEU A 20 6.83 -3.31 8.61
CA LEU A 20 7.89 -2.31 8.88
C LEU A 20 8.18 -2.17 10.41
N SER A 21 9.40 -1.71 10.74
CA SER A 21 9.73 -1.27 12.11
C SER A 21 9.06 0.11 12.36
N GLY A 22 7.73 0.08 12.55
CA GLY A 22 6.92 1.29 12.63
C GLY A 22 7.35 2.29 13.74
N PRO A 23 7.75 3.55 13.39
CA PRO A 23 8.09 4.59 14.40
C PRO A 23 6.84 5.38 14.90
N GLY A 24 5.67 4.71 14.93
CA GLY A 24 4.39 5.36 15.25
C GLY A 24 3.78 6.09 14.06
N GLY A 25 4.52 7.07 13.52
CA GLY A 25 4.09 7.86 12.36
C GLY A 25 4.74 9.25 12.32
N PRO A 26 4.51 10.06 11.23
CA PRO A 26 3.74 9.65 10.04
C PRO A 26 4.60 8.97 8.93
N VAL A 27 3.98 8.03 8.19
CA VAL A 27 4.63 7.37 7.02
C VAL A 27 3.88 7.75 5.72
N ARG A 28 4.64 8.07 4.67
CA ARG A 28 4.09 8.57 3.38
C ARG A 28 3.98 7.42 2.36
N TRP A 29 2.79 7.27 1.76
CA TRP A 29 2.55 6.27 0.68
C TRP A 29 2.60 6.95 -0.69
N TYR A 30 3.14 6.24 -1.72
CA TYR A 30 3.21 6.73 -3.11
C TYR A 30 2.80 5.61 -4.11
N LYS A 31 1.79 5.87 -4.97
CA LYS A 31 1.38 4.94 -6.07
C LYS A 31 1.57 5.65 -7.42
N ASP A 32 2.22 4.95 -8.38
CA ASP A 32 2.53 5.49 -9.73
C ASP A 32 3.45 6.74 -9.65
N GLY A 33 4.25 6.81 -8.55
CA GLY A 33 5.16 7.93 -8.30
C GLY A 33 4.53 9.13 -7.56
N GLU A 34 3.22 9.06 -7.23
CA GLU A 34 2.51 10.18 -6.56
C GLU A 34 1.83 9.70 -5.26
N ARG A 35 1.81 10.57 -4.24
CA ARG A 35 1.34 10.22 -2.88
C ARG A 35 -0.18 9.90 -2.79
N LEU A 36 -0.56 9.05 -1.80
CA LEU A 36 -1.97 8.66 -1.53
C LEU A 36 -2.65 9.65 -0.56
N ALA A 37 -3.99 9.62 -0.55
CA ALA A 37 -4.83 10.50 0.28
C ALA A 37 -6.10 9.74 0.75
N SER A 38 -6.14 9.39 2.05
CA SER A 38 -7.23 8.59 2.66
C SER A 38 -8.58 9.36 2.66
N GLN A 39 -9.39 9.15 1.60
CA GLN A 39 -10.71 9.82 1.44
C GLN A 39 -11.77 8.84 0.85
N GLY A 40 -11.65 8.53 -0.46
CA GLY A 40 -12.61 7.65 -1.16
C GLY A 40 -12.15 6.19 -1.23
N ARG A 41 -11.49 5.82 -2.35
CA ARG A 41 -11.00 4.44 -2.55
C ARG A 41 -9.81 4.11 -1.61
N VAL A 42 -9.00 5.14 -1.30
CA VAL A 42 -7.82 5.01 -0.43
C VAL A 42 -8.24 5.07 1.05
N GLN A 43 -7.93 3.99 1.79
CA GLN A 43 -8.25 3.85 3.22
C GLN A 43 -6.96 3.51 4.00
N LEU A 44 -6.32 4.53 4.59
CA LEU A 44 -5.06 4.37 5.36
C LEU A 44 -5.32 3.95 6.81
N GLU A 45 -4.34 3.24 7.40
CA GLU A 45 -4.36 2.78 8.79
C GLU A 45 -2.94 2.99 9.38
N GLN A 46 -2.79 4.01 10.25
CA GLN A 46 -1.49 4.32 10.87
C GLN A 46 -1.42 3.76 12.30
N ALA A 47 -0.71 2.63 12.46
CA ALA A 47 -0.53 1.95 13.76
C ALA A 47 0.87 2.23 14.35
N GLY A 48 1.16 1.65 15.54
CA GLY A 48 2.46 1.80 16.20
C GLY A 48 3.62 1.18 15.40
N ALA A 49 3.69 -0.15 15.38
CA ALA A 49 4.73 -0.92 14.65
C ALA A 49 4.25 -1.41 13.25
N ARG A 50 3.18 -0.78 12.72
CA ARG A 50 2.56 -1.18 11.42
C ARG A 50 1.96 0.02 10.66
N GLN A 51 1.94 -0.09 9.33
CA GLN A 51 1.13 0.76 8.43
C GLN A 51 0.22 -0.14 7.56
N VAL A 52 -0.91 0.40 7.08
CA VAL A 52 -1.79 -0.32 6.11
C VAL A 52 -2.35 0.68 5.06
N LEU A 53 -2.36 0.24 3.78
CA LEU A 53 -3.01 0.96 2.66
C LEU A 53 -4.06 0.02 2.04
N ARG A 54 -5.35 0.40 2.13
CA ARG A 54 -6.47 -0.37 1.54
C ARG A 54 -7.05 0.35 0.30
N VAL A 55 -6.82 -0.22 -0.90
CA VAL A 55 -7.47 0.24 -2.14
C VAL A 55 -8.82 -0.48 -2.36
N GLN A 56 -9.91 0.18 -1.97
CA GLN A 56 -11.28 -0.25 -2.31
C GLN A 56 -11.50 -0.13 -3.84
N GLY A 57 -11.95 -1.21 -4.49
CA GLY A 57 -12.09 -1.25 -5.95
C GLY A 57 -10.79 -1.64 -6.65
N ALA A 58 -10.01 -2.52 -6.00
CA ALA A 58 -8.75 -3.08 -6.53
C ALA A 58 -9.01 -3.97 -7.78
N ARG A 59 -8.59 -3.52 -8.98
CA ARG A 59 -8.90 -4.21 -10.26
C ARG A 59 -7.95 -3.69 -11.37
N SER A 60 -7.21 -4.62 -12.02
CA SER A 60 -6.29 -4.35 -13.17
C SER A 60 -5.20 -3.27 -12.87
N GLY A 61 -5.56 -1.97 -12.99
CA GLY A 61 -4.60 -0.85 -12.77
C GLY A 61 -4.15 -0.67 -11.31
N ASP A 62 -4.77 -1.42 -10.39
CA ASP A 62 -4.33 -1.55 -8.98
C ASP A 62 -2.92 -2.20 -8.88
N ALA A 63 -2.62 -3.11 -9.81
CA ALA A 63 -1.34 -3.83 -9.85
C ALA A 63 -0.18 -2.88 -10.20
N GLY A 64 0.56 -2.48 -9.17
CA GLY A 64 1.64 -1.51 -9.33
C GLY A 64 2.56 -1.44 -8.12
N GLU A 65 3.50 -0.48 -8.16
CA GLU A 65 4.49 -0.28 -7.09
C GLU A 65 3.99 0.78 -6.09
N TYR A 66 3.72 0.34 -4.85
CA TYR A 66 3.32 1.22 -3.74
C TYR A 66 4.54 1.46 -2.81
N LEU A 67 5.05 2.69 -2.78
CA LEU A 67 6.23 3.05 -1.98
C LEU A 67 5.79 3.56 -0.59
N CYS A 68 5.88 2.68 0.43
CA CYS A 68 5.71 3.06 1.84
C CYS A 68 7.02 3.72 2.34
N ASP A 69 7.10 5.02 2.10
CA ASP A 69 8.28 5.85 2.38
C ASP A 69 8.20 6.53 3.76
N ALA A 70 9.12 6.17 4.65
CA ALA A 70 9.31 6.83 5.95
C ALA A 70 10.76 7.39 6.03
N PRO A 71 11.04 8.46 6.85
CA PRO A 71 12.44 8.93 7.12
C PRO A 71 13.37 7.80 7.65
N GLN A 72 12.76 6.72 8.18
CA GLN A 72 13.45 5.47 8.54
C GLN A 72 13.79 4.63 7.27
N ASP A 73 12.75 4.01 6.65
CA ASP A 73 12.90 3.12 5.48
C ASP A 73 11.78 3.36 4.44
N SER A 74 12.13 3.24 3.13
CA SER A 74 11.17 3.31 2.00
C SER A 74 11.07 1.93 1.30
N ARG A 75 9.91 1.25 1.48
CA ARG A 75 9.66 -0.13 0.95
C ARG A 75 8.71 -0.08 -0.27
N ILE A 76 9.12 -0.71 -1.38
CA ILE A 76 8.31 -0.82 -2.62
C ILE A 76 7.43 -2.10 -2.57
N PHE A 77 6.12 -1.94 -2.81
CA PHE A 77 5.14 -3.05 -2.74
C PHE A 77 4.79 -3.52 -4.15
N LEU A 78 5.22 -4.74 -4.50
CA LEU A 78 4.93 -5.33 -5.80
C LEU A 78 3.55 -6.03 -5.75
N VAL A 79 2.52 -5.27 -6.19
CA VAL A 79 1.13 -5.76 -6.24
C VAL A 79 0.80 -6.28 -7.65
N SER A 80 0.10 -7.43 -7.71
CA SER A 80 -0.28 -8.08 -8.98
C SER A 80 -1.74 -8.57 -8.93
N VAL A 81 -2.63 -7.93 -9.73
CA VAL A 81 -4.03 -8.36 -9.86
C VAL A 81 -4.09 -9.48 -10.91
N GLU A 82 -4.22 -10.73 -10.44
CA GLU A 82 -4.14 -11.94 -11.31
C GLU A 82 -4.63 -13.19 -10.56
N GLU A 83 -5.60 -12.98 -9.67
CA GLU A 83 -6.22 -14.04 -8.87
C GLU A 83 -7.77 -13.92 -8.97
N PRO A 84 -8.44 -14.63 -9.93
CA PRO A 84 -9.93 -14.56 -10.10
C PRO A 84 -10.72 -15.04 -8.83
N MET A 3 11.19 -7.55 -2.92
CA MET A 3 10.32 -6.46 -2.39
C MET A 3 9.15 -7.04 -1.56
N THR A 4 8.52 -6.17 -0.76
CA THR A 4 7.35 -6.53 0.11
C THR A 4 6.08 -6.67 -0.77
N ARG A 5 5.99 -7.84 -1.43
CA ARG A 5 5.07 -8.09 -2.57
C ARG A 5 3.72 -8.69 -2.10
N VAL A 6 2.59 -8.11 -2.59
CA VAL A 6 1.22 -8.60 -2.31
C VAL A 6 0.47 -8.96 -3.63
N ARG A 7 -0.07 -10.19 -3.69
CA ARG A 7 -0.98 -10.63 -4.77
C ARG A 7 -2.46 -10.40 -4.34
N SER A 8 -3.32 -10.00 -5.30
CA SER A 8 -4.76 -9.71 -5.04
C SER A 8 -5.65 -10.30 -6.16
N THR A 9 -6.95 -10.46 -5.86
CA THR A 9 -7.98 -10.85 -6.85
C THR A 9 -8.72 -9.60 -7.39
N PRO A 10 -9.18 -9.64 -8.69
CA PRO A 10 -10.01 -8.57 -9.29
C PRO A 10 -11.48 -8.56 -8.74
N GLY A 11 -11.95 -7.39 -8.28
CA GLY A 11 -13.32 -7.22 -7.78
C GLY A 11 -13.44 -7.49 -6.27
N GLY A 12 -12.80 -6.62 -5.46
CA GLY A 12 -12.87 -6.73 -3.99
C GLY A 12 -12.22 -5.55 -3.26
N ASP A 13 -11.13 -5.82 -2.51
CA ASP A 13 -10.40 -4.80 -1.71
C ASP A 13 -8.89 -5.12 -1.72
N LEU A 14 -8.05 -4.11 -2.01
CA LEU A 14 -6.58 -4.26 -2.00
C LEU A 14 -5.99 -3.80 -0.66
N GLU A 15 -5.65 -4.75 0.23
CA GLU A 15 -5.15 -4.44 1.59
C GLU A 15 -3.63 -4.70 1.67
N LEU A 16 -2.84 -3.63 1.82
CA LEU A 16 -1.38 -3.69 1.94
C LEU A 16 -0.96 -3.36 3.39
N VAL A 17 -0.60 -4.40 4.15
CA VAL A 17 -0.08 -4.26 5.51
C VAL A 17 1.45 -4.15 5.48
N VAL A 18 2.02 -3.19 6.22
CA VAL A 18 3.49 -2.99 6.27
C VAL A 18 4.12 -3.64 7.52
N HIS A 19 5.31 -4.23 7.33
CA HIS A 19 6.21 -4.66 8.42
C HIS A 19 7.50 -3.80 8.45
N LEU A 20 7.99 -3.40 7.24
CA LEU A 20 9.19 -2.51 7.09
C LEU A 20 10.51 -3.16 7.62
N SER A 21 11.62 -2.44 7.47
CA SER A 21 12.89 -2.73 8.20
C SER A 21 13.07 -1.75 9.36
N GLY A 22 12.44 -0.55 9.24
CA GLY A 22 12.51 0.49 10.28
C GLY A 22 11.12 0.92 10.79
N PRO A 23 10.69 0.47 12.02
CA PRO A 23 9.35 0.80 12.57
C PRO A 23 9.27 2.24 13.18
N GLY A 24 8.67 3.19 12.43
CA GLY A 24 8.49 4.57 12.93
C GLY A 24 7.82 5.51 11.92
N GLY A 25 6.80 6.26 12.39
CA GLY A 25 6.10 7.26 11.56
C GLY A 25 6.82 8.63 11.51
N PRO A 26 6.40 9.60 10.63
CA PRO A 26 5.26 9.46 9.69
C PRO A 26 5.62 8.67 8.40
N VAL A 27 4.99 7.50 8.22
CA VAL A 27 5.18 6.66 7.01
C VAL A 27 4.10 7.01 5.96
N ARG A 28 4.54 7.47 4.77
CA ARG A 28 3.65 7.89 3.68
C ARG A 28 3.52 6.79 2.60
N TRP A 29 2.32 6.72 2.00
CA TRP A 29 2.01 5.83 0.86
C TRP A 29 2.05 6.59 -0.47
N TYR A 30 2.72 5.98 -1.47
CA TYR A 30 2.81 6.51 -2.84
C TYR A 30 2.43 5.39 -3.84
N LYS A 31 1.67 5.70 -4.90
CA LYS A 31 1.37 4.73 -5.99
C LYS A 31 1.97 5.23 -7.33
N ASP A 32 2.76 4.36 -7.99
CA ASP A 32 3.42 4.62 -9.29
C ASP A 32 4.34 5.88 -9.27
N GLY A 33 4.76 6.31 -8.07
CA GLY A 33 5.69 7.43 -7.90
C GLY A 33 5.07 8.71 -7.33
N GLU A 34 3.76 8.68 -6.94
CA GLU A 34 3.09 9.88 -6.35
C GLU A 34 2.13 9.47 -5.21
N ARG A 35 2.10 10.30 -4.15
CA ARG A 35 1.39 10.02 -2.87
C ARG A 35 -0.14 9.75 -3.03
N LEU A 36 -0.68 8.94 -2.09
CA LEU A 36 -2.14 8.70 -1.98
C LEU A 36 -2.75 9.49 -0.80
N ALA A 37 -4.07 9.72 -0.88
CA ALA A 37 -4.86 10.38 0.17
C ALA A 37 -5.89 9.39 0.77
N SER A 38 -6.13 9.49 2.09
CA SER A 38 -7.15 8.65 2.79
C SER A 38 -8.57 9.24 2.57
N GLN A 39 -9.11 9.07 1.34
CA GLN A 39 -10.39 9.72 0.92
C GLN A 39 -11.35 8.74 0.18
N GLY A 40 -11.27 8.69 -1.17
CA GLY A 40 -12.27 7.97 -2.01
C GLY A 40 -11.98 6.48 -2.12
N ARG A 41 -12.50 5.70 -1.15
CA ARG A 41 -12.30 4.20 -1.05
C ARG A 41 -10.84 3.82 -0.66
N VAL A 42 -9.92 4.79 -0.71
CA VAL A 42 -8.51 4.61 -0.33
C VAL A 42 -8.35 4.95 1.16
N GLN A 43 -8.00 3.94 1.96
CA GLN A 43 -7.91 4.02 3.44
C GLN A 43 -6.46 3.88 3.91
N LEU A 44 -5.98 4.77 4.80
CA LEU A 44 -4.59 4.70 5.35
C LEU A 44 -4.63 4.52 6.88
N GLU A 45 -4.59 3.26 7.34
CA GLU A 45 -4.55 2.91 8.78
C GLU A 45 -3.10 3.00 9.31
N GLN A 46 -2.77 4.14 9.95
CA GLN A 46 -1.42 4.37 10.52
C GLN A 46 -1.29 3.78 11.95
N ALA A 47 -0.25 2.95 12.17
CA ALA A 47 0.08 2.38 13.49
C ALA A 47 1.60 2.38 13.77
N GLY A 48 2.37 3.13 12.95
CA GLY A 48 3.84 3.24 13.09
C GLY A 48 4.58 2.25 12.18
N ALA A 49 4.62 0.97 12.59
CA ALA A 49 5.16 -0.13 11.77
C ALA A 49 4.09 -0.64 10.77
N ARG A 50 2.91 -1.01 11.31
CA ARG A 50 1.78 -1.52 10.52
C ARG A 50 0.96 -0.38 9.89
N GLN A 51 1.35 0.02 8.68
CA GLN A 51 0.56 0.96 7.84
C GLN A 51 -0.29 0.13 6.86
N VAL A 52 -1.62 0.37 6.82
CA VAL A 52 -2.53 -0.41 5.96
C VAL A 52 -3.15 0.50 4.88
N LEU A 53 -2.73 0.30 3.61
CA LEU A 53 -3.36 0.93 2.42
C LEU A 53 -4.45 -0.02 1.89
N ARG A 54 -5.72 0.40 2.00
CA ARG A 54 -6.85 -0.33 1.41
C ARG A 54 -7.50 0.48 0.28
N VAL A 55 -7.25 0.10 -0.98
CA VAL A 55 -7.99 0.63 -2.14
C VAL A 55 -9.17 -0.31 -2.43
N GLN A 56 -10.35 0.04 -1.91
CA GLN A 56 -11.58 -0.76 -2.05
C GLN A 56 -12.05 -0.79 -3.52
N GLY A 57 -11.66 -1.86 -4.22
CA GLY A 57 -11.92 -2.04 -5.64
C GLY A 57 -11.14 -3.22 -6.20
N ALA A 58 -9.79 -3.11 -6.09
CA ALA A 58 -8.80 -4.16 -6.45
C ALA A 58 -9.11 -4.82 -7.80
N ARG A 59 -8.95 -4.09 -8.92
CA ARG A 59 -9.41 -4.55 -10.25
C ARG A 59 -8.63 -3.87 -11.41
N SER A 60 -8.63 -2.53 -11.44
CA SER A 60 -8.05 -1.74 -12.55
C SER A 60 -7.35 -0.46 -12.02
N GLY A 61 -6.02 -0.37 -12.24
CA GLY A 61 -5.20 0.74 -11.71
C GLY A 61 -4.68 0.48 -10.28
N ASP A 62 -5.15 -0.62 -9.66
CA ASP A 62 -4.76 -1.03 -8.28
C ASP A 62 -3.39 -1.76 -8.28
N ALA A 63 -3.09 -2.47 -9.38
CA ALA A 63 -1.81 -3.19 -9.57
C ALA A 63 -0.70 -2.19 -9.93
N GLY A 64 0.35 -2.13 -9.10
CA GLY A 64 1.44 -1.19 -9.31
C GLY A 64 2.45 -1.15 -8.18
N GLU A 65 3.43 -0.24 -8.28
CA GLU A 65 4.50 -0.10 -7.28
C GLU A 65 4.11 0.93 -6.21
N TYR A 66 3.90 0.45 -4.98
CA TYR A 66 3.62 1.31 -3.82
C TYR A 66 4.88 1.55 -2.96
N LEU A 67 5.24 2.83 -2.75
CA LEU A 67 6.39 3.21 -1.90
C LEU A 67 5.94 3.51 -0.44
N CYS A 68 6.47 2.71 0.50
CA CYS A 68 6.32 2.94 1.95
C CYS A 68 7.52 3.77 2.48
N ASP A 69 7.39 5.10 2.43
CA ASP A 69 8.45 6.05 2.82
C ASP A 69 8.37 6.43 4.32
N ALA A 70 9.31 5.90 5.12
CA ALA A 70 9.40 6.18 6.57
C ALA A 70 10.71 6.93 6.91
N PRO A 71 10.77 7.67 8.08
CA PRO A 71 12.06 8.25 8.58
C PRO A 71 13.13 7.15 8.84
N GLN A 72 12.65 5.96 9.24
CA GLN A 72 13.47 4.73 9.34
C GLN A 72 13.11 3.79 8.17
N ASP A 73 13.98 3.76 7.13
CA ASP A 73 13.88 2.85 5.96
C ASP A 73 12.71 3.21 4.98
N SER A 74 12.96 3.03 3.67
CA SER A 74 11.94 3.15 2.60
C SER A 74 11.78 1.79 1.89
N ARG A 75 10.57 1.24 1.91
CA ARG A 75 10.28 -0.10 1.37
C ARG A 75 9.44 -0.03 0.07
N ILE A 76 9.62 -1.01 -0.84
CA ILE A 76 8.84 -1.10 -2.10
C ILE A 76 7.83 -2.27 -2.02
N PHE A 77 6.57 -2.00 -2.44
CA PHE A 77 5.46 -2.98 -2.45
C PHE A 77 5.03 -3.25 -3.91
N LEU A 78 5.42 -4.42 -4.44
CA LEU A 78 5.01 -4.87 -5.78
C LEU A 78 3.63 -5.55 -5.71
N VAL A 79 2.61 -4.91 -6.30
CA VAL A 79 1.22 -5.42 -6.28
C VAL A 79 0.81 -5.99 -7.66
N SER A 80 0.24 -7.20 -7.63
CA SER A 80 -0.29 -7.88 -8.84
C SER A 80 -1.75 -8.31 -8.60
N VAL A 81 -2.69 -7.62 -9.27
CA VAL A 81 -4.13 -7.95 -9.21
C VAL A 81 -4.48 -8.87 -10.42
N GLU A 82 -4.72 -10.16 -10.13
CA GLU A 82 -4.92 -11.20 -11.16
C GLU A 82 -5.61 -12.46 -10.57
N GLU A 83 -5.86 -13.46 -11.44
CA GLU A 83 -6.55 -14.74 -11.11
C GLU A 83 -8.01 -14.46 -10.60
N PRO A 84 -8.99 -14.22 -11.55
CA PRO A 84 -10.41 -13.87 -11.21
C PRO A 84 -11.23 -15.05 -10.57
N MET A 3 11.58 -7.14 -3.24
CA MET A 3 10.70 -6.17 -2.56
C MET A 3 9.47 -6.86 -1.92
N THR A 4 8.82 -6.17 -0.97
CA THR A 4 7.69 -6.69 -0.17
C THR A 4 6.38 -6.74 -1.02
N ARG A 5 6.18 -7.85 -1.77
CA ARG A 5 5.06 -7.98 -2.77
C ARG A 5 3.75 -8.53 -2.14
N VAL A 6 2.60 -8.15 -2.75
CA VAL A 6 1.24 -8.58 -2.32
C VAL A 6 0.35 -8.88 -3.56
N ARG A 7 -0.40 -10.00 -3.54
CA ARG A 7 -1.37 -10.36 -4.62
C ARG A 7 -2.81 -9.87 -4.26
N SER A 8 -3.59 -9.46 -5.28
CA SER A 8 -5.01 -9.05 -5.12
C SER A 8 -5.90 -9.70 -6.22
N THR A 9 -7.22 -9.84 -5.95
CA THR A 9 -8.21 -10.34 -6.95
C THR A 9 -8.71 -9.20 -7.86
N PRO A 10 -9.02 -9.50 -9.17
CA PRO A 10 -9.44 -8.48 -10.17
C PRO A 10 -10.90 -7.96 -9.94
N GLY A 11 -11.00 -7.00 -9.02
CA GLY A 11 -12.28 -6.36 -8.63
C GLY A 11 -12.50 -6.38 -7.12
N GLY A 12 -11.48 -6.82 -6.36
CA GLY A 12 -11.60 -7.03 -4.90
C GLY A 12 -10.96 -5.92 -4.05
N ASP A 13 -10.90 -6.17 -2.73
CA ASP A 13 -10.32 -5.24 -1.74
C ASP A 13 -8.81 -5.51 -1.57
N LEU A 14 -7.96 -4.58 -2.04
CA LEU A 14 -6.51 -4.61 -1.75
C LEU A 14 -6.28 -4.18 -0.28
N GLU A 15 -5.36 -4.87 0.41
CA GLU A 15 -4.96 -4.53 1.79
C GLU A 15 -3.46 -4.81 1.99
N LEU A 16 -2.65 -3.75 2.15
CA LEU A 16 -1.21 -3.86 2.45
C LEU A 16 -0.99 -3.66 3.96
N VAL A 17 -0.79 -4.77 4.71
CA VAL A 17 -0.45 -4.73 6.14
C VAL A 17 1.08 -4.88 6.29
N VAL A 18 1.73 -3.76 6.61
CA VAL A 18 3.19 -3.61 6.52
C VAL A 18 3.87 -3.81 7.88
N HIS A 19 5.04 -4.46 7.90
CA HIS A 19 5.91 -4.55 9.09
C HIS A 19 7.39 -4.35 8.69
N LEU A 20 7.64 -3.28 7.91
CA LEU A 20 9.01 -2.80 7.54
C LEU A 20 9.92 -2.48 8.77
N SER A 21 11.20 -2.15 8.48
CA SER A 21 12.24 -1.93 9.53
C SER A 21 12.33 -0.43 9.95
N GLY A 22 11.26 0.34 9.71
CA GLY A 22 11.17 1.75 10.12
C GLY A 22 11.14 1.92 11.66
N PRO A 23 12.11 2.67 12.28
CA PRO A 23 12.30 2.72 13.77
C PRO A 23 11.29 3.62 14.53
N GLY A 24 10.11 3.89 13.92
CA GLY A 24 9.05 4.69 14.57
C GLY A 24 7.93 5.09 13.62
N GLY A 25 7.92 6.37 13.22
CA GLY A 25 6.85 6.92 12.34
C GLY A 25 6.83 8.45 12.33
N PRO A 26 5.86 9.11 11.61
CA PRO A 26 4.85 8.44 10.74
C PRO A 26 5.42 8.04 9.35
N VAL A 27 4.73 7.12 8.68
CA VAL A 27 5.13 6.57 7.37
C VAL A 27 4.21 7.11 6.25
N ARG A 28 4.78 7.29 5.05
CA ARG A 28 4.05 7.82 3.86
C ARG A 28 3.58 6.67 2.94
N TRP A 29 2.66 7.00 2.04
CA TRP A 29 2.13 6.07 1.03
C TRP A 29 2.11 6.71 -0.36
N TYR A 30 2.79 6.05 -1.32
CA TYR A 30 2.81 6.48 -2.75
C TYR A 30 2.25 5.36 -3.65
N LYS A 31 1.91 5.73 -4.88
CA LYS A 31 1.49 4.79 -5.94
C LYS A 31 1.84 5.36 -7.34
N ASP A 32 2.68 4.62 -8.10
CA ASP A 32 3.05 4.94 -9.50
C ASP A 32 3.81 6.30 -9.60
N GLY A 33 4.40 6.76 -8.48
CA GLY A 33 5.10 8.06 -8.42
C GLY A 33 4.30 9.20 -7.79
N GLU A 34 3.03 8.94 -7.40
CA GLU A 34 2.15 9.95 -6.75
C GLU A 34 1.54 9.39 -5.46
N ARG A 35 1.66 10.14 -4.35
CA ARG A 35 1.10 9.77 -3.03
C ARG A 35 -0.44 9.59 -3.05
N LEU A 36 -0.95 8.72 -2.16
CA LEU A 36 -2.41 8.51 -1.96
C LEU A 36 -2.90 9.38 -0.77
N ALA A 37 -4.20 9.72 -0.79
CA ALA A 37 -4.87 10.48 0.30
C ALA A 37 -5.76 9.54 1.14
N SER A 38 -5.85 9.81 2.46
CA SER A 38 -6.69 9.02 3.39
C SER A 38 -8.20 9.33 3.19
N GLN A 39 -8.82 8.63 2.22
CA GLN A 39 -10.24 8.83 1.84
C GLN A 39 -11.07 7.53 2.00
N GLY A 40 -12.35 7.60 1.59
CA GLY A 40 -13.17 6.40 1.36
C GLY A 40 -12.70 5.64 0.12
N ARG A 41 -12.83 4.30 0.14
CA ARG A 41 -12.30 3.36 -0.88
C ARG A 41 -10.76 3.18 -0.77
N VAL A 42 -10.01 4.31 -0.81
CA VAL A 42 -8.54 4.33 -0.61
C VAL A 42 -8.21 4.79 0.85
N GLN A 43 -8.13 3.83 1.76
CA GLN A 43 -7.92 4.07 3.21
C GLN A 43 -6.42 4.07 3.58
N LEU A 44 -5.97 5.05 4.38
CA LEU A 44 -4.61 5.07 4.97
C LEU A 44 -4.69 4.94 6.51
N GLU A 45 -3.89 4.01 7.07
CA GLU A 45 -3.73 3.85 8.53
C GLU A 45 -2.25 4.06 8.93
N GLN A 46 -2.00 5.03 9.83
CA GLN A 46 -0.68 5.24 10.45
C GLN A 46 -0.72 4.81 11.94
N ALA A 47 -0.17 3.61 12.22
CA ALA A 47 -0.04 3.09 13.61
C ALA A 47 1.43 3.24 14.08
N GLY A 48 2.37 2.67 13.30
CA GLY A 48 3.81 2.78 13.56
C GLY A 48 4.60 1.73 12.77
N ALA A 49 4.80 0.56 13.40
CA ALA A 49 5.40 -0.62 12.72
C ALA A 49 4.42 -1.17 11.65
N ARG A 50 3.13 -1.21 12.02
CA ARG A 50 2.04 -1.60 11.10
C ARG A 50 1.44 -0.37 10.39
N GLN A 51 1.54 -0.35 9.06
CA GLN A 51 0.83 0.62 8.20
C GLN A 51 -0.15 -0.14 7.30
N VAL A 52 -1.40 0.34 7.16
CA VAL A 52 -2.42 -0.35 6.33
C VAL A 52 -3.03 0.60 5.25
N LEU A 53 -2.68 0.33 3.98
CA LEU A 53 -3.33 0.96 2.80
C LEU A 53 -4.33 -0.05 2.19
N ARG A 54 -5.61 0.34 2.10
CA ARG A 54 -6.67 -0.51 1.54
C ARG A 54 -7.31 0.19 0.31
N VAL A 55 -7.04 -0.29 -0.92
CA VAL A 55 -7.72 0.23 -2.14
C VAL A 55 -8.79 -0.78 -2.62
N GLN A 56 -10.06 -0.41 -2.45
CA GLN A 56 -11.22 -1.24 -2.87
C GLN A 56 -11.53 -1.03 -4.38
N GLY A 57 -11.99 -2.11 -5.06
CA GLY A 57 -12.16 -2.08 -6.52
C GLY A 57 -10.82 -2.21 -7.27
N ALA A 58 -9.88 -2.93 -6.65
CA ALA A 58 -8.53 -3.19 -7.17
C ALA A 58 -8.56 -4.17 -8.37
N ARG A 59 -8.24 -3.70 -9.60
CA ARG A 59 -8.20 -4.59 -10.81
C ARG A 59 -7.02 -4.23 -11.77
N SER A 60 -7.27 -3.41 -12.80
CA SER A 60 -6.32 -3.19 -13.91
C SER A 60 -5.26 -2.14 -13.56
N GLY A 61 -5.71 -0.90 -13.29
CA GLY A 61 -4.81 0.22 -12.96
C GLY A 61 -4.21 0.16 -11.54
N ASP A 62 -4.67 -0.81 -10.74
CA ASP A 62 -4.24 -0.99 -9.34
C ASP A 62 -2.85 -1.68 -9.26
N ALA A 63 -2.59 -2.62 -10.19
CA ALA A 63 -1.36 -3.43 -10.21
C ALA A 63 -0.13 -2.54 -10.52
N GLY A 64 0.69 -2.29 -9.48
CA GLY A 64 1.83 -1.39 -9.61
C GLY A 64 2.64 -1.21 -8.31
N GLU A 65 3.55 -0.23 -8.34
CA GLU A 65 4.49 0.05 -7.23
C GLU A 65 3.83 0.97 -6.17
N TYR A 66 3.75 0.49 -4.92
CA TYR A 66 3.29 1.28 -3.76
C TYR A 66 4.48 1.54 -2.79
N LEU A 67 4.92 2.81 -2.66
CA LEU A 67 6.07 3.15 -1.80
C LEU A 67 5.62 3.54 -0.37
N CYS A 68 5.76 2.58 0.56
CA CYS A 68 5.56 2.80 2.01
C CYS A 68 6.85 3.42 2.60
N ASP A 69 6.93 4.75 2.60
CA ASP A 69 8.16 5.51 2.94
C ASP A 69 8.26 5.82 4.46
N ALA A 70 8.95 4.92 5.21
CA ALA A 70 9.18 5.10 6.66
C ALA A 70 10.44 5.96 6.93
N PRO A 71 10.57 6.59 8.17
CA PRO A 71 11.80 7.28 8.62
C PRO A 71 13.11 6.49 8.35
N GLN A 72 13.84 6.88 7.28
CA GLN A 72 15.12 6.29 6.83
C GLN A 72 15.00 4.79 6.39
N ASP A 73 13.76 4.28 6.17
CA ASP A 73 13.53 2.89 5.72
C ASP A 73 12.27 2.81 4.81
N SER A 74 12.43 3.16 3.53
CA SER A 74 11.35 3.06 2.53
C SER A 74 11.18 1.61 2.04
N ARG A 75 9.93 1.23 1.69
CA ARG A 75 9.60 -0.15 1.28
C ARG A 75 8.70 -0.12 0.01
N ILE A 76 9.11 -0.85 -1.05
CA ILE A 76 8.31 -0.93 -2.32
C ILE A 76 7.42 -2.19 -2.29
N PHE A 77 6.12 -1.99 -2.59
CA PHE A 77 5.11 -3.06 -2.68
C PHE A 77 4.72 -3.27 -4.15
N LEU A 78 5.24 -4.34 -4.76
CA LEU A 78 4.85 -4.73 -6.12
C LEU A 78 3.53 -5.53 -6.04
N VAL A 79 2.42 -4.81 -6.17
CA VAL A 79 1.08 -5.41 -6.11
C VAL A 79 0.70 -5.97 -7.49
N SER A 80 0.55 -7.30 -7.56
CA SER A 80 0.08 -8.00 -8.77
C SER A 80 -1.38 -8.39 -8.60
N VAL A 81 -2.28 -7.69 -9.33
CA VAL A 81 -3.72 -7.98 -9.26
C VAL A 81 -4.13 -8.95 -10.39
N GLU A 82 -4.42 -10.19 -10.00
CA GLU A 82 -4.72 -11.30 -10.93
C GLU A 82 -5.53 -12.39 -10.21
N GLU A 83 -5.75 -13.54 -10.88
CA GLU A 83 -6.34 -14.76 -10.28
C GLU A 83 -7.82 -14.48 -9.84
N PRO A 84 -8.83 -14.59 -10.78
CA PRO A 84 -10.26 -14.25 -10.49
C PRO A 84 -10.94 -15.17 -9.41
N MET A 3 11.70 -5.93 -1.64
CA MET A 3 10.38 -5.39 -2.08
C MET A 3 9.23 -6.25 -1.53
N THR A 4 8.30 -5.59 -0.80
CA THR A 4 7.22 -6.25 -0.03
C THR A 4 6.02 -6.64 -0.96
N ARG A 5 6.04 -7.88 -1.50
CA ARG A 5 5.09 -8.34 -2.56
C ARG A 5 3.71 -8.81 -2.04
N VAL A 6 2.63 -8.44 -2.78
CA VAL A 6 1.23 -8.90 -2.55
C VAL A 6 0.51 -9.13 -3.91
N ARG A 7 -0.23 -10.25 -4.04
CA ARG A 7 -1.13 -10.50 -5.21
C ARG A 7 -2.61 -10.34 -4.78
N SER A 8 -3.46 -9.82 -5.69
CA SER A 8 -4.93 -9.68 -5.47
C SER A 8 -5.70 -10.13 -6.72
N THR A 9 -7.00 -10.43 -6.54
CA THR A 9 -7.91 -10.89 -7.64
C THR A 9 -8.84 -9.74 -8.13
N PRO A 10 -9.18 -9.74 -9.47
CA PRO A 10 -9.99 -8.67 -10.10
C PRO A 10 -11.48 -8.61 -9.59
N GLY A 11 -11.80 -7.57 -8.78
CA GLY A 11 -13.16 -7.33 -8.26
C GLY A 11 -13.33 -7.71 -6.80
N GLY A 12 -12.38 -7.26 -5.96
CA GLY A 12 -12.44 -7.49 -4.50
C GLY A 12 -11.88 -6.30 -3.71
N ASP A 13 -10.75 -6.52 -3.01
CA ASP A 13 -10.08 -5.48 -2.21
C ASP A 13 -8.55 -5.69 -2.25
N LEU A 14 -7.80 -4.66 -1.86
CA LEU A 14 -6.34 -4.72 -1.72
C LEU A 14 -5.93 -4.19 -0.33
N GLU A 15 -5.60 -5.11 0.60
CA GLU A 15 -5.19 -4.76 1.97
C GLU A 15 -3.69 -5.06 2.16
N LEU A 16 -2.86 -4.01 2.16
CA LEU A 16 -1.42 -4.12 2.43
C LEU A 16 -1.17 -3.97 3.95
N VAL A 17 -0.95 -5.09 4.65
CA VAL A 17 -0.58 -5.08 6.08
C VAL A 17 0.95 -5.05 6.16
N VAL A 18 1.49 -4.01 6.79
CA VAL A 18 2.92 -3.68 6.76
C VAL A 18 3.56 -3.84 8.16
N HIS A 19 4.72 -4.50 8.22
CA HIS A 19 5.60 -4.50 9.41
C HIS A 19 7.06 -4.27 8.96
N LEU A 20 7.28 -3.16 8.22
CA LEU A 20 8.64 -2.67 7.89
C LEU A 20 9.49 -2.35 9.15
N SER A 21 10.82 -2.29 8.95
CA SER A 21 11.81 -2.01 10.02
C SER A 21 11.88 -0.51 10.40
N GLY A 22 11.09 0.33 9.70
CA GLY A 22 10.94 1.76 10.05
C GLY A 22 10.06 2.00 11.30
N PRO A 23 9.82 3.29 11.70
CA PRO A 23 9.07 3.63 12.94
C PRO A 23 7.54 3.35 12.85
N GLY A 24 6.97 3.63 11.66
CA GLY A 24 5.52 3.53 11.44
C GLY A 24 4.91 4.87 11.01
N GLY A 25 3.83 5.28 11.67
CA GLY A 25 3.06 6.47 11.30
C GLY A 25 3.52 7.76 12.00
N PRO A 26 3.24 8.99 11.42
CA PRO A 26 2.49 9.17 10.14
C PRO A 26 3.37 8.89 8.89
N VAL A 27 3.13 7.74 8.23
CA VAL A 27 3.94 7.27 7.10
C VAL A 27 3.44 7.88 5.75
N ARG A 28 4.31 7.83 4.73
CA ARG A 28 3.96 8.20 3.34
C ARG A 28 3.67 6.92 2.52
N TRP A 29 2.81 7.07 1.51
CA TRP A 29 2.53 6.03 0.49
C TRP A 29 2.57 6.68 -0.90
N TYR A 30 3.05 5.94 -1.92
CA TYR A 30 3.11 6.42 -3.32
C TYR A 30 2.62 5.33 -4.29
N LYS A 31 1.62 5.65 -5.12
CA LYS A 31 1.14 4.77 -6.20
C LYS A 31 1.24 5.51 -7.56
N ASP A 32 1.84 4.82 -8.56
CA ASP A 32 2.00 5.31 -9.95
C ASP A 32 3.03 6.49 -10.01
N GLY A 33 3.83 6.65 -8.93
CA GLY A 33 4.76 7.78 -8.79
C GLY A 33 4.12 9.02 -8.15
N GLU A 34 2.95 8.84 -7.52
CA GLU A 34 2.21 9.94 -6.86
C GLU A 34 1.68 9.49 -5.48
N ARG A 35 1.84 10.36 -4.47
CA ARG A 35 1.45 10.07 -3.07
C ARG A 35 -0.06 9.73 -2.92
N LEU A 36 -0.36 8.82 -1.98
CA LEU A 36 -1.75 8.47 -1.62
C LEU A 36 -2.25 9.38 -0.48
N ALA A 37 -3.50 9.87 -0.63
CA ALA A 37 -4.21 10.65 0.41
C ALA A 37 -5.25 9.77 1.12
N SER A 38 -5.66 10.18 2.33
CA SER A 38 -6.70 9.46 3.12
C SER A 38 -8.09 9.64 2.45
N GLN A 39 -8.41 8.71 1.54
CA GLN A 39 -9.65 8.71 0.74
C GLN A 39 -10.58 7.52 1.13
N GLY A 40 -11.86 7.57 0.69
CA GLY A 40 -12.80 6.45 0.86
C GLY A 40 -12.34 5.14 0.20
N ARG A 41 -11.78 5.25 -1.03
CA ARG A 41 -11.13 4.10 -1.71
C ARG A 41 -9.73 3.83 -1.15
N VAL A 42 -8.98 4.89 -0.81
CA VAL A 42 -7.58 4.79 -0.33
C VAL A 42 -7.50 4.96 1.21
N GLN A 43 -7.76 3.86 1.95
CA GLN A 43 -7.81 3.86 3.42
C GLN A 43 -6.40 3.73 4.03
N LEU A 44 -5.86 4.86 4.55
CA LEU A 44 -4.51 4.93 5.16
C LEU A 44 -4.55 4.83 6.71
N GLU A 45 -3.99 3.72 7.24
CA GLU A 45 -3.75 3.55 8.69
C GLU A 45 -2.32 4.04 9.04
N GLN A 46 -2.22 4.86 10.10
CA GLN A 46 -0.93 5.35 10.63
C GLN A 46 -0.78 5.01 12.13
N ALA A 47 0.12 4.06 12.45
CA ALA A 47 0.29 3.51 13.83
C ALA A 47 1.76 3.10 14.10
N GLY A 48 2.03 2.64 15.33
CA GLY A 48 3.35 2.13 15.69
C GLY A 48 3.68 0.80 15.01
N ALA A 49 4.70 0.83 14.10
CA ALA A 49 5.21 -0.35 13.33
C ALA A 49 4.24 -0.82 12.19
N ARG A 50 2.97 -1.14 12.54
CA ARG A 50 1.98 -1.63 11.56
C ARG A 50 1.29 -0.46 10.81
N GLN A 51 1.58 -0.34 9.50
CA GLN A 51 0.82 0.52 8.57
C GLN A 51 -0.13 -0.37 7.73
N VAL A 52 -1.31 0.15 7.35
CA VAL A 52 -2.25 -0.59 6.46
C VAL A 52 -2.86 0.35 5.38
N LEU A 53 -2.46 0.17 4.11
CA LEU A 53 -3.11 0.82 2.94
C LEU A 53 -4.15 -0.15 2.34
N ARG A 54 -5.42 0.30 2.24
CA ARG A 54 -6.51 -0.52 1.66
C ARG A 54 -7.16 0.18 0.45
N VAL A 55 -6.91 -0.33 -0.76
CA VAL A 55 -7.57 0.15 -2.00
C VAL A 55 -8.86 -0.67 -2.28
N GLN A 56 -10.00 0.03 -2.34
CA GLN A 56 -11.30 -0.55 -2.73
C GLN A 56 -11.33 -0.78 -4.27
N GLY A 57 -11.56 -2.04 -4.70
CA GLY A 57 -11.66 -2.38 -6.13
C GLY A 57 -10.78 -3.58 -6.50
N ALA A 58 -9.46 -3.32 -6.65
CA ALA A 58 -8.44 -4.34 -7.00
C ALA A 58 -8.78 -5.09 -8.31
N ARG A 59 -8.49 -4.47 -9.47
CA ARG A 59 -8.88 -5.00 -10.80
C ARG A 59 -8.02 -4.39 -11.93
N SER A 60 -8.20 -3.08 -12.20
CA SER A 60 -7.57 -2.38 -13.34
C SER A 60 -7.05 -1.00 -12.89
N GLY A 61 -5.72 -0.79 -13.02
CA GLY A 61 -5.06 0.42 -12.49
C GLY A 61 -4.62 0.27 -11.02
N ASP A 62 -5.17 -0.76 -10.33
CA ASP A 62 -4.84 -1.10 -8.93
C ASP A 62 -3.50 -1.85 -8.81
N ALA A 63 -3.06 -2.45 -9.93
CA ALA A 63 -1.79 -3.19 -10.00
C ALA A 63 -0.62 -2.21 -10.24
N GLY A 64 0.36 -2.22 -9.32
CA GLY A 64 1.52 -1.34 -9.42
C GLY A 64 2.37 -1.31 -8.16
N GLU A 65 3.33 -0.37 -8.13
CA GLU A 65 4.27 -0.21 -7.01
C GLU A 65 3.70 0.76 -5.96
N TYR A 66 3.51 0.28 -4.73
CA TYR A 66 3.07 1.09 -3.58
C TYR A 66 4.26 1.34 -2.64
N LEU A 67 4.79 2.57 -2.64
CA LEU A 67 6.03 2.92 -1.94
C LEU A 67 5.70 3.50 -0.54
N CYS A 68 5.83 2.65 0.50
CA CYS A 68 5.62 3.05 1.90
C CYS A 68 6.90 3.73 2.47
N ASP A 69 6.95 5.06 2.36
CA ASP A 69 8.14 5.86 2.71
C ASP A 69 8.07 6.43 4.15
N ALA A 70 9.16 6.28 4.90
CA ALA A 70 9.32 6.88 6.25
C ALA A 70 10.71 7.55 6.35
N PRO A 71 10.91 8.62 7.21
CA PRO A 71 12.21 9.33 7.38
C PRO A 71 13.40 8.39 7.76
N GLN A 72 13.08 7.22 8.32
CA GLN A 72 14.08 6.16 8.64
C GLN A 72 14.23 5.21 7.43
N ASP A 73 13.13 4.55 7.00
CA ASP A 73 13.17 3.47 5.98
C ASP A 73 11.93 3.51 5.06
N SER A 74 12.12 3.06 3.80
CA SER A 74 11.05 2.99 2.79
C SER A 74 11.03 1.62 2.10
N ARG A 75 9.81 1.04 1.92
CA ARG A 75 9.60 -0.25 1.23
C ARG A 75 8.81 -0.06 -0.08
N ILE A 76 9.27 -0.71 -1.16
CA ILE A 76 8.53 -0.80 -2.45
C ILE A 76 7.61 -2.04 -2.41
N PHE A 77 6.30 -1.87 -2.61
CA PHE A 77 5.34 -2.98 -2.62
C PHE A 77 4.99 -3.35 -4.06
N LEU A 78 5.56 -4.47 -4.54
CA LEU A 78 5.24 -5.00 -5.87
C LEU A 78 3.89 -5.74 -5.81
N VAL A 79 2.83 -5.00 -6.11
CA VAL A 79 1.46 -5.50 -6.10
C VAL A 79 0.99 -5.79 -7.53
N SER A 80 0.78 -7.07 -7.85
CA SER A 80 0.24 -7.50 -9.14
C SER A 80 -1.19 -8.05 -8.95
N VAL A 81 -2.19 -7.28 -9.40
CA VAL A 81 -3.59 -7.73 -9.46
C VAL A 81 -3.79 -8.51 -10.77
N GLU A 82 -4.18 -9.77 -10.65
CA GLU A 82 -4.22 -10.74 -11.78
C GLU A 82 -5.02 -11.98 -11.39
N GLU A 83 -5.08 -12.96 -12.33
CA GLU A 83 -5.56 -14.34 -12.07
C GLU A 83 -7.04 -14.35 -11.56
N PRO A 84 -8.04 -14.27 -12.51
CA PRO A 84 -9.49 -14.21 -12.14
C PRO A 84 -10.00 -15.49 -11.40
N MET A 3 12.20 -7.72 -1.00
CA MET A 3 11.13 -6.78 -1.46
C MET A 3 9.76 -7.19 -0.87
N THR A 4 8.98 -6.21 -0.42
CA THR A 4 7.69 -6.44 0.29
C THR A 4 6.55 -6.40 -0.74
N ARG A 5 6.11 -7.57 -1.26
CA ARG A 5 5.18 -7.66 -2.43
C ARG A 5 3.89 -8.45 -2.10
N VAL A 6 2.76 -8.07 -2.75
CA VAL A 6 1.44 -8.72 -2.56
C VAL A 6 0.71 -8.90 -3.92
N ARG A 7 0.06 -10.07 -4.12
CA ARG A 7 -0.79 -10.34 -5.30
C ARG A 7 -2.29 -10.14 -4.94
N SER A 8 -2.95 -9.18 -5.60
CA SER A 8 -4.40 -8.89 -5.42
C SER A 8 -5.24 -9.65 -6.46
N THR A 9 -6.55 -9.81 -6.21
CA THR A 9 -7.51 -10.43 -7.16
C THR A 9 -8.36 -9.34 -7.88
N PRO A 10 -8.86 -9.64 -9.13
CA PRO A 10 -9.83 -8.77 -9.85
C PRO A 10 -11.13 -8.50 -9.04
N GLY A 11 -11.18 -7.32 -8.39
CA GLY A 11 -12.31 -6.93 -7.51
C GLY A 11 -12.22 -7.52 -6.09
N GLY A 12 -11.00 -7.97 -5.70
CA GLY A 12 -10.78 -8.63 -4.39
C GLY A 12 -10.48 -7.68 -3.23
N ASP A 13 -10.23 -6.38 -3.57
CA ASP A 13 -9.92 -5.28 -2.61
C ASP A 13 -8.53 -5.48 -1.94
N LEU A 14 -7.64 -4.52 -2.17
CA LEU A 14 -6.24 -4.58 -1.71
C LEU A 14 -6.10 -4.14 -0.23
N GLU A 15 -5.24 -4.84 0.53
CA GLU A 15 -4.84 -4.44 1.90
C GLU A 15 -3.34 -4.75 2.11
N LEU A 16 -2.49 -3.72 2.02
CA LEU A 16 -1.05 -3.81 2.30
C LEU A 16 -0.79 -3.50 3.79
N VAL A 17 -0.53 -4.55 4.57
CA VAL A 17 -0.18 -4.44 6.00
C VAL A 17 1.33 -4.70 6.18
N VAL A 18 2.08 -3.65 6.53
CA VAL A 18 3.51 -3.78 6.87
C VAL A 18 3.71 -3.81 8.40
N HIS A 19 4.70 -4.59 8.83
CA HIS A 19 5.26 -4.54 10.19
C HIS A 19 6.78 -4.24 10.10
N LEU A 20 7.18 -3.50 9.02
CA LEU A 20 8.58 -3.04 8.79
C LEU A 20 9.30 -2.52 10.07
N SER A 21 10.59 -2.89 10.20
CA SER A 21 11.41 -2.58 11.39
C SER A 21 12.23 -1.27 11.19
N GLY A 22 11.67 -0.33 10.39
CA GLY A 22 12.27 1.00 10.17
C GLY A 22 12.05 1.97 11.35
N PRO A 23 12.49 3.26 11.24
CA PRO A 23 12.39 4.25 12.36
C PRO A 23 10.97 4.83 12.54
N GLY A 24 10.79 5.66 13.59
CA GLY A 24 9.53 6.34 13.88
C GLY A 24 9.08 7.29 12.75
N GLY A 25 7.80 7.20 12.36
CA GLY A 25 7.26 7.94 11.21
C GLY A 25 6.91 9.42 11.50
N PRO A 26 5.69 9.94 11.10
CA PRO A 26 4.62 9.19 10.37
C PRO A 26 5.02 8.76 8.93
N VAL A 27 4.92 7.46 8.66
CA VAL A 27 5.30 6.87 7.35
C VAL A 27 4.24 7.22 6.26
N ARG A 28 4.71 7.47 5.02
CA ARG A 28 3.88 7.87 3.87
C ARG A 28 3.51 6.65 3.00
N TRP A 29 2.58 6.87 2.05
CA TRP A 29 2.21 5.89 1.00
C TRP A 29 2.20 6.55 -0.38
N TYR A 30 2.95 5.96 -1.33
CA TYR A 30 2.97 6.37 -2.75
C TYR A 30 2.46 5.20 -3.62
N LYS A 31 2.07 5.52 -4.87
CA LYS A 31 1.62 4.52 -5.86
C LYS A 31 1.76 5.07 -7.29
N ASP A 32 2.43 4.30 -8.17
CA ASP A 32 2.61 4.64 -9.61
C ASP A 32 3.41 5.97 -9.80
N GLY A 33 4.19 6.33 -8.76
CA GLY A 33 5.00 7.56 -8.76
C GLY A 33 4.34 8.75 -8.02
N GLU A 34 3.07 8.61 -7.60
CA GLU A 34 2.34 9.69 -6.88
C GLU A 34 1.68 9.16 -5.59
N ARG A 35 1.77 9.97 -4.50
CA ARG A 35 1.25 9.60 -3.17
C ARG A 35 -0.28 9.30 -3.19
N LEU A 36 -0.71 8.37 -2.33
CA LEU A 36 -2.15 8.11 -2.09
C LEU A 36 -2.67 9.05 -0.97
N ALA A 37 -3.85 9.64 -1.21
CA ALA A 37 -4.53 10.52 -0.24
C ALA A 37 -5.52 9.72 0.64
N SER A 38 -5.89 10.28 1.80
CA SER A 38 -6.88 9.66 2.72
C SER A 38 -8.32 9.75 2.12
N GLN A 39 -8.65 8.79 1.25
CA GLN A 39 -9.94 8.75 0.51
C GLN A 39 -10.85 7.63 1.08
N GLY A 40 -12.16 7.66 0.75
CA GLY A 40 -13.12 6.63 1.21
C GLY A 40 -12.74 5.19 0.82
N ARG A 41 -12.31 5.01 -0.44
CA ARG A 41 -11.80 3.70 -0.94
C ARG A 41 -10.34 3.46 -0.47
N VAL A 42 -9.52 4.54 -0.43
CA VAL A 42 -8.09 4.49 -0.04
C VAL A 42 -7.95 4.81 1.48
N GLN A 43 -8.16 3.79 2.33
CA GLN A 43 -8.04 3.91 3.79
C GLN A 43 -6.56 3.80 4.24
N LEU A 44 -5.97 4.93 4.63
CA LEU A 44 -4.60 4.97 5.18
C LEU A 44 -4.62 4.92 6.73
N GLU A 45 -4.33 3.74 7.28
CA GLU A 45 -4.22 3.52 8.73
C GLU A 45 -2.75 3.70 9.18
N GLN A 46 -2.43 4.90 9.70
CA GLN A 46 -1.11 5.16 10.31
C GLN A 46 -1.15 4.74 11.79
N ALA A 47 -0.59 3.56 12.10
CA ALA A 47 -0.56 2.99 13.46
C ALA A 47 0.89 2.83 13.97
N GLY A 48 1.04 2.30 15.20
CA GLY A 48 2.37 2.06 15.81
C GLY A 48 3.20 1.03 15.03
N ALA A 49 3.99 1.54 14.05
CA ALA A 49 4.83 0.75 13.10
C ALA A 49 4.01 0.06 11.97
N ARG A 50 2.72 -0.28 12.26
CA ARG A 50 1.83 -0.94 11.29
C ARG A 50 1.15 0.09 10.37
N GLN A 51 1.62 0.17 9.12
CA GLN A 51 0.97 1.00 8.07
C GLN A 51 0.08 0.11 7.18
N VAL A 52 -1.24 0.33 7.27
CA VAL A 52 -2.21 -0.43 6.47
C VAL A 52 -2.85 0.46 5.38
N LEU A 53 -2.48 0.19 4.13
CA LEU A 53 -3.13 0.79 2.94
C LEU A 53 -4.22 -0.18 2.44
N ARG A 54 -5.48 0.28 2.47
CA ARG A 54 -6.62 -0.46 1.91
C ARG A 54 -7.18 0.28 0.70
N VAL A 55 -7.14 -0.33 -0.50
CA VAL A 55 -7.82 0.21 -1.71
C VAL A 55 -8.99 -0.71 -2.11
N GLN A 56 -10.21 -0.31 -1.74
CA GLN A 56 -11.45 -0.94 -2.22
C GLN A 56 -11.72 -0.52 -3.68
N GLY A 57 -12.17 -1.47 -4.50
CA GLY A 57 -12.24 -1.27 -5.96
C GLY A 57 -10.94 -1.69 -6.66
N ALA A 58 -10.20 -2.64 -6.06
CA ALA A 58 -8.93 -3.16 -6.62
C ALA A 58 -9.20 -4.14 -7.79
N ARG A 59 -9.33 -3.59 -9.02
CA ARG A 59 -9.70 -4.38 -10.23
C ARG A 59 -8.69 -4.15 -11.39
N SER A 60 -8.86 -3.06 -12.16
CA SER A 60 -8.05 -2.79 -13.38
C SER A 60 -6.81 -1.92 -13.07
N GLY A 61 -7.04 -0.62 -12.76
CA GLY A 61 -5.95 0.35 -12.55
C GLY A 61 -5.35 0.36 -11.13
N ASP A 62 -5.41 -0.79 -10.44
CA ASP A 62 -4.84 -0.96 -9.08
C ASP A 62 -3.39 -1.50 -9.15
N ALA A 63 -3.09 -2.32 -10.17
CA ALA A 63 -1.81 -3.01 -10.33
C ALA A 63 -0.65 -2.02 -10.60
N GLY A 64 0.21 -1.82 -9.60
CA GLY A 64 1.24 -0.80 -9.67
C GLY A 64 2.27 -0.88 -8.54
N GLU A 65 3.28 0.02 -8.59
CA GLU A 65 4.34 0.11 -7.56
C GLU A 65 3.85 0.99 -6.39
N TYR A 66 3.58 0.36 -5.25
CA TYR A 66 3.24 1.07 -3.99
C TYR A 66 4.51 1.28 -3.14
N LEU A 67 4.50 2.29 -2.27
CA LEU A 67 5.71 2.68 -1.51
C LEU A 67 5.37 3.14 -0.08
N CYS A 68 5.61 2.27 0.91
CA CYS A 68 5.53 2.61 2.35
C CYS A 68 6.84 3.36 2.76
N ASP A 69 6.82 4.69 2.60
CA ASP A 69 8.01 5.56 2.70
C ASP A 69 8.24 6.12 4.13
N ALA A 70 9.19 5.53 4.86
CA ALA A 70 9.60 6.01 6.21
C ALA A 70 10.59 7.21 6.07
N PRO A 71 10.82 8.03 7.16
CA PRO A 71 11.84 9.14 7.16
C PRO A 71 13.34 8.67 7.14
N GLN A 72 13.62 7.51 6.49
CA GLN A 72 14.98 6.95 6.32
C GLN A 72 14.91 5.72 5.37
N ASP A 73 14.16 4.68 5.80
CA ASP A 73 13.91 3.47 5.00
C ASP A 73 12.62 3.64 4.13
N SER A 74 12.33 2.63 3.30
CA SER A 74 11.09 2.60 2.47
C SER A 74 10.87 1.18 1.91
N ARG A 75 9.62 0.67 1.97
CA ARG A 75 9.25 -0.68 1.47
C ARG A 75 8.43 -0.56 0.16
N ILE A 76 8.92 -1.23 -0.90
CA ILE A 76 8.31 -1.15 -2.25
C ILE A 76 7.47 -2.42 -2.54
N PHE A 77 6.20 -2.22 -2.87
CA PHE A 77 5.26 -3.28 -3.24
C PHE A 77 5.08 -3.36 -4.76
N LEU A 78 5.28 -4.56 -5.33
CA LEU A 78 4.77 -4.89 -6.66
C LEU A 78 3.41 -5.58 -6.48
N VAL A 79 2.34 -4.77 -6.54
CA VAL A 79 0.97 -5.27 -6.45
C VAL A 79 0.49 -5.72 -7.83
N SER A 80 0.41 -7.05 -8.01
CA SER A 80 -0.01 -7.67 -9.28
C SER A 80 -1.45 -8.18 -9.14
N VAL A 81 -2.39 -7.63 -9.94
CA VAL A 81 -3.78 -8.10 -9.96
C VAL A 81 -3.89 -9.31 -10.91
N GLU A 82 -4.04 -10.51 -10.31
CA GLU A 82 -4.04 -11.80 -11.01
C GLU A 82 -4.92 -12.83 -10.25
N GLU A 83 -4.80 -14.12 -10.62
CA GLU A 83 -5.59 -15.24 -10.05
C GLU A 83 -7.14 -15.01 -10.21
N PRO A 84 -7.64 -14.76 -11.47
CA PRO A 84 -9.07 -14.42 -11.71
C PRO A 84 -10.03 -15.67 -11.56
N MET A 3 11.88 -7.94 -0.19
CA MET A 3 11.01 -6.85 -0.70
C MET A 3 9.55 -7.28 -0.62
N THR A 4 8.67 -6.39 -0.11
CA THR A 4 7.22 -6.65 0.04
C THR A 4 6.54 -6.88 -1.33
N ARG A 5 6.17 -8.14 -1.62
CA ARG A 5 5.43 -8.50 -2.85
C ARG A 5 4.04 -9.02 -2.46
N VAL A 6 2.99 -8.35 -2.95
CA VAL A 6 1.58 -8.70 -2.66
C VAL A 6 0.82 -8.99 -3.98
N ARG A 7 -0.07 -9.99 -3.97
CA ARG A 7 -0.92 -10.34 -5.14
C ARG A 7 -2.41 -10.41 -4.70
N SER A 8 -3.29 -9.68 -5.41
CA SER A 8 -4.74 -9.64 -5.11
C SER A 8 -5.58 -10.10 -6.31
N THR A 9 -6.85 -10.45 -6.05
CA THR A 9 -7.79 -10.91 -7.10
C THR A 9 -8.60 -9.75 -7.71
N PRO A 10 -8.82 -9.77 -9.07
CA PRO A 10 -9.51 -8.68 -9.79
C PRO A 10 -11.04 -8.63 -9.51
N GLY A 11 -11.50 -7.50 -8.95
CA GLY A 11 -12.91 -7.32 -8.54
C GLY A 11 -13.09 -7.27 -7.03
N GLY A 12 -12.06 -7.70 -6.26
CA GLY A 12 -12.10 -7.68 -4.78
C GLY A 12 -11.61 -6.35 -4.19
N ASP A 13 -10.71 -6.43 -3.20
CA ASP A 13 -10.09 -5.25 -2.56
C ASP A 13 -8.64 -5.56 -2.12
N LEU A 14 -7.79 -4.52 -2.13
CA LEU A 14 -6.38 -4.60 -1.71
C LEU A 14 -6.22 -4.13 -0.25
N GLU A 15 -5.31 -4.77 0.51
CA GLU A 15 -4.93 -4.33 1.86
C GLU A 15 -3.42 -4.62 2.09
N LEU A 16 -2.62 -3.55 2.22
CA LEU A 16 -1.17 -3.62 2.43
C LEU A 16 -0.84 -3.24 3.88
N VAL A 17 -0.54 -4.23 4.73
CA VAL A 17 -0.16 -4.01 6.14
C VAL A 17 1.36 -4.21 6.28
N VAL A 18 2.07 -3.15 6.65
CA VAL A 18 3.56 -3.15 6.72
C VAL A 18 4.03 -3.42 8.16
N HIS A 19 5.17 -4.10 8.27
CA HIS A 19 5.85 -4.36 9.56
C HIS A 19 7.34 -3.97 9.46
N LEU A 20 7.65 -2.97 8.60
CA LEU A 20 9.01 -2.40 8.44
C LEU A 20 9.68 -1.96 9.77
N SER A 21 11.01 -1.88 9.75
CA SER A 21 11.81 -1.40 10.90
C SER A 21 12.14 0.11 10.78
N GLY A 22 11.31 0.84 10.01
CA GLY A 22 11.43 2.31 9.86
C GLY A 22 11.08 3.07 11.15
N PRO A 23 12.03 3.85 11.75
CA PRO A 23 11.80 4.58 13.03
C PRO A 23 10.76 5.72 12.94
N GLY A 24 9.54 5.46 13.48
CA GLY A 24 8.50 6.49 13.65
C GLY A 24 7.78 6.91 12.36
N GLY A 25 6.93 7.95 12.47
CA GLY A 25 6.20 8.53 11.32
C GLY A 25 6.68 9.93 10.94
N PRO A 26 6.15 10.57 9.84
CA PRO A 26 5.08 10.01 8.98
C PRO A 26 5.62 9.09 7.84
N VAL A 27 5.18 7.83 7.84
CA VAL A 27 5.45 6.87 6.74
C VAL A 27 4.43 7.10 5.60
N ARG A 28 4.92 7.54 4.44
CA ARG A 28 4.08 8.01 3.32
C ARG A 28 3.86 6.91 2.26
N TRP A 29 2.62 6.78 1.77
CA TRP A 29 2.27 5.80 0.72
C TRP A 29 2.28 6.47 -0.67
N TYR A 30 3.06 5.92 -1.62
CA TYR A 30 3.13 6.41 -3.02
C TYR A 30 2.68 5.31 -4.01
N LYS A 31 1.82 5.65 -4.99
CA LYS A 31 1.44 4.72 -6.08
C LYS A 31 1.85 5.30 -7.45
N ASP A 32 2.58 4.48 -8.24
CA ASP A 32 3.05 4.83 -9.61
C ASP A 32 4.06 6.04 -9.63
N GLY A 33 4.47 6.52 -8.45
CA GLY A 33 5.37 7.69 -8.35
C GLY A 33 4.89 8.76 -7.37
N GLU A 34 3.57 8.85 -7.09
CA GLU A 34 3.00 9.96 -6.28
C GLU A 34 2.07 9.46 -5.16
N ARG A 35 2.03 10.24 -4.06
CA ARG A 35 1.39 9.82 -2.80
C ARG A 35 -0.15 9.67 -2.87
N LEU A 36 -0.67 8.83 -1.95
CA LEU A 36 -2.12 8.60 -1.76
C LEU A 36 -2.62 9.36 -0.51
N ALA A 37 -3.95 9.54 -0.42
CA ALA A 37 -4.62 10.21 0.74
C ALA A 37 -5.74 9.33 1.30
N SER A 38 -6.06 9.49 2.61
CA SER A 38 -7.11 8.70 3.30
C SER A 38 -8.52 9.13 2.82
N GLN A 39 -8.94 8.56 1.67
CA GLN A 39 -10.25 8.82 1.04
C GLN A 39 -11.16 7.57 1.12
N GLY A 40 -12.38 7.66 0.56
CA GLY A 40 -13.38 6.56 0.59
C GLY A 40 -12.89 5.26 -0.08
N ARG A 41 -12.21 5.40 -1.23
CA ARG A 41 -11.65 4.25 -1.98
C ARG A 41 -10.19 3.93 -1.54
N VAL A 42 -9.54 4.87 -0.81
CA VAL A 42 -8.13 4.72 -0.38
C VAL A 42 -8.04 4.88 1.17
N GLN A 43 -8.34 3.80 1.91
CA GLN A 43 -8.39 3.81 3.39
C GLN A 43 -6.99 3.60 4.00
N LEU A 44 -6.56 4.52 4.89
CA LEU A 44 -5.21 4.50 5.51
C LEU A 44 -5.27 4.36 7.05
N GLU A 45 -5.13 3.13 7.57
CA GLU A 45 -4.86 2.93 9.02
C GLU A 45 -3.34 3.02 9.27
N GLN A 46 -2.89 4.20 9.69
CA GLN A 46 -1.46 4.54 9.80
C GLN A 46 -1.04 4.70 11.28
N ALA A 47 -0.17 3.78 11.75
CA ALA A 47 0.29 3.70 13.16
C ALA A 47 1.85 3.66 13.23
N GLY A 48 2.40 3.14 14.35
CA GLY A 48 3.85 2.90 14.47
C GLY A 48 4.26 1.57 13.81
N ALA A 49 5.03 1.68 12.69
CA ALA A 49 5.47 0.54 11.82
C ALA A 49 4.33 -0.05 10.96
N ARG A 50 3.21 -0.41 11.62
CA ARG A 50 1.98 -0.87 10.95
C ARG A 50 1.32 0.27 10.13
N GLN A 51 1.54 0.24 8.81
CA GLN A 51 0.87 1.13 7.84
C GLN A 51 -0.09 0.29 6.96
N VAL A 52 -1.38 0.66 6.90
CA VAL A 52 -2.40 -0.10 6.15
C VAL A 52 -3.00 0.73 5.00
N LEU A 53 -2.68 0.34 3.74
CA LEU A 53 -3.26 0.94 2.52
C LEU A 53 -4.35 -0.01 1.95
N ARG A 54 -5.59 0.49 1.84
CA ARG A 54 -6.74 -0.31 1.37
C ARG A 54 -7.37 0.29 0.11
N VAL A 55 -7.19 -0.38 -1.04
CA VAL A 55 -7.84 0.03 -2.31
C VAL A 55 -9.19 -0.71 -2.50
N GLN A 56 -10.27 0.07 -2.48
CA GLN A 56 -11.64 -0.42 -2.67
C GLN A 56 -11.94 -0.67 -4.17
N GLY A 57 -12.34 -1.91 -4.50
CA GLY A 57 -12.60 -2.30 -5.90
C GLY A 57 -11.32 -2.54 -6.72
N ALA A 58 -10.33 -3.22 -6.10
CA ALA A 58 -9.03 -3.50 -6.72
C ALA A 58 -9.17 -4.46 -7.93
N ARG A 59 -8.90 -3.94 -9.15
CA ARG A 59 -9.07 -4.70 -10.40
C ARG A 59 -8.05 -4.24 -11.49
N SER A 60 -8.22 -3.00 -12.00
CA SER A 60 -7.50 -2.52 -13.23
C SER A 60 -6.21 -1.72 -12.90
N GLY A 61 -6.33 -0.38 -12.68
CA GLY A 61 -5.17 0.49 -12.41
C GLY A 61 -4.67 0.44 -10.95
N ASP A 62 -5.28 -0.46 -10.17
CA ASP A 62 -4.97 -0.66 -8.74
C ASP A 62 -3.76 -1.61 -8.56
N ALA A 63 -3.27 -2.14 -9.69
CA ALA A 63 -2.01 -2.93 -9.75
C ALA A 63 -0.84 -1.97 -10.05
N GLY A 64 0.20 -2.05 -9.22
CA GLY A 64 1.40 -1.23 -9.38
C GLY A 64 2.32 -1.25 -8.17
N GLU A 65 3.36 -0.41 -8.18
CA GLU A 65 4.31 -0.28 -7.06
C GLU A 65 3.78 0.72 -6.02
N TYR A 66 3.71 0.28 -4.75
CA TYR A 66 3.33 1.11 -3.60
C TYR A 66 4.53 1.31 -2.66
N LEU A 67 5.06 2.53 -2.60
CA LEU A 67 6.25 2.87 -1.82
C LEU A 67 5.85 3.35 -0.41
N CYS A 68 6.00 2.44 0.58
CA CYS A 68 5.82 2.76 2.01
C CYS A 68 7.12 3.40 2.57
N ASP A 69 7.19 4.74 2.45
CA ASP A 69 8.40 5.54 2.69
C ASP A 69 8.46 6.13 4.13
N ALA A 70 9.13 5.40 5.03
CA ALA A 70 9.37 5.81 6.44
C ALA A 70 10.48 6.91 6.54
N PRO A 71 10.52 7.72 7.66
CA PRO A 71 11.60 8.72 7.93
C PRO A 71 13.06 8.20 7.73
N GLN A 72 13.30 6.91 8.02
CA GLN A 72 14.63 6.28 7.83
C GLN A 72 14.45 4.79 7.35
N ASP A 73 13.60 4.62 6.32
CA ASP A 73 13.38 3.32 5.61
C ASP A 73 12.35 3.53 4.46
N SER A 74 12.29 2.61 3.49
CA SER A 74 11.25 2.63 2.43
C SER A 74 11.10 1.24 1.78
N ARG A 75 9.88 0.67 1.84
CA ARG A 75 9.58 -0.67 1.28
C ARG A 75 8.74 -0.54 -0.01
N ILE A 76 9.20 -1.18 -1.09
CA ILE A 76 8.49 -1.21 -2.38
C ILE A 76 7.50 -2.40 -2.39
N PHE A 77 6.21 -2.12 -2.58
CA PHE A 77 5.17 -3.15 -2.67
C PHE A 77 4.87 -3.44 -4.14
N LEU A 78 5.43 -4.54 -4.65
CA LEU A 78 5.13 -5.03 -6.01
C LEU A 78 3.77 -5.73 -5.97
N VAL A 79 2.72 -4.95 -6.26
CA VAL A 79 1.33 -5.42 -6.20
C VAL A 79 0.78 -5.65 -7.62
N SER A 80 0.52 -6.91 -7.95
CA SER A 80 -0.15 -7.29 -9.21
C SER A 80 -1.55 -7.85 -8.90
N VAL A 81 -2.60 -7.10 -9.26
CA VAL A 81 -3.97 -7.58 -9.13
C VAL A 81 -4.29 -8.44 -10.38
N GLU A 82 -4.29 -9.77 -10.19
CA GLU A 82 -4.36 -10.75 -11.29
C GLU A 82 -4.96 -12.09 -10.79
N GLU A 83 -5.09 -13.06 -11.71
CA GLU A 83 -5.62 -14.42 -11.42
C GLU A 83 -7.09 -14.34 -10.92
N PRO A 84 -8.12 -14.42 -11.84
CA PRO A 84 -9.56 -14.17 -11.50
C PRO A 84 -10.14 -15.17 -10.44
N MET A 3 11.77 -8.04 -1.35
CA MET A 3 10.78 -6.95 -1.56
C MET A 3 9.36 -7.44 -1.23
N THR A 4 8.51 -6.59 -0.60
CA THR A 4 7.10 -6.92 -0.27
C THR A 4 6.25 -7.15 -1.55
N ARG A 5 5.95 -8.43 -1.85
CA ARG A 5 5.16 -8.85 -3.04
C ARG A 5 3.75 -9.33 -2.62
N VAL A 6 2.70 -8.54 -2.95
CA VAL A 6 1.30 -8.87 -2.60
C VAL A 6 0.41 -8.93 -3.88
N ARG A 7 -0.17 -10.10 -4.17
CA ARG A 7 -1.14 -10.26 -5.28
C ARG A 7 -2.58 -9.98 -4.78
N SER A 8 -3.34 -9.19 -5.54
CA SER A 8 -4.78 -8.94 -5.26
C SER A 8 -5.66 -9.60 -6.35
N THR A 9 -6.91 -9.87 -6.01
CA THR A 9 -7.90 -10.48 -6.92
C THR A 9 -8.56 -9.41 -7.82
N PRO A 10 -8.90 -9.78 -9.10
CA PRO A 10 -9.44 -8.82 -10.12
C PRO A 10 -10.84 -8.24 -9.74
N GLY A 11 -10.83 -6.96 -9.31
CA GLY A 11 -12.07 -6.24 -8.94
C GLY A 11 -12.41 -6.37 -7.46
N GLY A 12 -11.42 -6.81 -6.65
CA GLY A 12 -11.59 -6.96 -5.19
C GLY A 12 -11.01 -5.78 -4.40
N ASP A 13 -10.89 -5.93 -3.07
CA ASP A 13 -10.28 -4.89 -2.20
C ASP A 13 -8.86 -5.32 -1.72
N LEU A 14 -7.85 -4.52 -2.08
CA LEU A 14 -6.46 -4.69 -1.63
C LEU A 14 -6.30 -4.21 -0.17
N GLU A 15 -5.39 -4.87 0.59
CA GLU A 15 -4.96 -4.38 1.91
C GLU A 15 -3.47 -4.70 2.13
N LEU A 16 -2.64 -3.66 2.27
CA LEU A 16 -1.20 -3.80 2.53
C LEU A 16 -0.92 -3.53 4.02
N VAL A 17 -0.74 -4.60 4.80
CA VAL A 17 -0.36 -4.51 6.21
C VAL A 17 1.17 -4.63 6.31
N VAL A 18 1.81 -3.54 6.75
CA VAL A 18 3.27 -3.35 6.67
C VAL A 18 3.89 -3.44 8.06
N HIS A 19 5.04 -4.14 8.17
CA HIS A 19 5.87 -4.12 9.39
C HIS A 19 7.35 -3.94 8.97
N LEU A 20 7.60 -2.92 8.14
CA LEU A 20 8.97 -2.41 7.87
C LEU A 20 9.74 -2.03 9.18
N SER A 21 11.08 -1.98 9.08
CA SER A 21 11.97 -1.62 10.22
C SER A 21 12.08 -0.08 10.40
N GLY A 22 10.93 0.63 10.28
CA GLY A 22 10.87 2.10 10.40
C GLY A 22 9.85 2.55 11.45
N PRO A 23 10.24 2.64 12.77
CA PRO A 23 9.32 3.07 13.86
C PRO A 23 9.12 4.61 13.91
N GLY A 24 7.95 5.04 14.40
CA GLY A 24 7.60 6.47 14.49
C GLY A 24 7.25 7.08 13.12
N GLY A 25 8.28 7.60 12.43
CA GLY A 25 8.12 8.18 11.10
C GLY A 25 7.69 9.67 11.11
N PRO A 26 6.46 10.06 10.63
CA PRO A 26 5.42 9.13 10.05
C PRO A 26 5.80 8.60 8.64
N VAL A 27 5.20 7.46 8.25
CA VAL A 27 5.48 6.79 6.97
C VAL A 27 4.52 7.31 5.86
N ARG A 28 5.08 7.72 4.71
CA ARG A 28 4.32 8.32 3.59
C ARG A 28 4.02 7.27 2.51
N TRP A 29 2.76 7.19 2.04
CA TRP A 29 2.34 6.24 0.99
C TRP A 29 2.31 6.89 -0.40
N TYR A 30 3.15 6.38 -1.30
CA TYR A 30 3.16 6.76 -2.73
C TYR A 30 2.69 5.57 -3.58
N LYS A 31 2.03 5.85 -4.70
CA LYS A 31 1.58 4.82 -5.64
C LYS A 31 2.04 5.15 -7.08
N ASP A 32 2.95 4.29 -7.58
CA ASP A 32 3.40 4.22 -8.99
C ASP A 32 4.02 5.56 -9.51
N GLY A 33 4.33 6.48 -8.59
CA GLY A 33 4.86 7.80 -8.95
C GLY A 33 4.56 8.88 -7.89
N GLU A 34 3.34 8.86 -7.29
CA GLU A 34 2.91 9.95 -6.37
C GLU A 34 1.85 9.47 -5.33
N ARG A 35 1.78 10.21 -4.19
CA ARG A 35 1.06 9.80 -2.95
C ARG A 35 -0.46 9.54 -3.10
N LEU A 36 -0.99 8.66 -2.22
CA LEU A 36 -2.45 8.42 -2.07
C LEU A 36 -3.04 9.27 -0.92
N ALA A 37 -4.38 9.43 -0.94
CA ALA A 37 -5.14 10.16 0.09
C ALA A 37 -6.29 9.27 0.61
N SER A 38 -6.46 9.21 1.95
CA SER A 38 -7.50 8.37 2.59
C SER A 38 -8.93 8.90 2.30
N GLN A 39 -9.52 8.41 1.19
CA GLN A 39 -10.88 8.81 0.72
C GLN A 39 -11.72 7.58 0.30
N GLY A 40 -12.60 7.12 1.22
CA GLY A 40 -13.59 6.06 0.95
C GLY A 40 -12.99 4.68 0.60
N ARG A 41 -12.75 4.48 -0.69
CA ARG A 41 -12.14 3.22 -1.21
C ARG A 41 -10.65 3.10 -0.81
N VAL A 42 -9.93 4.24 -0.82
CA VAL A 42 -8.53 4.33 -0.36
C VAL A 42 -8.52 4.67 1.16
N GLN A 43 -7.90 3.80 1.97
CA GLN A 43 -7.92 3.91 3.45
C GLN A 43 -6.50 3.83 4.02
N LEU A 44 -6.07 4.88 4.75
CA LEU A 44 -4.71 4.96 5.35
C LEU A 44 -4.80 4.90 6.89
N GLU A 45 -4.53 3.71 7.45
CA GLU A 45 -4.32 3.53 8.89
C GLU A 45 -2.80 3.63 9.18
N GLN A 46 -2.41 4.51 10.10
CA GLN A 46 -1.01 4.75 10.46
C GLN A 46 -0.78 4.60 11.99
N ALA A 47 -0.21 3.45 12.39
CA ALA A 47 0.13 3.13 13.79
C ALA A 47 1.64 3.34 14.10
N GLY A 48 2.41 3.72 13.06
CA GLY A 48 3.87 3.91 13.17
C GLY A 48 4.62 2.87 12.32
N ALA A 49 5.12 1.79 12.98
CA ALA A 49 5.76 0.66 12.29
C ALA A 49 4.74 -0.16 11.45
N ARG A 50 3.48 -0.23 11.95
CA ARG A 50 2.35 -0.83 11.22
C ARG A 50 1.66 0.24 10.35
N GLN A 51 1.71 0.06 9.03
CA GLN A 51 0.95 0.86 8.05
C GLN A 51 -0.08 -0.04 7.34
N VAL A 52 -1.28 0.49 7.08
CA VAL A 52 -2.34 -0.24 6.35
C VAL A 52 -2.93 0.65 5.23
N LEU A 53 -2.66 0.27 3.97
CA LEU A 53 -3.25 0.89 2.77
C LEU A 53 -4.26 -0.08 2.12
N ARG A 54 -5.54 0.28 2.18
CA ARG A 54 -6.62 -0.43 1.46
C ARG A 54 -7.01 0.31 0.17
N VAL A 55 -7.20 -0.45 -0.92
CA VAL A 55 -7.80 0.06 -2.18
C VAL A 55 -8.99 -0.86 -2.58
N GLN A 56 -10.22 -0.41 -2.29
CA GLN A 56 -11.44 -1.11 -2.71
C GLN A 56 -11.68 -0.87 -4.22
N GLY A 57 -11.84 -1.96 -5.00
CA GLY A 57 -11.93 -1.88 -6.45
C GLY A 57 -10.57 -1.94 -7.14
N ALA A 58 -9.61 -2.62 -6.49
CA ALA A 58 -8.25 -2.86 -7.04
C ALA A 58 -8.31 -3.69 -8.35
N ARG A 59 -8.17 -2.99 -9.50
CA ARG A 59 -8.10 -3.62 -10.85
C ARG A 59 -7.82 -2.53 -11.92
N SER A 60 -8.77 -1.57 -12.04
CA SER A 60 -8.84 -0.59 -13.16
C SER A 60 -7.52 0.23 -13.36
N GLY A 61 -7.06 0.90 -12.28
CA GLY A 61 -5.79 1.66 -12.30
C GLY A 61 -4.92 1.39 -11.09
N ASP A 62 -5.19 0.28 -10.39
CA ASP A 62 -4.43 -0.14 -9.19
C ASP A 62 -3.91 -1.58 -9.33
N ALA A 63 -2.68 -1.69 -9.88
CA ALA A 63 -1.92 -2.96 -9.99
C ALA A 63 -0.45 -2.65 -10.31
N GLY A 64 0.23 -1.99 -9.36
CA GLY A 64 1.60 -1.51 -9.57
C GLY A 64 2.39 -1.38 -8.27
N GLU A 65 3.39 -0.48 -8.28
CA GLU A 65 4.28 -0.26 -7.12
C GLU A 65 3.64 0.69 -6.09
N TYR A 66 3.60 0.26 -4.82
CA TYR A 66 3.16 1.08 -3.68
C TYR A 66 4.36 1.31 -2.73
N LEU A 67 4.89 2.54 -2.71
CA LEU A 67 6.10 2.86 -1.94
C LEU A 67 5.72 3.37 -0.53
N CYS A 68 5.81 2.47 0.46
CA CYS A 68 5.66 2.80 1.89
C CYS A 68 6.98 3.41 2.41
N ASP A 69 7.09 4.74 2.24
CA ASP A 69 8.34 5.49 2.45
C ASP A 69 8.50 6.02 3.90
N ALA A 70 9.23 5.26 4.74
CA ALA A 70 9.54 5.67 6.12
C ALA A 70 10.87 6.48 6.21
N PRO A 71 10.92 7.59 7.04
CA PRO A 71 12.17 8.37 7.29
C PRO A 71 13.36 7.52 7.80
N GLN A 72 13.04 6.42 8.53
CA GLN A 72 14.05 5.44 8.97
C GLN A 72 14.49 4.55 7.78
N ASP A 73 13.55 3.76 7.20
CA ASP A 73 13.82 2.94 6.00
C ASP A 73 12.52 2.68 5.20
N SER A 74 12.55 2.98 3.89
CA SER A 74 11.39 2.86 2.98
C SER A 74 11.07 1.37 2.64
N ARG A 75 10.00 1.13 1.86
CA ARG A 75 9.54 -0.23 1.47
C ARG A 75 8.75 -0.21 0.13
N ILE A 76 9.14 -1.04 -0.84
CA ILE A 76 8.49 -1.11 -2.18
C ILE A 76 7.52 -2.31 -2.22
N PHE A 77 6.23 -2.06 -2.53
CA PHE A 77 5.21 -3.13 -2.68
C PHE A 77 4.92 -3.42 -4.16
N LEU A 78 5.43 -4.55 -4.66
CA LEU A 78 5.05 -5.08 -5.97
C LEU A 78 3.65 -5.73 -5.86
N VAL A 79 2.62 -4.94 -6.16
CA VAL A 79 1.22 -5.42 -6.14
C VAL A 79 0.74 -5.77 -7.56
N SER A 80 0.47 -7.05 -7.78
CA SER A 80 -0.02 -7.55 -9.08
C SER A 80 -1.48 -8.04 -8.94
N VAL A 81 -2.42 -7.29 -9.52
CA VAL A 81 -3.84 -7.68 -9.56
C VAL A 81 -4.09 -8.48 -10.86
N GLU A 82 -4.25 -9.80 -10.71
CA GLU A 82 -4.30 -10.74 -11.87
C GLU A 82 -4.53 -12.19 -11.39
N GLU A 83 -4.07 -12.50 -10.16
CA GLU A 83 -4.25 -13.81 -9.52
C GLU A 83 -5.76 -14.07 -9.25
N PRO A 84 -6.45 -14.89 -10.10
CA PRO A 84 -7.94 -14.96 -10.14
C PRO A 84 -8.57 -15.78 -8.96
N MET A 3 12.01 -6.59 -2.06
CA MET A 3 10.88 -5.63 -1.89
C MET A 3 9.59 -6.37 -1.47
N THR A 4 8.75 -5.69 -0.67
CA THR A 4 7.56 -6.29 -0.02
C THR A 4 6.41 -6.50 -1.04
N ARG A 5 6.36 -7.69 -1.68
CA ARG A 5 5.42 -7.99 -2.79
C ARG A 5 4.08 -8.59 -2.28
N VAL A 6 2.94 -8.10 -2.82
CA VAL A 6 1.59 -8.60 -2.44
C VAL A 6 0.78 -9.03 -3.69
N ARG A 7 0.31 -10.29 -3.70
CA ARG A 7 -0.65 -10.79 -4.73
C ARG A 7 -2.10 -10.56 -4.24
N SER A 8 -3.00 -10.20 -5.16
CA SER A 8 -4.40 -9.81 -4.82
C SER A 8 -5.39 -10.24 -5.91
N THR A 9 -6.62 -10.54 -5.47
CA THR A 9 -7.74 -10.89 -6.35
C THR A 9 -8.45 -9.63 -6.92
N PRO A 10 -8.99 -9.73 -8.18
CA PRO A 10 -9.63 -8.61 -8.88
C PRO A 10 -11.13 -8.42 -8.48
N GLY A 11 -11.58 -7.16 -8.47
CA GLY A 11 -12.97 -6.83 -8.11
C GLY A 11 -13.17 -6.56 -6.61
N GLY A 12 -12.25 -7.08 -5.77
CA GLY A 12 -12.33 -6.93 -4.30
C GLY A 12 -11.64 -5.67 -3.78
N ASP A 13 -11.13 -5.72 -2.53
CA ASP A 13 -10.30 -4.63 -1.96
C ASP A 13 -8.85 -5.11 -1.74
N LEU A 14 -7.88 -4.36 -2.28
CA LEU A 14 -6.45 -4.59 -2.05
C LEU A 14 -6.08 -4.09 -0.66
N GLU A 15 -5.41 -4.92 0.16
CA GLU A 15 -5.04 -4.55 1.53
C GLU A 15 -3.54 -4.83 1.76
N LEU A 16 -2.73 -3.75 1.79
CA LEU A 16 -1.30 -3.84 2.09
C LEU A 16 -1.08 -3.66 3.61
N VAL A 17 -0.86 -4.77 4.32
CA VAL A 17 -0.51 -4.76 5.76
C VAL A 17 1.01 -4.94 5.86
N VAL A 18 1.71 -3.88 6.28
CA VAL A 18 3.18 -3.82 6.20
C VAL A 18 3.80 -4.17 7.56
N HIS A 19 4.85 -5.00 7.53
CA HIS A 19 5.60 -5.43 8.73
C HIS A 19 7.07 -4.93 8.63
N LEU A 20 7.26 -3.75 7.99
CA LEU A 20 8.60 -3.14 7.74
C LEU A 20 9.43 -2.90 9.03
N SER A 21 10.75 -2.84 8.87
CA SER A 21 11.73 -2.60 9.96
C SER A 21 11.90 -1.09 10.28
N GLY A 22 11.08 -0.23 9.64
CA GLY A 22 11.13 1.24 9.85
C GLY A 22 10.56 1.69 11.22
N PRO A 23 10.47 3.03 11.48
CA PRO A 23 10.08 3.59 12.80
C PRO A 23 8.54 3.67 13.03
N GLY A 24 8.15 4.16 14.22
CA GLY A 24 6.74 4.37 14.56
C GLY A 24 6.17 5.71 14.04
N GLY A 25 6.18 5.87 12.69
CA GLY A 25 5.60 7.05 12.03
C GLY A 25 6.50 8.30 12.01
N PRO A 26 6.08 9.42 11.32
CA PRO A 26 4.87 9.46 10.46
C PRO A 26 5.15 8.92 9.01
N VAL A 27 4.78 7.66 8.76
CA VAL A 27 5.06 6.97 7.48
C VAL A 27 4.03 7.40 6.39
N ARG A 28 4.54 7.74 5.19
CA ARG A 28 3.70 8.17 4.04
C ARG A 28 3.46 7.00 3.06
N TRP A 29 2.34 7.08 2.33
CA TRP A 29 1.97 6.11 1.26
C TRP A 29 2.07 6.75 -0.13
N TYR A 30 2.70 6.03 -1.07
CA TYR A 30 2.84 6.44 -2.48
C TYR A 30 2.36 5.31 -3.44
N LYS A 31 2.07 5.68 -4.68
CA LYS A 31 1.68 4.75 -5.77
C LYS A 31 2.06 5.37 -7.13
N ASP A 32 2.78 4.60 -7.97
CA ASP A 32 3.15 5.00 -9.36
C ASP A 32 4.10 6.25 -9.34
N GLY A 33 4.79 6.45 -8.19
CA GLY A 33 5.68 7.60 -7.97
C GLY A 33 4.98 8.81 -7.31
N GLU A 34 3.66 8.74 -7.13
CA GLU A 34 2.83 9.87 -6.59
C GLU A 34 2.04 9.42 -5.33
N ARG A 35 2.15 10.21 -4.24
CA ARG A 35 1.53 9.89 -2.93
C ARG A 35 -0.03 9.78 -2.98
N LEU A 36 -0.55 8.87 -2.14
CA LEU A 36 -2.00 8.65 -1.96
C LEU A 36 -2.56 9.52 -0.81
N ALA A 37 -3.87 9.82 -0.87
CA ALA A 37 -4.59 10.58 0.17
C ALA A 37 -5.76 9.73 0.72
N SER A 38 -6.24 10.09 1.93
CA SER A 38 -7.39 9.42 2.58
C SER A 38 -8.71 9.68 1.78
N GLN A 39 -9.00 8.76 0.86
CA GLN A 39 -10.14 8.86 -0.08
C GLN A 39 -11.19 7.74 0.20
N GLY A 40 -12.41 7.89 -0.33
CA GLY A 40 -13.50 6.90 -0.15
C GLY A 40 -13.19 5.48 -0.68
N ARG A 41 -12.18 5.35 -1.57
CA ARG A 41 -11.70 4.04 -2.06
C ARG A 41 -10.20 3.81 -1.76
N VAL A 42 -9.58 4.76 -1.03
CA VAL A 42 -8.15 4.70 -0.62
C VAL A 42 -8.05 4.91 0.92
N GLN A 43 -8.19 3.81 1.67
CA GLN A 43 -8.24 3.82 3.16
C GLN A 43 -6.81 3.72 3.76
N LEU A 44 -6.31 4.82 4.34
CA LEU A 44 -4.96 4.88 4.96
C LEU A 44 -5.01 4.69 6.50
N GLU A 45 -4.01 3.96 7.03
CA GLU A 45 -3.82 3.76 8.48
C GLU A 45 -2.40 4.23 8.92
N GLN A 46 -2.31 4.90 10.08
CA GLN A 46 -1.03 5.35 10.65
C GLN A 46 -0.79 4.70 12.04
N ALA A 47 0.17 3.76 12.11
CA ALA A 47 0.70 3.20 13.38
C ALA A 47 2.24 3.29 13.39
N GLY A 48 2.86 2.83 12.28
CA GLY A 48 4.31 2.88 12.08
C GLY A 48 4.89 1.54 11.67
N ALA A 49 4.99 0.62 12.65
CA ALA A 49 5.41 -0.78 12.40
C ALA A 49 4.38 -1.53 11.52
N ARG A 50 3.08 -1.22 11.73
CA ARG A 50 1.98 -1.68 10.86
C ARG A 50 1.36 -0.48 10.10
N GLN A 51 1.62 -0.41 8.78
CA GLN A 51 0.93 0.53 7.87
C GLN A 51 -0.08 -0.23 6.99
N VAL A 52 -1.30 0.30 6.83
CA VAL A 52 -2.35 -0.37 6.04
C VAL A 52 -2.99 0.60 4.99
N LEU A 53 -2.78 0.27 3.71
CA LEU A 53 -3.45 0.93 2.55
C LEU A 53 -4.48 -0.05 1.96
N ARG A 54 -5.77 0.35 1.94
CA ARG A 54 -6.86 -0.50 1.41
C ARG A 54 -7.53 0.16 0.19
N VAL A 55 -7.26 -0.36 -1.01
CA VAL A 55 -7.93 0.08 -2.24
C VAL A 55 -9.28 -0.66 -2.41
N GLN A 56 -10.36 -0.01 -1.96
CA GLN A 56 -11.73 -0.53 -2.08
C GLN A 56 -12.24 -0.41 -3.53
N GLY A 57 -12.33 -1.55 -4.23
CA GLY A 57 -12.65 -1.57 -5.67
C GLY A 57 -11.41 -1.75 -6.55
N ALA A 58 -10.46 -2.57 -6.06
CA ALA A 58 -9.20 -2.87 -6.74
C ALA A 58 -9.40 -3.80 -7.96
N ARG A 59 -9.17 -3.26 -9.18
CA ARG A 59 -9.32 -4.01 -10.46
C ARG A 59 -8.71 -3.23 -11.66
N SER A 60 -9.19 -1.99 -11.86
CA SER A 60 -8.95 -1.19 -13.11
C SER A 60 -7.44 -0.93 -13.38
N GLY A 61 -6.78 -0.23 -12.45
CA GLY A 61 -5.32 0.03 -12.53
C GLY A 61 -4.69 0.10 -11.15
N ASP A 62 -5.33 -0.61 -10.21
CA ASP A 62 -5.02 -0.58 -8.77
C ASP A 62 -3.92 -1.60 -8.40
N ALA A 63 -3.37 -2.26 -9.42
CA ALA A 63 -2.14 -3.05 -9.33
C ALA A 63 -0.93 -2.14 -9.58
N GLY A 64 0.27 -2.58 -9.16
CA GLY A 64 1.50 -1.84 -9.46
C GLY A 64 2.40 -1.61 -8.25
N GLU A 65 3.31 -0.64 -8.37
CA GLU A 65 4.35 -0.38 -7.37
C GLU A 65 3.91 0.70 -6.35
N TYR A 66 3.83 0.30 -5.08
CA TYR A 66 3.54 1.20 -3.94
C TYR A 66 4.82 1.47 -3.14
N LEU A 67 4.87 2.63 -2.47
CA LEU A 67 6.03 3.02 -1.64
C LEU A 67 5.56 3.45 -0.23
N CYS A 68 5.72 2.55 0.75
CA CYS A 68 5.51 2.87 2.17
C CYS A 68 6.79 3.55 2.72
N ASP A 69 6.85 4.88 2.56
CA ASP A 69 8.05 5.71 2.80
C ASP A 69 8.06 6.32 4.22
N ALA A 70 8.89 5.74 5.10
CA ALA A 70 9.09 6.23 6.47
C ALA A 70 10.39 7.08 6.57
N PRO A 71 10.46 8.06 7.54
CA PRO A 71 11.66 8.94 7.72
C PRO A 71 13.03 8.18 7.83
N GLN A 72 13.02 7.00 8.49
CA GLN A 72 14.23 6.16 8.66
C GLN A 72 14.42 5.13 7.51
N ASP A 73 13.31 4.68 6.87
CA ASP A 73 13.37 3.61 5.83
C ASP A 73 12.14 3.64 4.88
N SER A 74 12.40 3.65 3.56
CA SER A 74 11.34 3.57 2.51
C SER A 74 11.19 2.12 2.01
N ARG A 75 9.94 1.66 1.78
CA ARG A 75 9.65 0.25 1.41
C ARG A 75 8.87 0.18 0.07
N ILE A 76 9.40 -0.55 -0.93
CA ILE A 76 8.75 -0.69 -2.27
C ILE A 76 7.94 -2.01 -2.34
N PHE A 77 6.79 -1.96 -3.04
CA PHE A 77 5.87 -3.10 -3.23
C PHE A 77 5.76 -3.45 -4.72
N LEU A 78 5.74 -4.76 -5.05
CA LEU A 78 5.32 -5.23 -6.40
C LEU A 78 3.96 -5.95 -6.26
N VAL A 79 2.88 -5.19 -6.50
CA VAL A 79 1.49 -5.68 -6.30
C VAL A 79 0.84 -6.11 -7.65
N SER A 80 0.11 -7.24 -7.62
CA SER A 80 -0.65 -7.74 -8.77
C SER A 80 -2.13 -7.99 -8.39
N VAL A 81 -3.04 -7.14 -8.90
CA VAL A 81 -4.50 -7.33 -8.77
C VAL A 81 -5.06 -7.74 -10.15
N GLU A 82 -5.37 -9.03 -10.32
CA GLU A 82 -5.82 -9.61 -11.63
C GLU A 82 -6.08 -11.12 -11.51
N GLU A 83 -5.28 -11.79 -10.67
CA GLU A 83 -5.29 -13.25 -10.50
C GLU A 83 -6.54 -13.68 -9.67
N PRO A 84 -7.58 -14.31 -10.33
CA PRO A 84 -8.90 -14.55 -9.70
C PRO A 84 -8.92 -15.77 -8.72
N MET A 3 11.54 -6.58 -2.50
CA MET A 3 10.39 -5.66 -2.31
C MET A 3 9.17 -6.42 -1.76
N THR A 4 8.34 -5.71 -0.97
CA THR A 4 7.20 -6.27 -0.22
C THR A 4 6.01 -6.63 -1.17
N ARG A 5 6.07 -7.83 -1.78
CA ARG A 5 5.08 -8.27 -2.80
C ARG A 5 3.73 -8.70 -2.18
N VAL A 6 2.62 -8.34 -2.86
CA VAL A 6 1.24 -8.71 -2.43
C VAL A 6 0.44 -9.35 -3.59
N ARG A 7 -0.20 -10.48 -3.31
CA ARG A 7 -1.12 -11.18 -4.23
C ARG A 7 -2.58 -10.66 -4.00
N SER A 8 -3.27 -10.27 -5.09
CA SER A 8 -4.65 -9.69 -5.03
C SER A 8 -5.52 -10.23 -6.17
N THR A 9 -6.86 -10.16 -6.00
CA THR A 9 -7.85 -10.58 -7.04
C THR A 9 -8.44 -9.34 -7.79
N PRO A 10 -8.89 -9.52 -9.08
CA PRO A 10 -9.45 -8.43 -9.90
C PRO A 10 -10.96 -8.15 -9.63
N GLY A 11 -11.24 -7.52 -8.47
CA GLY A 11 -12.61 -7.18 -8.06
C GLY A 11 -12.79 -7.23 -6.55
N GLY A 12 -12.02 -6.40 -5.82
CA GLY A 12 -12.08 -6.37 -4.35
C GLY A 12 -11.29 -5.20 -3.74
N ASP A 13 -11.24 -5.16 -2.40
CA ASP A 13 -10.47 -4.13 -1.66
C ASP A 13 -9.03 -4.64 -1.35
N LEU A 14 -8.03 -3.93 -1.88
CA LEU A 14 -6.60 -4.18 -1.60
C LEU A 14 -6.26 -3.69 -0.19
N GLU A 15 -5.50 -4.48 0.58
CA GLU A 15 -5.01 -4.08 1.92
C GLU A 15 -3.51 -4.43 2.05
N LEU A 16 -2.66 -3.40 2.04
CA LEU A 16 -1.20 -3.54 2.18
C LEU A 16 -0.81 -3.39 3.67
N VAL A 17 -0.51 -4.53 4.31
CA VAL A 17 -0.11 -4.58 5.72
C VAL A 17 1.43 -4.64 5.82
N VAL A 18 2.05 -3.57 6.33
CA VAL A 18 3.52 -3.47 6.40
C VAL A 18 4.00 -3.78 7.83
N HIS A 19 4.95 -4.73 7.95
CA HIS A 19 5.60 -5.06 9.23
C HIS A 19 6.98 -4.37 9.36
N LEU A 20 7.19 -3.28 8.58
CA LEU A 20 8.28 -2.30 8.81
C LEU A 20 8.34 -1.84 10.29
N SER A 21 9.57 -1.73 10.83
CA SER A 21 9.77 -1.19 12.20
C SER A 21 9.71 0.35 12.18
N GLY A 22 8.47 0.88 12.12
CA GLY A 22 8.20 2.33 12.16
C GLY A 22 7.34 2.68 13.38
N PRO A 23 7.96 2.90 14.59
CA PRO A 23 7.23 2.93 15.88
C PRO A 23 6.16 4.06 15.96
N GLY A 24 6.57 5.30 15.63
CA GLY A 24 5.68 6.46 15.56
C GLY A 24 5.93 7.28 14.30
N GLY A 25 5.11 7.04 13.25
CA GLY A 25 5.27 7.73 11.95
C GLY A 25 4.21 8.81 11.71
N PRO A 26 3.24 8.64 10.74
CA PRO A 26 3.08 7.41 9.91
C PRO A 26 4.04 7.35 8.69
N VAL A 27 3.94 6.25 7.93
CA VAL A 27 4.62 6.11 6.62
C VAL A 27 3.83 6.85 5.51
N ARG A 28 4.56 7.43 4.53
CA ARG A 28 3.98 8.14 3.38
C ARG A 28 3.92 7.17 2.17
N TRP A 29 2.74 7.06 1.56
CA TRP A 29 2.50 6.12 0.44
C TRP A 29 2.53 6.85 -0.91
N TYR A 30 3.18 6.23 -1.93
CA TYR A 30 3.19 6.76 -3.32
C TYR A 30 2.86 5.64 -4.33
N LYS A 31 1.78 5.82 -5.11
CA LYS A 31 1.37 4.89 -6.18
C LYS A 31 1.66 5.53 -7.55
N ASP A 32 2.44 4.79 -8.38
CA ASP A 32 2.87 5.21 -9.73
C ASP A 32 3.83 6.45 -9.64
N GLY A 33 4.31 6.75 -8.41
CA GLY A 33 5.14 7.93 -8.12
C GLY A 33 4.40 9.01 -7.30
N GLU A 34 3.05 9.03 -7.36
CA GLU A 34 2.23 10.11 -6.73
C GLU A 34 1.63 9.66 -5.39
N ARG A 35 1.59 10.57 -4.41
CA ARG A 35 1.08 10.29 -3.04
C ARG A 35 -0.37 9.76 -3.01
N LEU A 36 -0.71 8.98 -1.97
CA LEU A 36 -2.09 8.54 -1.69
C LEU A 36 -2.78 9.51 -0.71
N ALA A 37 -4.11 9.51 -0.71
CA ALA A 37 -4.95 10.42 0.10
C ALA A 37 -6.01 9.64 0.88
N SER A 38 -6.09 9.88 2.20
CA SER A 38 -7.06 9.21 3.11
C SER A 38 -8.53 9.61 2.74
N GLN A 39 -9.13 8.84 1.82
CA GLN A 39 -10.50 9.04 1.33
C GLN A 39 -11.33 7.73 1.49
N GLY A 40 -12.56 7.71 0.90
CA GLY A 40 -13.42 6.51 0.92
C GLY A 40 -12.88 5.35 0.08
N ARG A 41 -12.21 5.71 -1.03
CA ARG A 41 -11.49 4.74 -1.89
C ARG A 41 -10.19 4.25 -1.18
N VAL A 42 -9.30 5.22 -0.89
CA VAL A 42 -7.96 4.96 -0.33
C VAL A 42 -7.93 5.23 1.20
N GLN A 43 -8.19 4.18 1.98
CA GLN A 43 -8.32 4.28 3.45
C GLN A 43 -7.00 3.87 4.16
N LEU A 44 -6.38 4.83 4.87
CA LEU A 44 -5.14 4.59 5.64
C LEU A 44 -5.46 4.27 7.11
N GLU A 45 -4.82 3.22 7.66
CA GLU A 45 -5.01 2.79 9.07
C GLU A 45 -3.61 2.77 9.76
N GLN A 46 -3.34 3.79 10.58
CA GLN A 46 -2.04 3.98 11.25
C GLN A 46 -1.97 3.18 12.57
N ALA A 47 -0.98 2.29 12.69
CA ALA A 47 -0.63 1.60 13.94
C ALA A 47 0.89 1.68 14.21
N GLY A 48 1.31 1.28 15.43
CA GLY A 48 2.73 1.19 15.79
C GLY A 48 3.45 0.09 15.00
N ALA A 49 4.37 0.52 14.11
CA ALA A 49 5.09 -0.36 13.13
C ALA A 49 4.19 -0.79 11.94
N ARG A 50 3.02 -1.39 12.24
CA ARG A 50 2.03 -1.81 11.24
C ARG A 50 1.38 -0.60 10.51
N GLN A 51 1.68 -0.47 9.21
CA GLN A 51 1.07 0.57 8.33
C GLN A 51 0.09 -0.11 7.36
N VAL A 52 -1.09 0.49 7.14
CA VAL A 52 -2.13 -0.11 6.26
C VAL A 52 -2.59 0.88 5.16
N LEU A 53 -2.48 0.44 3.89
CA LEU A 53 -3.01 1.15 2.69
C LEU A 53 -4.16 0.30 2.09
N ARG A 54 -5.40 0.82 2.10
CA ARG A 54 -6.56 0.10 1.56
C ARG A 54 -7.12 0.79 0.29
N VAL A 55 -6.88 0.18 -0.89
CA VAL A 55 -7.48 0.65 -2.17
C VAL A 55 -8.73 -0.22 -2.49
N GLN A 56 -9.91 0.27 -2.10
CA GLN A 56 -11.20 -0.34 -2.49
C GLN A 56 -11.44 -0.06 -3.99
N GLY A 57 -11.18 -1.08 -4.82
CA GLY A 57 -11.23 -0.94 -6.29
C GLY A 57 -10.12 -1.72 -6.99
N ALA A 58 -9.42 -2.62 -6.25
CA ALA A 58 -8.34 -3.49 -6.81
C ALA A 58 -8.89 -4.42 -7.90
N ARG A 59 -8.67 -4.05 -9.17
CA ARG A 59 -9.30 -4.72 -10.33
C ARG A 59 -8.52 -4.48 -11.65
N SER A 60 -8.16 -3.21 -11.95
CA SER A 60 -7.46 -2.85 -13.22
C SER A 60 -6.01 -2.37 -12.97
N GLY A 61 -5.79 -1.03 -12.93
CA GLY A 61 -4.43 -0.45 -12.82
C GLY A 61 -3.94 -0.33 -11.37
N ASP A 62 -4.53 -1.13 -10.48
CA ASP A 62 -4.17 -1.18 -9.05
C ASP A 62 -2.94 -2.08 -8.81
N ALA A 63 -2.59 -2.89 -9.84
CA ALA A 63 -1.34 -3.65 -9.88
C ALA A 63 -0.17 -2.72 -10.24
N GLY A 64 0.64 -2.35 -9.25
CA GLY A 64 1.74 -1.41 -9.45
C GLY A 64 2.62 -1.23 -8.22
N GLU A 65 3.57 -0.30 -8.31
CA GLU A 65 4.52 0.00 -7.23
C GLU A 65 3.92 1.00 -6.21
N TYR A 66 3.72 0.54 -4.96
CA TYR A 66 3.31 1.39 -3.82
C TYR A 66 4.51 1.62 -2.88
N LEU A 67 5.01 2.85 -2.81
CA LEU A 67 6.25 3.18 -2.12
C LEU A 67 5.95 3.58 -0.65
N CYS A 68 6.31 2.69 0.27
CA CYS A 68 6.42 3.02 1.70
C CYS A 68 7.68 3.87 1.92
N ASP A 69 7.54 5.21 1.84
CA ASP A 69 8.63 6.19 2.05
C ASP A 69 9.36 5.93 3.39
N ALA A 70 8.57 5.74 4.48
CA ALA A 70 9.04 5.24 5.79
C ALA A 70 9.99 6.20 6.56
N PRO A 71 9.74 6.44 7.91
CA PRO A 71 10.64 7.28 8.75
C PRO A 71 11.93 6.54 9.22
N GLN A 72 12.52 5.71 8.32
CA GLN A 72 13.80 4.99 8.58
C GLN A 72 14.44 4.49 7.26
N ASP A 73 13.70 3.62 6.52
CA ASP A 73 14.19 3.03 5.25
C ASP A 73 12.98 2.60 4.36
N SER A 74 12.98 3.07 3.09
CA SER A 74 11.85 2.90 2.15
C SER A 74 11.71 1.45 1.60
N ARG A 75 10.46 0.96 1.52
CA ARG A 75 10.12 -0.37 0.92
C ARG A 75 9.01 -0.23 -0.14
N ILE A 76 9.25 -0.75 -1.35
CA ILE A 76 8.25 -0.75 -2.44
C ILE A 76 7.37 -2.02 -2.35
N PHE A 77 6.06 -1.86 -2.64
CA PHE A 77 5.08 -2.95 -2.71
C PHE A 77 4.82 -3.32 -4.17
N LEU A 78 5.28 -4.51 -4.59
CA LEU A 78 4.98 -5.05 -5.92
C LEU A 78 3.64 -5.80 -5.85
N VAL A 79 2.54 -5.08 -6.13
CA VAL A 79 1.18 -5.62 -6.06
C VAL A 79 0.77 -6.24 -7.41
N SER A 80 0.38 -7.51 -7.37
CA SER A 80 -0.14 -8.25 -8.54
C SER A 80 -1.66 -8.48 -8.38
N VAL A 81 -2.45 -7.74 -9.16
CA VAL A 81 -3.92 -7.94 -9.23
C VAL A 81 -4.23 -8.89 -10.41
N GLU A 82 -4.59 -10.14 -10.07
CA GLU A 82 -4.69 -11.26 -11.02
C GLU A 82 -5.50 -12.43 -10.42
N GLU A 83 -5.73 -13.49 -11.22
CA GLU A 83 -6.47 -14.71 -10.81
C GLU A 83 -7.93 -14.37 -10.36
N PRO A 84 -8.91 -14.27 -11.30
CA PRO A 84 -10.35 -13.99 -10.98
C PRO A 84 -10.97 -14.99 -9.95
N MET A 3 12.21 -6.20 -1.42
CA MET A 3 10.93 -5.45 -1.39
C MET A 3 9.79 -6.31 -0.81
N THR A 4 8.63 -5.70 -0.62
CA THR A 4 7.36 -6.37 -0.24
C THR A 4 6.56 -6.75 -1.51
N ARG A 5 5.92 -7.94 -1.52
CA ARG A 5 5.10 -8.41 -2.67
C ARG A 5 3.74 -8.96 -2.18
N VAL A 6 2.63 -8.30 -2.60
CA VAL A 6 1.25 -8.65 -2.17
C VAL A 6 0.30 -8.80 -3.41
N ARG A 7 -0.70 -9.71 -3.30
CA ARG A 7 -1.69 -10.00 -4.38
C ARG A 7 -3.15 -9.82 -3.89
N SER A 8 -4.02 -9.37 -4.82
CA SER A 8 -5.50 -9.32 -4.63
C SER A 8 -6.22 -9.73 -5.93
N THR A 9 -7.52 -10.05 -5.83
CA THR A 9 -8.38 -10.38 -7.00
C THR A 9 -9.14 -9.13 -7.52
N PRO A 10 -9.35 -9.03 -8.89
CA PRO A 10 -10.07 -7.89 -9.52
C PRO A 10 -11.59 -7.83 -9.16
N GLY A 11 -12.05 -6.64 -8.74
CA GLY A 11 -13.45 -6.43 -8.34
C GLY A 11 -13.64 -6.25 -6.84
N GLY A 12 -12.64 -6.69 -6.04
CA GLY A 12 -12.66 -6.49 -4.57
C GLY A 12 -11.83 -5.26 -4.14
N ASP A 13 -10.91 -5.46 -3.18
CA ASP A 13 -9.98 -4.40 -2.73
C ASP A 13 -8.56 -4.97 -2.48
N LEU A 14 -7.56 -4.09 -2.57
CA LEU A 14 -6.16 -4.38 -2.18
C LEU A 14 -6.00 -4.20 -0.64
N GLU A 15 -5.04 -4.91 -0.02
CA GLU A 15 -4.69 -4.74 1.40
C GLU A 15 -3.17 -4.93 1.62
N LEU A 16 -2.46 -3.82 1.88
CA LEU A 16 -0.99 -3.83 2.12
C LEU A 16 -0.71 -3.62 3.62
N VAL A 17 -0.39 -4.69 4.35
CA VAL A 17 -0.01 -4.62 5.78
C VAL A 17 1.52 -4.61 5.89
N VAL A 18 2.07 -3.59 6.58
CA VAL A 18 3.53 -3.32 6.62
C VAL A 18 4.12 -3.57 8.02
N HIS A 19 5.35 -4.11 8.06
CA HIS A 19 6.16 -4.24 9.29
C HIS A 19 7.64 -3.88 9.00
N LEU A 20 7.84 -2.74 8.28
CA LEU A 20 9.18 -2.12 8.08
C LEU A 20 9.89 -1.77 9.42
N SER A 21 11.24 -1.79 9.38
CA SER A 21 12.10 -1.46 10.55
C SER A 21 12.48 0.04 10.58
N GLY A 22 11.95 0.83 9.62
CA GLY A 22 12.25 2.27 9.51
C GLY A 22 11.60 3.12 10.62
N PRO A 23 12.41 3.80 11.50
CA PRO A 23 11.88 4.75 12.51
C PRO A 23 11.15 5.95 11.86
N GLY A 24 9.81 6.01 12.05
CA GLY A 24 8.98 7.11 11.53
C GLY A 24 7.50 6.91 11.81
N GLY A 25 6.81 7.99 12.21
CA GLY A 25 5.39 7.94 12.59
C GLY A 25 4.66 9.26 12.31
N PRO A 26 3.69 9.33 11.34
CA PRO A 26 3.32 8.20 10.44
C PRO A 26 4.27 8.03 9.22
N VAL A 27 4.20 6.84 8.61
CA VAL A 27 4.91 6.52 7.36
C VAL A 27 4.02 6.93 6.15
N ARG A 28 4.64 7.27 5.01
CA ARG A 28 3.92 7.83 3.83
C ARG A 28 3.54 6.70 2.85
N TRP A 29 2.63 7.02 1.93
CA TRP A 29 2.15 6.07 0.88
C TRP A 29 2.14 6.74 -0.49
N TYR A 30 2.78 6.09 -1.50
CA TYR A 30 2.85 6.58 -2.89
C TYR A 30 2.48 5.45 -3.89
N LYS A 31 1.51 5.70 -4.79
CA LYS A 31 1.20 4.81 -5.93
C LYS A 31 1.54 5.54 -7.25
N ASP A 32 2.25 4.83 -8.16
CA ASP A 32 2.82 5.43 -9.41
C ASP A 32 3.89 6.51 -9.05
N GLY A 33 4.44 6.40 -7.82
CA GLY A 33 5.36 7.40 -7.26
C GLY A 33 4.66 8.62 -6.63
N GLU A 34 3.32 8.73 -6.77
CA GLU A 34 2.53 9.88 -6.26
C GLU A 34 1.72 9.50 -5.01
N ARG A 35 1.72 10.38 -4.01
CA ARG A 35 1.11 10.11 -2.68
C ARG A 35 -0.40 9.81 -2.75
N LEU A 36 -0.88 8.95 -1.83
CA LEU A 36 -2.31 8.61 -1.70
C LEU A 36 -2.95 9.41 -0.55
N ALA A 37 -4.04 10.14 -0.85
CA ALA A 37 -4.85 10.86 0.14
C ALA A 37 -5.88 9.90 0.78
N SER A 38 -6.09 10.00 2.10
CA SER A 38 -7.08 9.15 2.84
C SER A 38 -8.54 9.43 2.36
N GLN A 39 -8.99 8.64 1.37
CA GLN A 39 -10.31 8.81 0.72
C GLN A 39 -11.27 7.64 1.05
N GLY A 40 -12.43 7.61 0.36
CA GLY A 40 -13.40 6.51 0.49
C GLY A 40 -12.84 5.17 0.00
N ARG A 41 -12.17 5.20 -1.16
CA ARG A 41 -11.43 4.05 -1.71
C ARG A 41 -10.12 3.82 -0.92
N VAL A 42 -9.31 4.88 -0.80
CA VAL A 42 -7.97 4.81 -0.15
C VAL A 42 -8.08 4.82 1.40
N GLN A 43 -8.08 3.61 1.99
CA GLN A 43 -8.13 3.41 3.45
C GLN A 43 -6.69 3.35 4.03
N LEU A 44 -6.22 4.47 4.62
CA LEU A 44 -4.87 4.55 5.22
C LEU A 44 -4.91 4.33 6.76
N GLU A 45 -4.00 3.47 7.26
CA GLU A 45 -3.77 3.25 8.70
C GLU A 45 -2.42 3.89 9.13
N GLN A 46 -2.47 4.68 10.23
CA GLN A 46 -1.25 5.29 10.82
C GLN A 46 -0.82 4.52 12.10
N ALA A 47 0.51 4.38 12.26
CA ALA A 47 1.15 3.84 13.48
C ALA A 47 2.68 4.00 13.37
N GLY A 48 3.21 3.57 12.21
CA GLY A 48 4.65 3.63 11.93
C GLY A 48 5.20 2.23 11.62
N ALA A 49 5.31 1.41 12.68
CA ALA A 49 5.75 0.00 12.58
C ALA A 49 4.68 -0.91 11.92
N ARG A 50 3.42 -0.42 11.89
CA ARG A 50 2.29 -1.11 11.21
C ARG A 50 1.47 -0.09 10.39
N GLN A 51 1.59 -0.17 9.05
CA GLN A 51 0.78 0.65 8.11
C GLN A 51 -0.13 -0.28 7.28
N VAL A 52 -1.37 0.15 6.97
CA VAL A 52 -2.28 -0.61 6.07
C VAL A 52 -2.92 0.34 5.04
N LEU A 53 -2.58 0.14 3.76
CA LEU A 53 -3.22 0.80 2.61
C LEU A 53 -4.15 -0.19 1.90
N ARG A 54 -5.46 0.12 1.90
CA ARG A 54 -6.46 -0.67 1.19
C ARG A 54 -7.11 0.17 0.08
N VAL A 55 -6.87 -0.21 -1.20
CA VAL A 55 -7.53 0.45 -2.35
C VAL A 55 -8.83 -0.30 -2.72
N GLN A 56 -9.98 0.27 -2.31
CA GLN A 56 -11.31 -0.26 -2.67
C GLN A 56 -11.52 -0.08 -4.21
N GLY A 57 -11.66 -1.20 -4.92
CA GLY A 57 -11.73 -1.20 -6.39
C GLY A 57 -10.40 -1.57 -7.04
N ALA A 58 -9.75 -2.62 -6.50
CA ALA A 58 -8.52 -3.18 -7.09
C ALA A 58 -8.86 -4.01 -8.36
N ARG A 59 -8.35 -3.61 -9.54
CA ARG A 59 -8.66 -4.28 -10.83
C ARG A 59 -7.58 -4.00 -11.90
N SER A 60 -6.81 -5.05 -12.29
CA SER A 60 -5.79 -5.02 -13.39
C SER A 60 -4.73 -3.89 -13.23
N GLY A 61 -5.09 -2.64 -13.61
CA GLY A 61 -4.18 -1.48 -13.54
C GLY A 61 -3.78 -1.06 -12.11
N ASP A 62 -4.48 -1.60 -11.09
CA ASP A 62 -4.12 -1.42 -9.66
C ASP A 62 -2.76 -2.12 -9.34
N ALA A 63 -2.42 -3.15 -10.14
CA ALA A 63 -1.15 -3.88 -10.04
C ALA A 63 0.02 -2.98 -10.44
N GLY A 64 0.72 -2.45 -9.44
CA GLY A 64 1.80 -1.49 -9.67
C GLY A 64 2.71 -1.30 -8.45
N GLU A 65 3.63 -0.34 -8.55
CA GLU A 65 4.59 -0.03 -7.49
C GLU A 65 4.00 0.96 -6.46
N TYR A 66 3.76 0.44 -5.25
CA TYR A 66 3.39 1.23 -4.07
C TYR A 66 4.65 1.51 -3.23
N LEU A 67 4.63 2.57 -2.42
CA LEU A 67 5.82 3.04 -1.68
C LEU A 67 5.44 3.48 -0.25
N CYS A 68 5.70 2.61 0.73
CA CYS A 68 5.55 2.92 2.17
C CYS A 68 6.86 3.60 2.67
N ASP A 69 6.89 4.94 2.58
CA ASP A 69 8.13 5.74 2.76
C ASP A 69 8.21 6.39 4.18
N ALA A 70 8.99 5.77 5.08
CA ALA A 70 9.35 6.35 6.39
C ALA A 70 10.58 7.31 6.23
N PRO A 71 10.78 8.33 7.15
CA PRO A 71 11.94 9.29 7.07
C PRO A 71 13.36 8.64 7.13
N GLN A 72 13.44 7.31 7.30
CA GLN A 72 14.72 6.54 7.35
C GLN A 72 14.73 5.39 6.30
N ASP A 73 13.61 4.64 6.19
CA ASP A 73 13.52 3.47 5.29
C ASP A 73 12.20 3.50 4.47
N SER A 74 12.23 2.96 3.25
CA SER A 74 11.06 2.86 2.36
C SER A 74 10.90 1.42 1.82
N ARG A 75 9.65 0.90 1.87
CA ARG A 75 9.31 -0.43 1.30
C ARG A 75 8.48 -0.24 0.02
N ILE A 76 8.94 -0.83 -1.09
CA ILE A 76 8.18 -0.83 -2.36
C ILE A 76 7.31 -2.12 -2.41
N PHE A 77 6.00 -1.94 -2.63
CA PHE A 77 5.04 -3.06 -2.74
C PHE A 77 4.78 -3.35 -4.22
N LEU A 78 5.43 -4.42 -4.71
CA LEU A 78 5.20 -4.95 -6.05
C LEU A 78 3.89 -5.76 -6.02
N VAL A 79 2.79 -5.07 -6.37
CA VAL A 79 1.44 -5.63 -6.32
C VAL A 79 1.04 -6.21 -7.68
N SER A 80 0.37 -7.37 -7.66
CA SER A 80 -0.23 -7.97 -8.87
C SER A 80 -1.68 -8.39 -8.58
N VAL A 81 -2.63 -7.62 -9.14
CA VAL A 81 -4.07 -7.89 -9.04
C VAL A 81 -4.49 -8.81 -10.21
N GLU A 82 -4.76 -10.07 -9.89
CA GLU A 82 -4.92 -11.16 -10.89
C GLU A 82 -5.93 -12.22 -10.40
N GLU A 83 -6.15 -13.25 -11.24
CA GLU A 83 -7.18 -14.30 -11.02
C GLU A 83 -8.61 -13.68 -11.07
N PRO A 84 -9.24 -13.57 -12.29
CA PRO A 84 -10.57 -12.90 -12.52
C PRO A 84 -11.68 -13.23 -11.47
#